data_2AQ7
#
_entry.id   2AQ7
#
_cell.length_a   59.118
_cell.length_b   138.997
_cell.length_c   212.458
_cell.angle_alpha   90.00
_cell.angle_beta   90.00
_cell.angle_gamma   90.00
#
_symmetry.space_group_name_H-M   'P 21 21 21'
#
loop_
_entity.id
_entity.type
_entity.pdbx_description
1 polymer '3-oxoacyl-[acyl-carrier-protein] synthase I'
2 non-polymer (5R)-4-HYDROXY-3,5-DIMETHYL-5-[(1E,3E)-2-METHYLPENTA-1,3-DIENYL]THIOPHEN-2(5H)-ONE
3 water water
#
_entity_poly.entity_id   1
_entity_poly.type   'polypeptide(L)'
_entity_poly.pdbx_seq_one_letter_code
;MKRAVITGLGIVSSIGNNQQEVLASLREGRSGITFSQELKDSGMRSHVWGNVKLDTTGLIDRKVVRFMSDASIYAFLSME
QAIADAGLSPEAYQNNPRVGLIAGSGGGSPRFQVFGADAMRGPRGLKAVGPYVVTKAMASGVSACLATPFKIHGVNYSIS
SACATSAHCIGNAVEQIQLGKQDIVFAGGGEELCWEMACEFDAMGALSTKYNDTPEKASRTYDAHRDGFVIAGGGGMVVV
EELEHALARGAHIYAEIVGYGATSDGADMVAPSGEGAVRCMKMAMHGVDTPIDYLNSHGTSTPVGDVKELAAIREVFGDK
SPAISATKAMTGHSLGAAGVQEAIYSLLMLEHGFIAPSINIEELDEQAAGLNIVTETTDRELTTVMSNSFGFGGTNATLV
MRKLKD
;
_entity_poly.pdbx_strand_id   A,B,C,D
#
loop_
_chem_comp.id
_chem_comp.type
_chem_comp.name
_chem_comp.formula
TL5 non-polymer (5R)-4-HYDROXY-3,5-DIMETHYL-5-[(1E,3E)-2-METHYLPENTA-1,3-DIENYL]THIOPHEN-2(5H)-ONE 'C12 H16 O2 S'
#
# COMPACT_ATOMS: atom_id res chain seq x y z
N MET A 1 20.33 -19.32 -44.51
CA MET A 1 19.74 -18.70 -43.28
C MET A 1 20.40 -17.37 -42.95
N LYS A 2 19.58 -16.43 -42.47
CA LYS A 2 20.04 -15.11 -42.09
C LYS A 2 20.54 -15.09 -40.65
N ARG A 3 21.38 -14.09 -40.35
CA ARG A 3 21.95 -13.94 -39.02
C ARG A 3 21.17 -12.90 -38.21
N ALA A 4 21.09 -13.15 -36.90
CA ALA A 4 20.29 -12.31 -36.00
C ALA A 4 21.17 -11.69 -34.92
N VAL A 5 20.97 -10.39 -34.69
CA VAL A 5 21.76 -9.63 -33.72
C VAL A 5 20.84 -8.87 -32.76
N ILE A 6 21.34 -8.56 -31.57
CA ILE A 6 20.60 -7.72 -30.59
C ILE A 6 21.07 -6.26 -30.72
N THR A 7 20.15 -5.38 -31.09
CA THR A 7 20.46 -3.98 -31.38
C THR A 7 19.85 -3.00 -30.38
N GLY A 8 19.32 -3.52 -29.27
CA GLY A 8 18.71 -2.70 -28.25
C GLY A 8 18.16 -3.55 -27.14
N LEU A 9 18.05 -2.96 -25.95
CA LEU A 9 17.51 -3.67 -24.80
C LEU A 9 16.88 -2.75 -23.79
N GLY A 10 16.04 -3.34 -22.96
CA GLY A 10 15.34 -2.63 -21.91
C GLY A 10 14.93 -3.58 -20.82
N ILE A 11 14.86 -3.08 -19.59
CA ILE A 11 14.70 -3.94 -18.44
C ILE A 11 14.11 -3.20 -17.23
N VAL A 12 13.20 -3.88 -16.54
CA VAL A 12 12.69 -3.43 -15.25
C VAL A 12 12.80 -4.62 -14.30
N SER A 13 13.75 -4.55 -13.37
CA SER A 13 13.99 -5.67 -12.45
C SER A 13 14.24 -5.24 -11.01
N SER A 14 14.33 -6.26 -10.16
CA SER A 14 14.62 -6.10 -8.74
C SER A 14 15.92 -5.35 -8.48
N ILE A 15 16.88 -5.45 -9.40
CA ILE A 15 18.17 -4.78 -9.25
C ILE A 15 18.37 -3.55 -10.16
N GLY A 16 17.30 -3.06 -10.79
CA GLY A 16 17.38 -1.83 -11.60
C GLY A 16 16.20 -1.58 -12.54
N ASN A 17 15.85 -0.30 -12.71
CA ASN A 17 14.70 0.09 -13.54
C ASN A 17 15.09 0.45 -14.97
N ASN A 18 16.38 0.32 -15.27
CA ASN A 18 16.88 0.46 -16.63
C ASN A 18 18.24 -0.23 -16.70
N GLN A 19 18.85 -0.25 -17.87
CA GLN A 19 20.11 -0.97 -18.03
C GLN A 19 21.26 -0.36 -17.22
N GLN A 20 21.21 0.94 -16.99
CA GLN A 20 22.28 1.61 -16.23
C GLN A 20 22.22 1.21 -14.75
N GLU A 21 21.05 1.31 -14.13
CA GLU A 21 20.86 0.86 -12.75
C GLU A 21 21.24 -0.62 -12.57
N VAL A 22 20.88 -1.46 -13.54
CA VAL A 22 21.17 -2.90 -13.48
C VAL A 22 22.67 -3.18 -13.59
N LEU A 23 23.35 -2.44 -14.46
CA LEU A 23 24.81 -2.57 -14.62
C LEU A 23 25.52 -2.34 -13.28
N ALA A 24 25.10 -1.28 -12.60
CA ALA A 24 25.64 -0.89 -11.30
C ALA A 24 25.44 -1.97 -10.24
N SER A 25 24.23 -2.53 -10.20
CA SER A 25 23.90 -3.58 -9.25
C SER A 25 24.72 -4.86 -9.49
N LEU A 26 24.87 -5.24 -10.76
CA LEU A 26 25.62 -6.44 -11.14
C LEU A 26 27.10 -6.35 -10.76
N ARG A 27 27.72 -5.21 -11.01
CA ARG A 27 29.14 -5.00 -10.70
C ARG A 27 29.37 -4.95 -9.20
N GLU A 28 28.38 -4.44 -8.46
CA GLU A 28 28.44 -4.31 -7.00
C GLU A 28 27.99 -5.58 -6.27
N GLY A 29 27.35 -6.51 -6.98
CA GLY A 29 26.70 -7.66 -6.34
C GLY A 29 25.53 -7.27 -5.45
N ARG A 30 24.84 -6.19 -5.81
CA ARG A 30 23.71 -5.70 -4.99
C ARG A 30 22.49 -6.62 -5.10
N SER A 31 21.91 -6.97 -3.96
CA SER A 31 20.69 -7.78 -3.91
C SER A 31 19.47 -6.91 -4.17
N GLY A 32 18.48 -7.47 -4.87
CA GLY A 32 17.20 -6.80 -5.07
C GLY A 32 16.09 -7.37 -4.18
N ILE A 33 16.47 -8.20 -3.22
CA ILE A 33 15.50 -8.94 -2.41
C ILE A 33 15.16 -8.18 -1.13
N THR A 34 13.86 -8.03 -0.86
CA THR A 34 13.36 -7.33 0.32
C THR A 34 12.31 -8.16 1.04
N PHE A 35 12.07 -7.83 2.32
CA PHE A 35 10.96 -8.41 3.06
C PHE A 35 9.63 -7.94 2.45
N SER A 36 8.67 -8.85 2.40
CA SER A 36 7.35 -8.58 1.84
C SER A 36 6.23 -8.76 2.86
N GLN A 37 5.61 -7.66 3.27
CA GLN A 37 4.46 -7.74 4.17
C GLN A 37 3.28 -8.40 3.49
N GLU A 38 3.09 -8.15 2.20
CA GLU A 38 2.01 -8.77 1.42
C GLU A 38 2.07 -10.29 1.49
N LEU A 39 3.27 -10.85 1.30
CA LEU A 39 3.47 -12.29 1.35
C LEU A 39 3.18 -12.86 2.74
N LYS A 40 3.86 -12.33 3.76
CA LYS A 40 3.60 -12.71 5.15
C LYS A 40 2.10 -12.67 5.49
N ASP A 41 1.46 -11.53 5.19
CA ASP A 41 0.03 -11.37 5.44
C ASP A 41 -0.86 -12.41 4.76
N SER A 42 -0.47 -12.86 3.56
CA SER A 42 -1.23 -13.89 2.85
C SER A 42 -1.25 -15.24 3.60
N GLY A 43 -0.31 -15.42 4.52
CA GLY A 43 -0.22 -16.66 5.30
C GLY A 43 0.86 -17.57 4.73
N MET A 44 1.71 -17.03 3.87
CA MET A 44 2.80 -17.81 3.29
C MET A 44 3.92 -18.01 4.30
N ARG A 45 4.81 -18.93 3.98
CA ARG A 45 6.01 -19.21 4.77
C ARG A 45 7.22 -18.48 4.21
N SER A 46 7.24 -18.23 2.91
CA SER A 46 8.25 -17.37 2.28
C SER A 46 7.81 -15.92 2.40
N HIS A 47 8.64 -15.08 3.02
CA HIS A 47 8.31 -13.67 3.24
C HIS A 47 9.26 -12.72 2.52
N VAL A 48 9.95 -13.20 1.50
CA VAL A 48 10.93 -12.39 0.76
C VAL A 48 10.62 -12.40 -0.73
N TRP A 49 11.06 -11.34 -1.42
CA TRP A 49 10.86 -11.28 -2.86
C TRP A 49 11.78 -10.30 -3.58
N GLY A 50 11.93 -10.53 -4.88
CA GLY A 50 12.66 -9.64 -5.77
C GLY A 50 11.68 -8.70 -6.43
N ASN A 51 11.38 -7.62 -5.72
CA ASN A 51 10.33 -6.68 -6.12
C ASN A 51 10.87 -5.55 -6.99
N VAL A 52 10.02 -5.08 -7.91
CA VAL A 52 10.32 -3.91 -8.72
C VAL A 52 10.07 -2.67 -7.87
N LYS A 53 11.04 -1.76 -7.86
CA LYS A 53 10.98 -0.55 -7.03
C LYS A 53 10.75 0.64 -7.96
N LEU A 54 9.53 0.76 -8.46
CA LEU A 54 9.18 1.82 -9.40
C LEU A 54 7.72 2.20 -9.21
N ASP A 55 7.47 3.50 -9.12
CA ASP A 55 6.10 4.03 -9.15
C ASP A 55 5.72 4.16 -10.62
N THR A 56 4.86 3.25 -11.09
CA THR A 56 4.50 3.21 -12.52
C THR A 56 3.33 4.13 -12.87
N THR A 57 2.82 4.86 -11.88
CA THR A 57 1.72 5.80 -12.07
C THR A 57 2.15 6.89 -13.06
N GLY A 58 1.37 7.09 -14.10
CA GLY A 58 1.63 8.17 -15.06
C GLY A 58 2.53 7.82 -16.23
N LEU A 59 3.16 6.65 -16.18
CA LEU A 59 4.16 6.27 -17.17
C LEU A 59 3.57 5.71 -18.47
N ILE A 60 2.38 5.13 -18.40
CA ILE A 60 1.67 4.63 -19.58
C ILE A 60 0.35 5.38 -19.69
N ASP A 61 -0.01 5.76 -20.92
CA ASP A 61 -1.25 6.50 -21.17
C ASP A 61 -2.47 5.75 -20.64
N ARG A 62 -3.37 6.51 -20.02
CA ARG A 62 -4.59 6.01 -19.37
C ARG A 62 -5.37 4.98 -20.20
N LYS A 63 -5.57 5.26 -21.48
CA LYS A 63 -6.35 4.37 -22.36
C LYS A 63 -5.58 3.10 -22.78
N VAL A 64 -4.27 3.08 -22.57
CA VAL A 64 -3.45 1.90 -22.86
C VAL A 64 -3.32 1.00 -21.62
N VAL A 65 -3.03 1.63 -20.48
CA VAL A 65 -2.71 0.91 -19.26
C VAL A 65 -3.94 0.19 -18.68
N ARG A 66 -5.13 0.66 -19.03
CA ARG A 66 -6.39 0.09 -18.55
C ARG A 66 -6.63 -1.37 -18.95
N PHE A 67 -6.00 -1.81 -20.04
CA PHE A 67 -6.07 -3.21 -20.48
C PHE A 67 -5.02 -4.09 -19.84
N MET A 68 -4.08 -3.48 -19.11
CA MET A 68 -2.83 -4.13 -18.71
C MET A 68 -2.80 -4.60 -17.27
N SER A 69 -2.23 -5.79 -17.09
CA SER A 69 -1.76 -6.27 -15.80
C SER A 69 -0.30 -5.84 -15.62
N ASP A 70 0.27 -6.13 -14.45
CA ASP A 70 1.64 -5.73 -14.14
C ASP A 70 2.69 -6.32 -15.07
N ALA A 71 2.53 -7.58 -15.46
CA ALA A 71 3.45 -8.21 -16.40
C ALA A 71 3.51 -7.42 -17.71
N SER A 72 2.36 -6.94 -18.18
CA SER A 72 2.28 -6.15 -19.40
C SER A 72 2.93 -4.79 -19.22
N ILE A 73 2.68 -4.16 -18.07
CA ILE A 73 3.25 -2.88 -17.72
C ILE A 73 4.78 -2.95 -17.73
N TYR A 74 5.32 -3.96 -17.06
CA TYR A 74 6.78 -4.11 -16.98
C TYR A 74 7.38 -4.36 -18.35
N ALA A 75 6.73 -5.22 -19.14
CA ALA A 75 7.14 -5.49 -20.50
C ALA A 75 7.06 -4.24 -21.39
N PHE A 76 5.97 -3.50 -21.25
CA PHE A 76 5.74 -2.29 -22.04
C PHE A 76 6.85 -1.26 -21.79
N LEU A 77 7.10 -0.96 -20.52
CA LEU A 77 8.18 -0.03 -20.14
C LEU A 77 9.55 -0.51 -20.62
N SER A 78 9.82 -1.82 -20.50
CA SER A 78 11.05 -2.40 -21.02
C SER A 78 11.15 -2.21 -22.52
N MET A 79 10.01 -2.30 -23.21
CA MET A 79 9.98 -2.15 -24.66
C MET A 79 10.22 -0.70 -25.10
N GLU A 80 9.69 0.29 -24.38
CA GLU A 80 10.02 1.69 -24.66
C GLU A 80 11.53 1.92 -24.61
N GLN A 81 12.14 1.45 -23.53
CA GLN A 81 13.59 1.50 -23.36
C GLN A 81 14.34 0.86 -24.50
N ALA A 82 13.86 -0.30 -24.93
CA ALA A 82 14.51 -1.07 -25.99
C ALA A 82 14.41 -0.35 -27.34
N ILE A 83 13.26 0.27 -27.60
CA ILE A 83 13.01 1.01 -28.84
C ILE A 83 14.00 2.19 -28.92
N ALA A 84 14.08 2.95 -27.84
CA ALA A 84 14.98 4.11 -27.74
C ALA A 84 16.43 3.69 -27.79
N ASP A 85 16.80 2.69 -27.00
CA ASP A 85 18.16 2.16 -27.00
C ASP A 85 18.58 1.65 -28.38
N ALA A 86 17.60 1.21 -29.17
CA ALA A 86 17.87 0.71 -30.52
C ALA A 86 17.97 1.82 -31.57
N GLY A 87 17.57 3.04 -31.22
CA GLY A 87 17.63 4.15 -32.16
C GLY A 87 16.49 4.09 -33.17
N LEU A 88 15.41 3.43 -32.78
CA LEU A 88 14.26 3.21 -33.66
C LEU A 88 13.18 4.25 -33.39
N SER A 89 12.61 4.78 -34.48
CA SER A 89 11.52 5.75 -34.44
C SER A 89 10.28 5.13 -35.08
N PRO A 90 9.07 5.62 -34.72
CA PRO A 90 7.81 5.06 -35.23
C PRO A 90 7.76 4.78 -36.73
N GLU A 91 8.21 5.75 -37.52
CA GLU A 91 8.24 5.58 -38.98
C GLU A 91 8.98 4.30 -39.44
N ALA A 92 9.85 3.77 -38.59
CA ALA A 92 10.64 2.57 -38.93
C ALA A 92 10.02 1.25 -38.45
N TYR A 93 9.38 1.26 -37.28
CA TYR A 93 8.89 0.00 -36.67
C TYR A 93 7.36 -0.14 -36.63
N GLN A 94 6.65 0.98 -36.68
CA GLN A 94 5.18 0.98 -36.62
C GLN A 94 4.55 0.80 -37.99
N ASN A 95 3.46 0.03 -38.04
CA ASN A 95 2.72 -0.24 -39.27
C ASN A 95 3.59 -0.88 -40.35
N ASN A 96 4.48 -1.77 -39.90
CA ASN A 96 5.48 -2.42 -40.73
C ASN A 96 5.35 -3.94 -40.65
N PRO A 97 4.85 -4.58 -41.73
CA PRO A 97 4.66 -6.04 -41.79
C PRO A 97 5.89 -6.86 -41.42
N ARG A 98 7.08 -6.30 -41.61
CA ARG A 98 8.33 -7.00 -41.37
C ARG A 98 8.92 -6.75 -39.98
N VAL A 99 8.10 -6.21 -39.08
CA VAL A 99 8.48 -5.96 -37.71
C VAL A 99 7.43 -6.63 -36.80
N GLY A 100 7.89 -7.54 -35.94
CA GLY A 100 6.98 -8.27 -35.05
C GLY A 100 7.34 -8.20 -33.58
N LEU A 101 6.58 -8.95 -32.79
CA LEU A 101 6.72 -8.99 -31.33
C LEU A 101 6.41 -10.39 -30.81
N ILE A 102 7.32 -10.96 -30.03
CA ILE A 102 7.10 -12.26 -29.41
C ILE A 102 7.50 -12.13 -27.94
N ALA A 103 6.49 -12.10 -27.07
CA ALA A 103 6.74 -11.90 -25.64
C ALA A 103 5.62 -12.50 -24.80
N GLY A 104 5.99 -13.06 -23.65
CA GLY A 104 5.01 -13.71 -22.78
C GLY A 104 5.30 -13.63 -21.30
N SER A 105 4.43 -14.26 -20.52
CA SER A 105 4.62 -14.47 -19.10
C SER A 105 4.47 -15.96 -18.79
N GLY A 106 4.95 -16.35 -17.61
CA GLY A 106 4.78 -17.72 -17.14
C GLY A 106 3.38 -18.00 -16.60
N GLY A 107 2.77 -16.99 -15.98
CA GLY A 107 1.50 -17.18 -15.27
C GLY A 107 0.33 -16.30 -15.69
N GLY A 108 0.57 -15.35 -16.61
CA GLY A 108 -0.47 -14.40 -17.01
C GLY A 108 -0.67 -13.38 -15.90
N SER A 109 -1.91 -13.32 -15.38
CA SER A 109 -2.21 -12.51 -14.19
C SER A 109 -3.17 -13.24 -13.25
N PRO A 110 -2.62 -14.07 -12.35
CA PRO A 110 -3.40 -14.60 -11.23
C PRO A 110 -4.19 -13.52 -10.48
N ARG A 111 -3.60 -12.35 -10.28
CA ARG A 111 -4.24 -11.26 -9.54
C ARG A 111 -5.58 -10.83 -10.14
N PHE A 112 -5.58 -10.53 -11.43
CA PHE A 112 -6.79 -10.07 -12.09
C PHE A 112 -7.74 -11.20 -12.42
N GLN A 113 -7.20 -12.41 -12.56
CA GLN A 113 -8.03 -13.60 -12.59
C GLN A 113 -8.86 -13.76 -11.30
N VAL A 114 -8.19 -13.64 -10.16
CA VAL A 114 -8.84 -13.73 -8.85
C VAL A 114 -9.71 -12.50 -8.59
N PHE A 115 -9.26 -11.33 -9.04
CA PHE A 115 -10.08 -10.13 -8.91
C PHE A 115 -11.40 -10.30 -9.67
N GLY A 116 -11.31 -10.85 -10.87
CA GLY A 116 -12.49 -11.12 -11.69
C GLY A 116 -13.47 -12.02 -10.96
N ALA A 117 -12.96 -13.17 -10.50
CA ALA A 117 -13.77 -14.14 -9.75
C ALA A 117 -14.37 -13.54 -8.45
N ASP A 118 -13.52 -12.91 -7.64
CA ASP A 118 -14.00 -12.21 -6.42
C ASP A 118 -15.09 -11.20 -6.72
N ALA A 119 -14.85 -10.34 -7.70
CA ALA A 119 -15.79 -9.29 -8.07
C ALA A 119 -17.11 -9.87 -8.53
N MET A 120 -17.02 -10.90 -9.37
CA MET A 120 -18.20 -11.59 -9.88
C MET A 120 -19.07 -12.17 -8.76
N ARG A 121 -18.45 -12.73 -7.72
CA ARG A 121 -19.17 -13.30 -6.58
C ARG A 121 -19.71 -12.27 -5.61
N GLY A 122 -19.33 -11.01 -5.78
CA GLY A 122 -19.89 -9.92 -4.98
C GLY A 122 -21.30 -9.60 -5.45
N PRO A 123 -21.98 -8.68 -4.75
CA PRO A 123 -23.39 -8.34 -5.07
C PRO A 123 -23.63 -7.68 -6.43
N ARG A 124 -22.60 -7.08 -7.05
CA ARG A 124 -22.77 -6.37 -8.34
C ARG A 124 -22.31 -7.17 -9.56
N GLY A 125 -21.66 -8.33 -9.33
CA GLY A 125 -21.33 -9.28 -10.40
C GLY A 125 -20.58 -8.70 -11.60
N LEU A 126 -21.16 -8.89 -12.78
CA LEU A 126 -20.59 -8.42 -14.05
C LEU A 126 -20.16 -6.96 -14.02
N LYS A 127 -20.99 -6.12 -13.38
CA LYS A 127 -20.73 -4.69 -13.30
C LYS A 127 -19.52 -4.38 -12.44
N ALA A 128 -19.19 -5.28 -11.50
CA ALA A 128 -17.98 -5.16 -10.69
C ALA A 128 -16.76 -5.77 -11.37
N VAL A 129 -16.98 -6.72 -12.26
CA VAL A 129 -15.89 -7.28 -13.05
C VAL A 129 -15.35 -6.19 -14.01
N GLY A 130 -16.26 -5.54 -14.73
CA GLY A 130 -15.88 -4.55 -15.73
C GLY A 130 -15.29 -5.16 -16.99
N PRO A 131 -15.13 -4.35 -18.06
CA PRO A 131 -14.80 -4.88 -19.39
C PRO A 131 -13.32 -5.09 -19.70
N TYR A 132 -12.44 -5.06 -18.70
CA TYR A 132 -10.97 -5.08 -18.94
C TYR A 132 -10.21 -6.29 -18.39
N VAL A 133 -10.91 -7.21 -17.73
CA VAL A 133 -10.23 -8.31 -17.06
C VAL A 133 -9.65 -9.31 -18.07
N VAL A 134 -10.33 -9.54 -19.19
CA VAL A 134 -9.86 -10.55 -20.16
C VAL A 134 -8.44 -10.27 -20.66
N THR A 135 -8.17 -9.02 -20.98
CA THR A 135 -6.84 -8.62 -21.46
C THR A 135 -5.80 -8.59 -20.34
N LYS A 136 -6.24 -8.27 -19.13
CA LYS A 136 -5.36 -8.35 -17.97
C LYS A 136 -5.04 -9.79 -17.63
N ALA A 137 -6.03 -10.68 -17.80
CA ALA A 137 -5.94 -12.05 -17.28
C ALA A 137 -5.47 -13.08 -18.30
N MET A 138 -5.69 -12.85 -19.59
CA MET A 138 -5.37 -13.87 -20.59
C MET A 138 -3.86 -14.13 -20.66
N ALA A 139 -3.51 -15.37 -20.97
CA ALA A 139 -2.10 -15.79 -21.01
C ALA A 139 -1.25 -14.95 -21.97
N SER A 140 -1.88 -14.40 -23.02
CA SER A 140 -1.18 -13.63 -24.04
C SER A 140 -1.24 -12.12 -23.80
N GLY A 141 -1.61 -11.71 -22.59
CA GLY A 141 -1.67 -10.30 -22.23
C GLY A 141 -0.45 -9.51 -22.65
N VAL A 142 0.73 -10.07 -22.37
CA VAL A 142 1.98 -9.37 -22.65
C VAL A 142 2.15 -8.99 -24.14
N SER A 143 1.91 -9.95 -25.03
CA SER A 143 2.00 -9.66 -26.47
C SER A 143 0.83 -8.77 -26.93
N ALA A 144 -0.38 -9.09 -26.51
CA ALA A 144 -1.56 -8.31 -26.88
C ALA A 144 -1.40 -6.85 -26.51
N CYS A 145 -1.06 -6.62 -25.24
CA CYS A 145 -0.98 -5.27 -24.67
C CYS A 145 0.15 -4.39 -25.21
N LEU A 146 1.17 -5.00 -25.81
CA LEU A 146 2.29 -4.24 -26.40
C LEU A 146 2.10 -4.03 -27.90
N ALA A 147 1.65 -5.07 -28.61
CA ALA A 147 1.53 -5.04 -30.07
C ALA A 147 0.52 -4.01 -30.58
N THR A 148 -0.55 -3.79 -29.82
CA THR A 148 -1.58 -2.81 -30.17
C THR A 148 -1.08 -1.36 -30.07
N PRO A 149 -0.62 -0.91 -28.88
CA PRO A 149 -0.15 0.49 -28.79
C PRO A 149 1.10 0.81 -29.60
N PHE A 150 1.99 -0.15 -29.74
CA PHE A 150 3.21 0.03 -30.55
C PHE A 150 2.97 -0.17 -32.06
N LYS A 151 1.73 -0.47 -32.46
CA LYS A 151 1.34 -0.52 -33.88
C LYS A 151 2.12 -1.58 -34.67
N ILE A 152 2.32 -2.74 -34.04
CA ILE A 152 3.04 -3.83 -34.67
C ILE A 152 2.14 -4.52 -35.67
N HIS A 153 2.69 -4.81 -36.85
CA HIS A 153 1.96 -5.45 -37.94
C HIS A 153 2.47 -6.84 -38.31
N GLY A 154 3.67 -7.21 -37.87
CA GLY A 154 4.21 -8.54 -38.13
C GLY A 154 3.66 -9.58 -37.17
N VAL A 155 4.49 -10.56 -36.80
CA VAL A 155 4.08 -11.60 -35.87
C VAL A 155 3.68 -11.00 -34.52
N ASN A 156 2.73 -11.65 -33.86
CA ASN A 156 2.22 -11.20 -32.57
C ASN A 156 1.63 -12.38 -31.86
N TYR A 157 2.41 -12.95 -30.95
CA TYR A 157 1.95 -13.98 -30.03
C TYR A 157 2.92 -14.07 -28.86
N SER A 158 2.48 -14.76 -27.81
CA SER A 158 3.31 -15.06 -26.67
C SER A 158 3.72 -16.52 -26.72
N ILE A 159 4.91 -16.81 -26.21
CA ILE A 159 5.30 -18.16 -25.90
C ILE A 159 5.29 -18.28 -24.39
N SER A 160 4.82 -19.42 -23.89
CA SER A 160 4.86 -19.74 -22.48
C SER A 160 5.54 -21.08 -22.26
N SER A 161 6.52 -21.11 -21.37
CA SER A 161 7.23 -22.33 -21.03
C SER A 161 7.80 -22.18 -19.61
N ALA A 162 6.95 -21.67 -18.73
CA ALA A 162 7.27 -21.48 -17.32
C ALA A 162 8.54 -20.64 -17.18
N CYS A 163 9.56 -21.21 -16.54
CA CYS A 163 10.77 -20.46 -16.23
C CYS A 163 11.69 -20.28 -17.45
N ALA A 164 11.32 -20.87 -18.58
CA ALA A 164 12.09 -20.71 -19.82
C ALA A 164 11.40 -19.79 -20.83
N THR A 165 10.35 -19.11 -20.38
CA THR A 165 9.41 -18.44 -21.28
C THR A 165 10.04 -17.45 -22.25
N SER A 166 10.65 -16.39 -21.69
CA SER A 166 11.17 -15.28 -22.49
C SER A 166 12.46 -15.67 -23.23
N ALA A 167 13.10 -16.76 -22.83
CA ALA A 167 14.21 -17.35 -23.58
C ALA A 167 13.74 -18.04 -24.86
N HIS A 168 12.65 -18.79 -24.78
CA HIS A 168 12.02 -19.33 -25.99
C HIS A 168 11.49 -18.19 -26.88
N CYS A 169 11.00 -17.12 -26.28
CA CYS A 169 10.54 -15.95 -27.06
C CYS A 169 11.64 -15.39 -27.93
N ILE A 170 12.82 -15.25 -27.35
CA ILE A 170 13.98 -14.72 -28.07
C ILE A 170 14.40 -15.67 -29.19
N GLY A 171 14.47 -16.96 -28.89
CA GLY A 171 14.84 -17.95 -29.90
C GLY A 171 13.85 -18.03 -31.03
N ASN A 172 12.57 -17.86 -30.71
CA ASN A 172 11.54 -17.84 -31.75
C ASN A 172 11.66 -16.59 -32.62
N ALA A 173 12.03 -15.48 -31.99
CA ALA A 173 12.33 -14.25 -32.72
C ALA A 173 13.48 -14.46 -33.70
N VAL A 174 14.55 -15.12 -33.23
CA VAL A 174 15.69 -15.46 -34.08
C VAL A 174 15.26 -16.28 -35.29
N GLU A 175 14.47 -17.31 -35.05
CA GLU A 175 13.94 -18.18 -36.10
C GLU A 175 13.14 -17.41 -37.16
N GLN A 176 12.35 -16.42 -36.74
CA GLN A 176 11.62 -15.56 -37.69
C GLN A 176 12.56 -14.82 -38.65
N ILE A 177 13.66 -14.30 -38.10
CA ILE A 177 14.71 -13.67 -38.88
C ILE A 177 15.39 -14.70 -39.80
N GLN A 178 15.75 -15.85 -39.25
CA GLN A 178 16.39 -16.92 -40.04
C GLN A 178 15.52 -17.39 -41.21
N LEU A 179 14.20 -17.38 -41.03
CA LEU A 179 13.28 -17.79 -42.09
C LEU A 179 13.01 -16.69 -43.12
N GLY A 180 13.57 -15.50 -42.90
CA GLY A 180 13.39 -14.37 -43.80
C GLY A 180 12.01 -13.74 -43.70
N LYS A 181 11.26 -14.08 -42.65
CA LYS A 181 9.88 -13.60 -42.49
C LYS A 181 9.81 -12.22 -41.83
N GLN A 182 10.80 -11.89 -40.99
CA GLN A 182 10.82 -10.60 -40.27
C GLN A 182 12.21 -9.97 -40.28
N ASP A 183 12.24 -8.64 -40.26
CA ASP A 183 13.50 -7.87 -40.15
C ASP A 183 13.83 -7.58 -38.68
N ILE A 184 12.82 -7.16 -37.93
CA ILE A 184 12.95 -6.91 -36.49
C ILE A 184 11.89 -7.73 -35.76
N VAL A 185 12.28 -8.36 -34.67
CA VAL A 185 11.31 -8.86 -33.70
C VAL A 185 11.71 -8.41 -32.29
N PHE A 186 10.79 -7.73 -31.62
CA PHE A 186 10.93 -7.40 -30.22
C PHE A 186 10.58 -8.65 -29.43
N ALA A 187 11.50 -9.12 -28.60
CA ALA A 187 11.32 -10.38 -27.89
C ALA A 187 11.61 -10.20 -26.42
N GLY A 188 10.81 -10.85 -25.58
CA GLY A 188 11.02 -10.79 -24.15
C GLY A 188 9.84 -11.23 -23.34
N GLY A 189 9.52 -10.48 -22.30
CA GLY A 189 8.42 -10.85 -21.44
C GLY A 189 8.35 -10.11 -20.14
N GLY A 190 7.36 -10.47 -19.34
CA GLY A 190 7.16 -9.86 -18.04
C GLY A 190 6.45 -10.81 -17.09
N GLU A 191 6.44 -10.43 -15.82
CA GLU A 191 5.84 -11.26 -14.79
C GLU A 191 5.43 -10.37 -13.63
N GLU A 192 4.20 -10.52 -13.18
CA GLU A 192 3.75 -9.79 -12.01
C GLU A 192 4.29 -10.47 -10.77
N LEU A 193 4.25 -9.74 -9.67
CA LEU A 193 4.70 -10.26 -8.39
C LEU A 193 3.56 -10.08 -7.40
N CYS A 194 3.01 -11.19 -6.92
CA CYS A 194 1.83 -11.17 -6.06
C CYS A 194 1.68 -12.47 -5.29
N TRP A 195 0.98 -12.39 -4.15
CA TRP A 195 0.77 -13.55 -3.30
C TRP A 195 -0.11 -14.58 -4.02
N GLU A 196 -1.05 -14.10 -4.84
CA GLU A 196 -1.96 -14.97 -5.57
C GLU A 196 -1.21 -16.04 -6.35
N MET A 197 -0.13 -15.65 -7.02
CA MET A 197 0.74 -16.59 -7.74
C MET A 197 1.77 -17.26 -6.83
N ALA A 198 2.43 -16.45 -6.00
CA ALA A 198 3.53 -16.92 -5.15
C ALA A 198 3.13 -18.04 -4.18
N CYS A 199 1.88 -17.99 -3.69
CA CYS A 199 1.40 -18.99 -2.73
C CYS A 199 1.38 -20.39 -3.35
N GLU A 200 1.16 -20.46 -4.67
CA GLU A 200 1.18 -21.72 -5.41
C GLU A 200 2.57 -22.40 -5.38
N PHE A 201 3.63 -21.61 -5.49
CA PHE A 201 5.00 -22.13 -5.41
C PHE A 201 5.40 -22.49 -3.97
N ASP A 202 4.83 -21.76 -3.01
CA ASP A 202 5.08 -22.03 -1.60
C ASP A 202 4.41 -23.35 -1.22
N ALA A 203 3.17 -23.54 -1.66
CA ALA A 203 2.45 -24.79 -1.41
C ALA A 203 3.15 -26.05 -1.95
N MET A 204 4.02 -25.90 -2.94
CA MET A 204 4.82 -27.04 -3.42
C MET A 204 6.24 -27.09 -2.84
N GLY A 205 6.53 -26.21 -1.88
CA GLY A 205 7.83 -26.21 -1.20
C GLY A 205 8.99 -25.61 -1.99
N ALA A 206 8.68 -24.93 -3.08
CA ALA A 206 9.71 -24.41 -3.99
C ALA A 206 10.39 -23.11 -3.50
N LEU A 207 9.75 -22.40 -2.58
CA LEU A 207 10.21 -21.08 -2.16
C LEU A 207 11.04 -21.13 -0.90
N SER A 208 12.08 -20.30 -0.83
CA SER A 208 12.90 -20.20 0.39
C SER A 208 12.03 -19.71 1.55
N THR A 209 12.20 -20.34 2.71
CA THR A 209 11.38 -20.02 3.90
C THR A 209 12.19 -19.79 5.19
N LYS A 210 13.48 -20.12 5.18
CA LYS A 210 14.30 -20.09 6.39
C LYS A 210 15.00 -18.75 6.65
N TYR A 211 15.15 -17.93 5.61
CA TYR A 211 15.95 -16.71 5.68
C TYR A 211 15.11 -15.42 5.66
N ASN A 212 13.90 -15.47 6.19
CA ASN A 212 12.99 -14.31 6.12
C ASN A 212 13.44 -13.10 6.94
N ASP A 213 14.24 -13.34 7.98
CA ASP A 213 14.79 -12.27 8.81
C ASP A 213 16.05 -11.65 8.17
N THR A 214 16.63 -12.33 7.19
CA THR A 214 17.75 -11.81 6.40
C THR A 214 17.45 -11.93 4.90
N PRO A 215 16.56 -11.07 4.38
CA PRO A 215 16.07 -11.18 3.01
C PRO A 215 17.15 -11.25 1.92
N GLU A 216 18.22 -10.47 2.08
CA GLU A 216 19.27 -10.41 1.06
C GLU A 216 20.16 -11.66 1.02
N LYS A 217 19.93 -12.61 1.93
CA LYS A 217 20.68 -13.86 1.97
C LYS A 217 19.85 -15.13 1.68
N ALA A 218 18.55 -14.95 1.41
CA ALA A 218 17.64 -16.06 1.14
C ALA A 218 17.93 -16.73 -0.19
N SER A 219 18.31 -15.94 -1.19
CA SER A 219 18.66 -16.45 -2.51
C SER A 219 20.17 -16.69 -2.55
N ARG A 220 20.57 -17.96 -2.56
CA ARG A 220 21.96 -18.34 -2.34
C ARG A 220 22.35 -19.55 -3.17
N THR A 221 22.19 -19.42 -4.48
CA THR A 221 22.52 -20.49 -5.43
C THR A 221 23.89 -21.08 -5.13
N TYR A 222 23.94 -22.42 -5.12
CA TYR A 222 25.18 -23.20 -4.90
C TYR A 222 25.68 -23.29 -3.44
N ASP A 223 25.05 -22.55 -2.53
CA ASP A 223 25.41 -22.61 -1.11
C ASP A 223 24.79 -23.86 -0.48
N ALA A 224 25.54 -24.52 0.41
CA ALA A 224 25.11 -25.80 0.98
C ALA A 224 23.79 -25.72 1.75
N HIS A 225 23.41 -24.50 2.14
CA HIS A 225 22.23 -24.28 2.97
C HIS A 225 21.11 -23.53 2.25
N ARG A 226 21.10 -23.60 0.92
CA ARG A 226 19.99 -23.09 0.13
C ARG A 226 18.71 -23.87 0.44
N ASP A 227 17.55 -23.22 0.37
CA ASP A 227 16.30 -23.89 0.72
C ASP A 227 15.12 -23.56 -0.22
N GLY A 228 15.42 -23.22 -1.48
CA GLY A 228 14.38 -22.87 -2.46
C GLY A 228 14.56 -21.47 -3.02
N PHE A 229 13.86 -21.18 -4.11
CA PHE A 229 14.07 -19.91 -4.80
C PHE A 229 13.29 -18.75 -4.18
N VAL A 230 13.75 -17.54 -4.45
CA VAL A 230 13.06 -16.31 -4.04
C VAL A 230 12.30 -15.78 -5.26
N ILE A 231 10.99 -15.59 -5.12
CA ILE A 231 10.17 -15.22 -6.26
C ILE A 231 10.38 -13.73 -6.59
N ALA A 232 10.40 -13.42 -7.88
CA ALA A 232 10.60 -12.04 -8.33
C ALA A 232 9.59 -11.66 -9.42
N GLY A 233 9.57 -10.39 -9.75
CA GLY A 233 8.75 -9.85 -10.82
C GLY A 233 9.57 -8.90 -11.67
N GLY A 234 9.02 -8.51 -12.81
CA GLY A 234 9.67 -7.54 -13.67
C GLY A 234 9.49 -7.86 -15.13
N GLY A 235 10.28 -7.18 -15.97
CA GLY A 235 10.21 -7.38 -17.40
C GLY A 235 11.54 -7.23 -18.08
N GLY A 236 11.57 -7.60 -19.36
CA GLY A 236 12.73 -7.42 -20.20
C GLY A 236 12.31 -7.49 -21.66
N MET A 237 13.07 -6.80 -22.51
CA MET A 237 12.79 -6.78 -23.94
C MET A 237 14.07 -6.50 -24.68
N VAL A 238 14.34 -7.31 -25.69
CA VAL A 238 15.46 -7.08 -26.58
C VAL A 238 14.94 -6.88 -27.98
N VAL A 239 15.70 -6.15 -28.80
CA VAL A 239 15.37 -5.98 -30.19
C VAL A 239 16.21 -6.98 -30.98
N VAL A 240 15.56 -8.01 -31.50
CA VAL A 240 16.21 -8.99 -32.37
C VAL A 240 16.07 -8.51 -33.80
N GLU A 241 17.19 -8.48 -34.53
CA GLU A 241 17.23 -7.82 -35.83
C GLU A 241 18.08 -8.58 -36.83
N GLU A 242 17.65 -8.60 -38.09
CA GLU A 242 18.45 -9.20 -39.16
C GLU A 242 19.73 -8.37 -39.35
N LEU A 243 20.85 -9.07 -39.56
CA LEU A 243 22.19 -8.48 -39.50
C LEU A 243 22.40 -7.36 -40.52
N GLU A 244 22.10 -7.64 -41.79
CA GLU A 244 22.30 -6.64 -42.85
C GLU A 244 21.43 -5.41 -42.64
N HIS A 245 20.19 -5.63 -42.19
CA HIS A 245 19.29 -4.54 -41.84
C HIS A 245 19.88 -3.66 -40.75
N ALA A 246 20.49 -4.29 -39.74
CA ALA A 246 21.13 -3.55 -38.63
C ALA A 246 22.32 -2.72 -39.09
N LEU A 247 23.20 -3.31 -39.90
CA LEU A 247 24.39 -2.62 -40.39
C LEU A 247 24.02 -1.46 -41.32
N ALA A 248 23.05 -1.70 -42.21
CA ALA A 248 22.61 -0.69 -43.17
C ALA A 248 22.09 0.58 -42.51
N ARG A 249 21.54 0.47 -41.29
CA ARG A 249 21.07 1.64 -40.55
C ARG A 249 22.05 2.11 -39.48
N GLY A 250 23.26 1.56 -39.46
CA GLY A 250 24.26 1.94 -38.48
C GLY A 250 23.87 1.67 -37.05
N ALA A 251 23.10 0.59 -36.84
CA ALA A 251 22.65 0.21 -35.51
C ALA A 251 23.83 -0.14 -34.62
N HIS A 252 23.68 0.10 -33.32
CA HIS A 252 24.62 -0.42 -32.33
C HIS A 252 24.27 -1.88 -32.06
N ILE A 253 25.26 -2.76 -32.21
CA ILE A 253 25.06 -4.20 -32.07
C ILE A 253 25.77 -4.71 -30.81
N TYR A 254 24.99 -5.15 -29.83
CA TYR A 254 25.52 -5.75 -28.60
C TYR A 254 26.17 -7.09 -28.89
N ALA A 255 25.47 -7.93 -29.64
CA ALA A 255 25.96 -9.28 -29.93
C ALA A 255 25.10 -9.95 -31.01
N GLU A 256 25.63 -11.05 -31.53
CA GLU A 256 24.91 -11.93 -32.42
C GLU A 256 24.41 -13.13 -31.62
N ILE A 257 23.19 -13.57 -31.92
CA ILE A 257 22.68 -14.80 -31.35
C ILE A 257 23.15 -15.91 -32.26
N VAL A 258 24.23 -16.59 -31.83
CA VAL A 258 24.86 -17.63 -32.63
C VAL A 258 24.41 -19.05 -32.28
N GLY A 259 23.69 -19.18 -31.16
CA GLY A 259 23.18 -20.48 -30.73
C GLY A 259 21.86 -20.39 -29.99
N TYR A 260 20.92 -21.25 -30.37
CA TYR A 260 19.65 -21.38 -29.65
C TYR A 260 19.32 -22.86 -29.43
N GLY A 261 19.18 -23.24 -28.17
CA GLY A 261 18.83 -24.61 -27.82
C GLY A 261 17.41 -24.63 -27.29
N ALA A 262 16.63 -25.62 -27.71
CA ALA A 262 15.29 -25.83 -27.18
C ALA A 262 15.01 -27.31 -27.17
N THR A 263 14.89 -27.88 -25.97
CA THR A 263 14.66 -29.32 -25.79
C THR A 263 13.66 -29.59 -24.66
N SER A 264 13.38 -30.87 -24.46
CA SER A 264 12.40 -31.35 -23.49
C SER A 264 12.97 -32.55 -22.74
N ASP A 265 12.74 -32.62 -21.42
CA ASP A 265 13.21 -33.76 -20.63
C ASP A 265 12.39 -35.02 -20.94
N GLY A 266 11.07 -34.88 -20.96
CA GLY A 266 10.17 -36.04 -21.11
C GLY A 266 10.36 -37.04 -19.98
N ALA A 267 10.39 -36.53 -18.75
CA ALA A 267 10.68 -37.32 -17.54
C ALA A 267 9.63 -37.12 -16.44
N ASP A 268 9.90 -36.03 -15.70
CA ASP A 268 9.27 -35.61 -14.45
C ASP A 268 8.74 -34.18 -14.62
N MET A 269 7.73 -33.84 -13.83
CA MET A 269 7.05 -32.54 -13.93
C MET A 269 7.76 -31.39 -13.29
N VAL A 270 8.30 -31.63 -12.09
CA VAL A 270 8.86 -30.57 -11.26
C VAL A 270 10.30 -30.84 -10.82
N ALA A 271 10.94 -31.83 -11.44
CA ALA A 271 12.36 -32.13 -11.20
C ALA A 271 13.10 -32.33 -12.53
N PRO A 272 14.26 -31.67 -12.70
CA PRO A 272 15.02 -31.78 -13.96
C PRO A 272 15.69 -33.13 -14.15
N SER A 273 15.83 -33.56 -15.41
CA SER A 273 16.39 -34.88 -15.75
C SER A 273 17.89 -34.83 -15.98
N GLY A 274 18.41 -33.69 -16.41
CA GLY A 274 19.83 -33.54 -16.66
C GLY A 274 20.19 -33.73 -18.12
N GLU A 275 19.76 -34.84 -18.71
CA GLU A 275 20.13 -35.15 -20.09
C GLU A 275 19.43 -34.22 -21.09
N GLY A 276 18.29 -33.66 -20.70
CA GLY A 276 17.61 -32.64 -21.50
C GLY A 276 18.44 -31.37 -21.63
N ALA A 277 18.95 -30.89 -20.49
CA ALA A 277 19.79 -29.69 -20.44
C ALA A 277 21.12 -29.87 -21.19
N VAL A 278 21.73 -31.05 -21.02
CA VAL A 278 22.93 -31.44 -21.77
C VAL A 278 22.71 -31.30 -23.28
N ARG A 279 21.59 -31.84 -23.75
CA ARG A 279 21.26 -31.77 -25.16
C ARG A 279 20.99 -30.33 -25.62
N CYS A 280 20.32 -29.57 -24.76
CA CYS A 280 19.99 -28.17 -25.05
C CYS A 280 21.25 -27.31 -25.23
N MET A 281 22.18 -27.44 -24.28
CA MET A 281 23.46 -26.74 -24.34
C MET A 281 24.28 -27.15 -25.56
N LYS A 282 24.34 -28.45 -25.84
CA LYS A 282 25.08 -28.96 -27.00
C LYS A 282 24.51 -28.42 -28.32
N MET A 283 23.18 -28.30 -28.38
CA MET A 283 22.49 -27.79 -29.56
C MET A 283 22.82 -26.31 -29.77
N ALA A 284 22.86 -25.57 -28.66
CA ALA A 284 23.18 -24.15 -28.68
C ALA A 284 24.64 -23.89 -29.06
N MET A 285 25.53 -24.81 -28.72
CA MET A 285 26.95 -24.68 -29.05
C MET A 285 27.29 -25.21 -30.45
N HIS A 286 26.31 -25.74 -31.16
CA HIS A 286 26.58 -26.41 -32.42
C HIS A 286 27.01 -25.42 -33.49
N GLY A 287 28.22 -25.63 -34.03
CA GLY A 287 28.78 -24.78 -35.07
C GLY A 287 29.44 -23.51 -34.55
N VAL A 288 29.43 -23.32 -33.23
CA VAL A 288 30.03 -22.13 -32.63
C VAL A 288 31.53 -22.36 -32.48
N ASP A 289 32.31 -21.71 -33.34
CA ASP A 289 33.75 -21.99 -33.45
C ASP A 289 34.61 -21.35 -32.35
N THR A 290 33.99 -20.67 -31.41
CA THR A 290 34.69 -20.08 -30.26
C THR A 290 34.23 -20.74 -28.96
N PRO A 291 35.08 -20.71 -27.92
CA PRO A 291 34.69 -21.27 -26.65
C PRO A 291 33.72 -20.37 -25.89
N ILE A 292 33.06 -20.94 -24.88
CA ILE A 292 32.14 -20.22 -24.03
C ILE A 292 32.95 -19.63 -22.90
N ASP A 293 33.00 -18.30 -22.83
CA ASP A 293 33.80 -17.58 -21.84
C ASP A 293 33.07 -17.46 -20.51
N TYR A 294 31.75 -17.25 -20.58
CA TYR A 294 30.92 -17.14 -19.39
C TYR A 294 29.57 -17.84 -19.59
N LEU A 295 29.07 -18.45 -18.51
CA LEU A 295 27.76 -19.08 -18.49
C LEU A 295 26.89 -18.50 -17.37
N ASN A 296 25.79 -17.86 -17.74
CA ASN A 296 24.77 -17.44 -16.78
C ASN A 296 23.81 -18.61 -16.53
N SER A 297 23.96 -19.25 -15.38
CA SER A 297 23.21 -20.48 -15.09
C SER A 297 21.77 -20.19 -14.74
N HIS A 298 20.91 -21.19 -14.91
CA HIS A 298 19.53 -21.10 -14.46
C HIS A 298 19.53 -20.98 -12.94
N GLY A 299 20.29 -21.86 -12.28
CA GLY A 299 20.64 -21.74 -10.84
C GLY A 299 19.68 -20.93 -9.97
N THR A 300 18.59 -21.56 -9.58
CA THR A 300 17.49 -20.90 -8.87
C THR A 300 17.64 -20.89 -7.34
N SER A 301 18.64 -21.58 -6.82
CA SER A 301 18.88 -21.72 -5.36
C SER A 301 17.99 -22.80 -4.72
N THR A 302 17.83 -23.91 -5.45
CA THR A 302 17.09 -25.09 -4.99
C THR A 302 18.06 -26.26 -4.84
N PRO A 303 17.90 -27.08 -3.77
CA PRO A 303 18.78 -28.23 -3.49
C PRO A 303 19.07 -29.14 -4.70
N VAL A 304 18.07 -29.79 -5.26
CA VAL A 304 18.32 -30.73 -6.36
C VAL A 304 18.64 -30.00 -7.65
N GLY A 305 17.90 -28.92 -7.93
CA GLY A 305 17.99 -28.22 -9.22
C GLY A 305 19.34 -27.61 -9.54
N ASP A 306 19.96 -26.93 -8.57
CA ASP A 306 21.26 -26.31 -8.77
C ASP A 306 22.30 -27.33 -9.21
N VAL A 307 22.43 -28.41 -8.43
CA VAL A 307 23.46 -29.42 -8.67
C VAL A 307 23.20 -30.27 -9.92
N LYS A 308 21.93 -30.41 -10.30
CA LYS A 308 21.58 -31.11 -11.53
C LYS A 308 22.15 -30.36 -12.75
N GLU A 309 22.00 -29.04 -12.77
CA GLU A 309 22.52 -28.23 -13.86
C GLU A 309 24.05 -28.30 -13.93
N LEU A 310 24.69 -28.18 -12.77
CA LEU A 310 26.16 -28.35 -12.66
C LEU A 310 26.64 -29.66 -13.29
N ALA A 311 25.92 -30.74 -13.02
CA ALA A 311 26.27 -32.05 -13.55
C ALA A 311 26.11 -32.11 -15.07
N ALA A 312 25.12 -31.38 -15.58
CA ALA A 312 24.94 -31.24 -17.03
C ALA A 312 26.07 -30.41 -17.64
N ILE A 313 26.46 -29.34 -16.95
CA ILE A 313 27.52 -28.46 -17.43
C ILE A 313 28.84 -29.23 -17.54
N ARG A 314 29.14 -29.99 -16.48
CA ARG A 314 30.30 -30.88 -16.45
C ARG A 314 30.31 -31.91 -17.59
N GLU A 315 29.15 -32.49 -17.91
CA GLU A 315 29.05 -33.43 -19.02
C GLU A 315 29.28 -32.74 -20.37
N VAL A 316 28.78 -31.52 -20.52
CA VAL A 316 28.92 -30.78 -21.77
C VAL A 316 30.38 -30.34 -21.97
N PHE A 317 30.96 -29.73 -20.95
CA PHE A 317 32.26 -29.09 -21.07
C PHE A 317 33.44 -29.97 -20.64
N GLY A 318 33.21 -30.85 -19.67
CA GLY A 318 34.27 -31.69 -19.14
C GLY A 318 35.19 -30.87 -18.25
N ASP A 319 36.49 -31.05 -18.43
CA ASP A 319 37.49 -30.37 -17.61
C ASP A 319 37.49 -28.86 -17.90
N LYS A 320 37.43 -28.52 -19.19
CA LYS A 320 37.52 -27.13 -19.64
C LYS A 320 36.15 -26.43 -19.68
N SER A 321 35.60 -26.19 -18.50
CA SER A 321 34.32 -25.51 -18.32
C SER A 321 34.48 -23.99 -18.28
N PRO A 322 33.39 -23.24 -18.53
CA PRO A 322 33.44 -21.78 -18.50
C PRO A 322 33.25 -21.24 -17.10
N ALA A 323 33.43 -19.93 -16.95
CA ALA A 323 33.12 -19.25 -15.71
C ALA A 323 31.61 -19.22 -15.52
N ILE A 324 31.15 -19.50 -14.31
CA ILE A 324 29.74 -19.61 -14.03
C ILE A 324 29.37 -18.65 -12.92
N SER A 325 28.25 -17.96 -13.09
CA SER A 325 27.61 -17.28 -11.98
C SER A 325 26.10 -17.37 -12.11
N ALA A 326 25.44 -17.43 -10.95
CA ALA A 326 23.98 -17.47 -10.86
C ALA A 326 23.46 -16.13 -10.36
N THR A 327 23.03 -15.28 -11.30
CA THR A 327 22.57 -13.93 -10.95
C THR A 327 21.25 -13.89 -10.16
N LYS A 328 20.52 -15.01 -10.11
CA LYS A 328 19.30 -15.13 -9.31
C LYS A 328 19.55 -14.98 -7.81
N ALA A 329 20.79 -15.25 -7.37
CA ALA A 329 21.22 -14.99 -5.99
C ALA A 329 21.11 -13.50 -5.63
N MET A 330 21.34 -12.65 -6.62
CA MET A 330 21.10 -11.20 -6.47
C MET A 330 19.64 -10.84 -6.73
N THR A 331 19.10 -11.37 -7.84
CA THR A 331 17.86 -10.86 -8.42
C THR A 331 16.57 -11.54 -7.96
N GLY A 332 16.67 -12.82 -7.60
CA GLY A 332 15.48 -13.66 -7.43
C GLY A 332 15.08 -14.28 -8.75
N HIS A 333 14.05 -15.13 -8.71
CA HIS A 333 13.58 -15.85 -9.89
C HIS A 333 12.34 -15.15 -10.43
N SER A 334 12.49 -14.38 -11.51
CA SER A 334 11.37 -13.66 -12.12
C SER A 334 10.58 -14.54 -13.12
N LEU A 335 10.79 -15.85 -13.06
CA LEU A 335 9.94 -16.84 -13.75
C LEU A 335 9.92 -16.62 -15.26
N GLY A 336 8.83 -16.04 -15.77
CA GLY A 336 8.67 -15.84 -17.20
C GLY A 336 9.61 -14.77 -17.73
N ALA A 337 9.88 -13.75 -16.90
CA ALA A 337 10.80 -12.67 -17.25
C ALA A 337 12.28 -13.07 -17.12
N ALA A 338 12.57 -14.18 -16.45
CA ALA A 338 13.94 -14.56 -16.12
C ALA A 338 14.83 -14.73 -17.34
N GLY A 339 14.31 -15.36 -18.39
CA GLY A 339 15.10 -15.67 -19.58
C GLY A 339 15.63 -14.44 -20.29
N VAL A 340 14.76 -13.45 -20.50
CA VAL A 340 15.18 -12.21 -21.16
C VAL A 340 16.01 -11.32 -20.22
N GLN A 341 15.66 -11.30 -18.93
CA GLN A 341 16.43 -10.50 -17.97
C GLN A 341 17.85 -11.04 -17.88
N GLU A 342 17.98 -12.35 -17.91
CA GLU A 342 19.29 -12.99 -17.79
C GLU A 342 20.06 -12.98 -19.10
N ALA A 343 19.36 -13.00 -20.23
CA ALA A 343 19.99 -12.70 -21.51
C ALA A 343 20.58 -11.29 -21.47
N ILE A 344 19.85 -10.35 -20.88
CA ILE A 344 20.31 -8.96 -20.79
C ILE A 344 21.51 -8.80 -19.84
N TYR A 345 21.44 -9.36 -18.63
CA TYR A 345 22.59 -9.35 -17.72
C TYR A 345 23.83 -9.91 -18.41
N SER A 346 23.66 -10.98 -19.18
CA SER A 346 24.76 -11.60 -19.92
C SER A 346 25.31 -10.68 -21.02
N LEU A 347 24.42 -9.99 -21.73
CA LEU A 347 24.82 -9.01 -22.74
C LEU A 347 25.54 -7.82 -22.11
N LEU A 348 25.08 -7.37 -20.94
CA LEU A 348 25.74 -6.27 -20.23
C LEU A 348 27.15 -6.68 -19.79
N MET A 349 27.31 -7.93 -19.39
CA MET A 349 28.62 -8.47 -19.07
C MET A 349 29.50 -8.60 -20.33
N LEU A 350 28.89 -8.98 -21.45
CA LEU A 350 29.60 -9.04 -22.72
C LEU A 350 30.06 -7.65 -23.15
N GLU A 351 29.15 -6.68 -23.05
CA GLU A 351 29.36 -5.32 -23.53
C GLU A 351 30.36 -4.54 -22.66
N HIS A 352 30.32 -4.74 -21.35
CA HIS A 352 31.14 -3.96 -20.41
C HIS A 352 32.35 -4.73 -19.85
N GLY A 353 32.62 -5.92 -20.37
CA GLY A 353 33.84 -6.67 -20.03
C GLY A 353 34.01 -7.09 -18.57
N PHE A 354 33.04 -7.81 -18.04
CA PHE A 354 33.13 -8.31 -16.66
C PHE A 354 32.22 -9.50 -16.41
N ILE A 355 32.38 -10.11 -15.25
CA ILE A 355 31.54 -11.22 -14.81
C ILE A 355 30.94 -10.84 -13.47
N ALA A 356 29.61 -10.83 -13.38
CA ALA A 356 28.92 -10.54 -12.13
C ALA A 356 29.11 -11.69 -11.15
N PRO A 357 29.06 -11.39 -9.84
CA PRO A 357 29.39 -12.41 -8.85
C PRO A 357 28.22 -13.32 -8.50
N SER A 358 28.51 -14.59 -8.24
CA SER A 358 27.54 -15.52 -7.68
C SER A 358 27.60 -15.33 -6.16
N ILE A 359 26.66 -14.54 -5.63
CA ILE A 359 26.75 -14.06 -4.24
C ILE A 359 26.11 -15.03 -3.24
N ASN A 360 26.25 -14.72 -1.95
CA ASN A 360 25.71 -15.51 -0.85
C ASN A 360 26.18 -16.97 -0.76
N ILE A 361 27.36 -17.25 -1.31
CA ILE A 361 27.97 -18.58 -1.14
C ILE A 361 28.86 -18.53 0.10
N GLU A 362 28.27 -18.81 1.26
CA GLU A 362 28.99 -18.90 2.53
C GLU A 362 29.73 -20.23 2.65
N GLU A 363 29.23 -21.24 1.93
CA GLU A 363 29.80 -22.58 1.97
C GLU A 363 29.42 -23.30 0.68
N LEU A 364 30.38 -23.42 -0.22
CA LEU A 364 30.14 -24.03 -1.54
C LEU A 364 29.64 -25.45 -1.34
N ASP A 365 28.62 -25.83 -2.11
CA ASP A 365 28.14 -27.20 -2.12
C ASP A 365 29.26 -28.14 -2.58
N GLU A 366 29.37 -29.30 -1.93
CA GLU A 366 30.41 -30.27 -2.25
C GLU A 366 30.34 -30.71 -3.72
N GLN A 367 29.14 -30.73 -4.28
CA GLN A 367 28.94 -31.15 -5.68
C GLN A 367 29.29 -30.08 -6.71
N ALA A 368 29.69 -28.88 -6.28
CA ALA A 368 30.22 -27.86 -7.19
C ALA A 368 31.71 -28.03 -7.46
N ALA A 369 32.34 -28.91 -6.68
CA ALA A 369 33.76 -29.25 -6.81
C ALA A 369 34.34 -29.11 -8.22
N GLY A 370 35.35 -28.26 -8.35
CA GLY A 370 36.15 -28.21 -9.58
C GLY A 370 35.51 -27.55 -10.78
N LEU A 371 34.54 -26.68 -10.53
CA LEU A 371 34.02 -25.80 -11.57
C LEU A 371 34.48 -24.39 -11.23
N ASN A 372 34.36 -23.48 -12.18
CA ASN A 372 34.80 -22.09 -11.98
C ASN A 372 33.62 -21.18 -11.66
N ILE A 373 33.14 -21.28 -10.42
CA ILE A 373 32.01 -20.49 -9.94
C ILE A 373 32.56 -19.15 -9.46
N VAL A 374 32.27 -18.10 -10.21
CA VAL A 374 32.79 -16.77 -9.92
C VAL A 374 31.97 -16.13 -8.80
N THR A 375 32.63 -15.89 -7.67
CA THR A 375 31.96 -15.38 -6.46
C THR A 375 32.30 -13.92 -6.11
N GLU A 376 33.19 -13.30 -6.88
CA GLU A 376 33.44 -11.85 -6.76
C GLU A 376 33.50 -11.23 -8.15
N THR A 377 33.08 -9.98 -8.26
CA THR A 377 33.08 -9.28 -9.55
C THR A 377 34.49 -9.27 -10.14
N THR A 378 34.64 -9.78 -11.36
CA THR A 378 35.95 -9.83 -12.00
C THR A 378 35.86 -9.32 -13.44
N ASP A 379 36.68 -8.32 -13.73
CA ASP A 379 36.79 -7.76 -15.08
C ASP A 379 37.45 -8.79 -15.99
N ARG A 380 36.83 -9.05 -17.14
CA ARG A 380 37.39 -9.93 -18.16
C ARG A 380 36.91 -9.52 -19.55
N GLU A 381 37.73 -9.79 -20.55
CA GLU A 381 37.39 -9.53 -21.94
C GLU A 381 36.67 -10.77 -22.50
N LEU A 382 35.35 -10.77 -22.39
CA LEU A 382 34.51 -11.87 -22.88
C LEU A 382 34.19 -11.69 -24.35
N THR A 383 34.04 -12.81 -25.05
CA THR A 383 33.66 -12.84 -26.47
C THR A 383 32.33 -13.55 -26.67
N THR A 384 32.17 -14.71 -26.01
CA THR A 384 31.04 -15.61 -26.22
C THR A 384 30.45 -16.04 -24.88
N VAL A 385 29.16 -15.74 -24.68
CA VAL A 385 28.47 -16.05 -23.43
C VAL A 385 27.26 -16.97 -23.66
N MET A 386 26.88 -17.68 -22.60
CA MET A 386 25.78 -18.65 -22.65
C MET A 386 24.83 -18.45 -21.47
N SER A 387 23.54 -18.59 -21.74
CA SER A 387 22.51 -18.43 -20.73
C SER A 387 21.54 -19.62 -20.78
N ASN A 388 21.27 -20.19 -19.61
CA ASN A 388 20.38 -21.35 -19.51
C ASN A 388 19.08 -20.98 -18.81
N SER A 389 17.96 -21.39 -19.41
CA SER A 389 16.64 -21.26 -18.78
C SER A 389 15.91 -22.61 -18.86
N PHE A 390 15.62 -23.18 -17.69
CA PHE A 390 14.92 -24.46 -17.61
C PHE A 390 13.62 -24.27 -16.83
N GLY A 391 12.53 -24.85 -17.32
CA GLY A 391 11.22 -24.65 -16.68
C GLY A 391 10.53 -25.93 -16.25
N PHE A 392 9.53 -25.76 -15.39
CA PHE A 392 8.63 -26.85 -15.02
C PHE A 392 8.04 -27.45 -16.28
N GLY A 393 7.77 -28.76 -16.23
CA GLY A 393 7.32 -29.50 -17.41
C GLY A 393 8.48 -29.99 -18.26
N GLY A 394 9.71 -29.79 -17.77
CA GLY A 394 10.90 -30.30 -18.43
C GLY A 394 11.27 -29.54 -19.69
N THR A 395 10.98 -28.24 -19.70
CA THR A 395 11.21 -27.41 -20.89
C THR A 395 12.52 -26.64 -20.75
N ASN A 396 13.40 -26.81 -21.74
CA ASN A 396 14.76 -26.29 -21.69
C ASN A 396 15.05 -25.30 -22.82
N ALA A 397 15.61 -24.14 -22.46
CA ALA A 397 16.13 -23.18 -23.44
C ALA A 397 17.55 -22.73 -23.08
N THR A 398 18.39 -22.58 -24.10
CA THR A 398 19.76 -22.09 -23.94
C THR A 398 20.05 -21.10 -25.06
N LEU A 399 20.62 -19.96 -24.72
CA LEU A 399 21.06 -18.97 -25.71
C LEU A 399 22.57 -18.77 -25.63
N VAL A 400 23.21 -18.73 -26.79
CA VAL A 400 24.61 -18.38 -26.90
C VAL A 400 24.72 -17.12 -27.76
N MET A 401 25.28 -16.08 -27.16
CA MET A 401 25.41 -14.76 -27.78
C MET A 401 26.88 -14.38 -27.88
N ARG A 402 27.29 -13.86 -29.04
CA ARG A 402 28.70 -13.58 -29.32
C ARG A 402 28.89 -12.20 -29.94
N LYS A 403 30.02 -11.57 -29.63
CA LYS A 403 30.40 -10.30 -30.25
C LYS A 403 30.65 -10.48 -31.75
N LEU A 404 30.28 -9.47 -32.53
CA LEU A 404 30.61 -9.43 -33.96
C LEU A 404 32.10 -9.14 -34.14
N LYS B 2 11.72 -27.46 -47.05
CA LYS B 2 11.11 -28.70 -46.45
C LYS B 2 9.61 -28.58 -46.18
N ARG B 3 8.90 -29.65 -46.49
CA ARG B 3 7.44 -29.64 -46.57
C ARG B 3 6.84 -30.36 -45.37
N ALA B 4 5.72 -29.84 -44.89
CA ALA B 4 5.06 -30.37 -43.71
C ALA B 4 3.64 -30.85 -44.01
N VAL B 5 3.32 -32.03 -43.49
CA VAL B 5 2.03 -32.66 -43.72
C VAL B 5 1.42 -33.12 -42.40
N ILE B 6 0.11 -33.35 -42.42
CA ILE B 6 -0.64 -33.82 -41.25
C ILE B 6 -0.92 -35.30 -41.42
N THR B 7 -0.42 -36.11 -40.49
CA THR B 7 -0.48 -37.57 -40.56
C THR B 7 -1.37 -38.23 -39.50
N GLY B 8 -1.84 -37.46 -38.54
CA GLY B 8 -2.78 -37.94 -37.55
C GLY B 8 -3.51 -36.80 -36.88
N LEU B 9 -4.72 -37.04 -36.44
CA LEU B 9 -5.46 -36.05 -35.67
C LEU B 9 -6.24 -36.67 -34.51
N GLY B 10 -6.62 -35.82 -33.58
CA GLY B 10 -7.38 -36.24 -32.40
C GLY B 10 -8.15 -35.06 -31.87
N ILE B 11 -9.32 -35.31 -31.30
CA ILE B 11 -10.21 -34.23 -30.92
C ILE B 11 -11.20 -34.61 -29.80
N VAL B 12 -11.45 -33.66 -28.91
CA VAL B 12 -12.51 -33.72 -27.91
C VAL B 12 -13.23 -32.38 -27.99
N SER B 13 -14.43 -32.36 -28.55
CA SER B 13 -15.18 -31.11 -28.71
C SER B 13 -16.64 -31.24 -28.31
N SER B 14 -17.32 -30.09 -28.29
CA SER B 14 -18.74 -30.00 -28.03
C SER B 14 -19.59 -30.88 -28.95
N ILE B 15 -19.07 -31.19 -30.15
CA ILE B 15 -19.83 -31.97 -31.14
C ILE B 15 -19.28 -33.40 -31.36
N GLY B 16 -18.37 -33.86 -30.52
CA GLY B 16 -17.84 -35.22 -30.62
C GLY B 16 -16.54 -35.45 -29.87
N ASN B 17 -16.40 -36.67 -29.36
CA ASN B 17 -15.20 -37.04 -28.58
C ASN B 17 -14.15 -37.80 -29.41
N ASN B 18 -14.39 -37.94 -30.71
CA ASN B 18 -13.38 -38.41 -31.66
C ASN B 18 -13.73 -37.97 -33.07
N GLN B 19 -12.84 -38.23 -34.03
CA GLN B 19 -13.07 -37.72 -35.39
C GLN B 19 -14.31 -38.30 -36.07
N GLN B 20 -14.71 -39.53 -35.70
CA GLN B 20 -15.94 -40.14 -36.23
C GLN B 20 -17.21 -39.46 -35.73
N GLU B 21 -17.29 -39.22 -34.42
CA GLU B 21 -18.44 -38.55 -33.84
C GLU B 21 -18.57 -37.13 -34.39
N VAL B 22 -17.43 -36.47 -34.50
CA VAL B 22 -17.34 -35.12 -35.06
C VAL B 22 -17.81 -35.11 -36.52
N LEU B 23 -17.29 -36.05 -37.31
CA LEU B 23 -17.69 -36.21 -38.71
C LEU B 23 -19.22 -36.22 -38.85
N ALA B 24 -19.87 -37.10 -38.08
CA ALA B 24 -21.33 -37.22 -38.08
C ALA B 24 -22.01 -35.89 -37.76
N SER B 25 -21.56 -35.25 -36.68
CA SER B 25 -22.13 -33.98 -36.26
C SER B 25 -22.04 -32.92 -37.35
N LEU B 26 -20.87 -32.86 -37.99
CA LEU B 26 -20.63 -31.89 -39.06
C LEU B 26 -21.52 -32.16 -40.26
N ARG B 27 -21.58 -33.41 -40.73
CA ARG B 27 -22.45 -33.72 -41.87
C ARG B 27 -23.93 -33.44 -41.58
N GLU B 28 -24.31 -33.53 -40.31
CA GLU B 28 -25.71 -33.37 -39.90
C GLU B 28 -26.10 -31.96 -39.43
N GLY B 29 -25.12 -31.05 -39.36
CA GLY B 29 -25.39 -29.68 -38.89
C GLY B 29 -25.83 -29.66 -37.43
N ARG B 30 -25.25 -30.56 -36.64
CA ARG B 30 -25.72 -30.81 -35.29
C ARG B 30 -25.02 -29.90 -34.28
N SER B 31 -25.82 -29.21 -33.47
CA SER B 31 -25.32 -28.30 -32.46
C SER B 31 -24.78 -29.06 -31.24
N GLY B 32 -23.67 -28.57 -30.70
CA GLY B 32 -23.13 -29.07 -29.43
C GLY B 32 -23.39 -28.13 -28.26
N ILE B 33 -24.29 -27.16 -28.44
CA ILE B 33 -24.54 -26.14 -27.43
C ILE B 33 -25.70 -26.55 -26.51
N THR B 34 -25.50 -26.38 -25.21
CA THR B 34 -26.51 -26.70 -24.20
C THR B 34 -26.68 -25.56 -23.20
N PHE B 35 -27.73 -25.68 -22.39
CA PHE B 35 -27.98 -24.76 -21.29
C PHE B 35 -27.01 -25.11 -20.16
N SER B 36 -26.50 -24.07 -19.50
CA SER B 36 -25.55 -24.23 -18.40
C SER B 36 -26.08 -23.63 -17.12
N GLN B 37 -26.43 -24.50 -16.17
CA GLN B 37 -26.84 -24.08 -14.84
C GLN B 37 -25.67 -23.38 -14.12
N GLU B 38 -24.45 -23.88 -14.33
CA GLU B 38 -23.24 -23.28 -13.75
C GLU B 38 -23.05 -21.83 -14.16
N LEU B 39 -23.25 -21.51 -15.43
CA LEU B 39 -23.11 -20.15 -15.89
C LEU B 39 -24.22 -19.27 -15.30
N LYS B 40 -25.45 -19.80 -15.26
CA LYS B 40 -26.58 -19.06 -14.69
C LYS B 40 -26.38 -18.82 -13.19
N ASP B 41 -25.93 -19.84 -12.47
CA ASP B 41 -25.72 -19.78 -11.03
C ASP B 41 -24.62 -18.78 -10.66
N SER B 42 -23.66 -18.57 -11.57
CA SER B 42 -22.55 -17.64 -11.34
C SER B 42 -22.96 -16.17 -11.42
N GLY B 43 -24.14 -15.89 -11.98
CA GLY B 43 -24.65 -14.51 -12.10
C GLY B 43 -24.41 -13.89 -13.48
N MET B 44 -24.05 -14.73 -14.45
CA MET B 44 -23.85 -14.32 -15.83
C MET B 44 -25.17 -14.11 -16.56
N ARG B 45 -25.11 -13.39 -17.69
CA ARG B 45 -26.28 -13.16 -18.54
C ARG B 45 -26.40 -14.22 -19.64
N SER B 46 -25.25 -14.78 -20.04
CA SER B 46 -25.17 -15.89 -20.99
C SER B 46 -25.21 -17.21 -20.21
N HIS B 47 -26.19 -18.05 -20.49
CA HIS B 47 -26.35 -19.33 -19.79
C HIS B 47 -26.28 -20.51 -20.76
N VAL B 48 -25.49 -20.35 -21.82
CA VAL B 48 -25.35 -21.40 -22.83
C VAL B 48 -23.87 -21.69 -23.06
N TRP B 49 -23.52 -22.93 -23.41
CA TRP B 49 -22.13 -23.27 -23.70
C TRP B 49 -21.95 -24.52 -24.55
N GLY B 50 -20.75 -24.63 -25.13
CA GLY B 50 -20.36 -25.76 -25.95
C GLY B 50 -19.53 -26.68 -25.10
N ASN B 51 -20.21 -27.55 -24.36
CA ASN B 51 -19.58 -28.40 -23.36
C ASN B 51 -19.09 -29.72 -23.93
N VAL B 52 -17.99 -30.22 -23.39
CA VAL B 52 -17.51 -31.56 -23.69
C VAL B 52 -18.40 -32.56 -22.95
N LYS B 53 -19.05 -33.44 -23.71
CA LYS B 53 -20.00 -34.39 -23.17
C LYS B 53 -19.21 -35.67 -22.83
N LEU B 54 -18.39 -35.60 -21.80
CA LEU B 54 -17.52 -36.71 -21.47
C LEU B 54 -17.01 -36.57 -20.04
N ASP B 55 -17.24 -37.60 -19.24
CA ASP B 55 -16.68 -37.66 -17.90
C ASP B 55 -15.27 -38.21 -18.03
N THR B 56 -14.27 -37.38 -17.73
CA THR B 56 -12.86 -37.76 -17.95
C THR B 56 -12.20 -38.47 -16.76
N THR B 57 -12.96 -38.71 -15.69
CA THR B 57 -12.45 -39.44 -14.53
C THR B 57 -11.91 -40.82 -14.91
N GLY B 58 -10.67 -41.11 -14.51
CA GLY B 58 -10.05 -42.42 -14.74
C GLY B 58 -9.36 -42.62 -16.08
N LEU B 59 -9.59 -41.73 -17.04
CA LEU B 59 -9.07 -41.92 -18.41
C LEU B 59 -7.58 -41.62 -18.51
N ILE B 60 -7.03 -40.98 -17.47
CA ILE B 60 -5.60 -40.70 -17.39
C ILE B 60 -5.04 -41.22 -16.06
N ASP B 61 -3.86 -41.84 -16.12
CA ASP B 61 -3.14 -42.32 -14.94
C ASP B 61 -3.16 -41.28 -13.80
N ARG B 62 -3.40 -41.75 -12.57
CA ARG B 62 -3.48 -40.89 -11.38
C ARG B 62 -2.28 -39.97 -11.25
N LYS B 63 -1.09 -40.55 -11.38
CA LYS B 63 0.15 -39.82 -11.17
C LYS B 63 0.45 -38.80 -12.28
N VAL B 64 -0.26 -38.93 -13.40
CA VAL B 64 -0.14 -37.99 -14.51
C VAL B 64 -1.20 -36.89 -14.42
N VAL B 65 -2.46 -37.29 -14.20
CA VAL B 65 -3.58 -36.36 -14.19
C VAL B 65 -3.59 -35.41 -12.99
N ARG B 66 -2.90 -35.78 -11.91
CA ARG B 66 -2.81 -34.94 -10.72
C ARG B 66 -2.20 -33.55 -10.99
N PHE B 67 -1.32 -33.47 -11.99
CA PHE B 67 -0.72 -32.19 -12.42
C PHE B 67 -1.59 -31.36 -13.38
N MET B 68 -2.71 -31.90 -13.82
CA MET B 68 -3.42 -31.36 -14.98
C MET B 68 -4.71 -30.60 -14.66
N SER B 69 -4.92 -29.50 -15.37
CA SER B 69 -6.23 -28.86 -15.46
C SER B 69 -7.00 -29.49 -16.62
N ASP B 70 -8.25 -29.08 -16.80
CA ASP B 70 -9.08 -29.57 -17.89
C ASP B 70 -8.48 -29.32 -19.29
N ALA B 71 -7.92 -28.12 -19.51
CA ALA B 71 -7.29 -27.80 -20.79
C ALA B 71 -6.28 -28.88 -21.17
N SER B 72 -5.44 -29.28 -20.21
CA SER B 72 -4.43 -30.33 -20.41
C SER B 72 -5.06 -31.71 -20.62
N ILE B 73 -6.09 -32.03 -19.85
CA ILE B 73 -6.81 -33.29 -20.00
C ILE B 73 -7.34 -33.45 -21.43
N TYR B 74 -8.04 -32.44 -21.93
CA TYR B 74 -8.61 -32.49 -23.28
C TYR B 74 -7.53 -32.65 -24.35
N ALA B 75 -6.44 -31.89 -24.22
CA ALA B 75 -5.32 -31.99 -25.15
C ALA B 75 -4.61 -33.32 -25.05
N PHE B 76 -4.43 -33.83 -23.83
CA PHE B 76 -3.80 -35.14 -23.61
C PHE B 76 -4.59 -36.25 -24.33
N LEU B 77 -5.90 -36.24 -24.13
CA LEU B 77 -6.78 -37.23 -24.73
C LEU B 77 -6.78 -37.10 -26.26
N SER B 78 -6.80 -35.87 -26.76
CA SER B 78 -6.67 -35.61 -28.20
C SER B 78 -5.33 -36.15 -28.74
N MET B 79 -4.27 -35.98 -27.96
CA MET B 79 -2.95 -36.46 -28.38
C MET B 79 -2.83 -37.97 -28.43
N GLU B 80 -3.50 -38.66 -27.50
CA GLU B 80 -3.59 -40.13 -27.55
C GLU B 80 -4.20 -40.59 -28.86
N GLN B 81 -5.32 -39.97 -29.22
CA GLN B 81 -6.00 -40.26 -30.48
C GLN B 81 -5.10 -40.02 -31.70
N ALA B 82 -4.39 -38.91 -31.71
CA ALA B 82 -3.52 -38.52 -32.82
C ALA B 82 -2.34 -39.48 -33.00
N ILE B 83 -1.72 -39.87 -31.89
CA ILE B 83 -0.63 -40.84 -31.92
C ILE B 83 -1.10 -42.14 -32.59
N ALA B 84 -2.27 -42.61 -32.16
CA ALA B 84 -2.86 -43.84 -32.69
C ALA B 84 -3.30 -43.67 -34.13
N ASP B 85 -3.94 -42.55 -34.44
CA ASP B 85 -4.36 -42.24 -35.82
C ASP B 85 -3.19 -42.12 -36.78
N ALA B 86 -2.06 -41.61 -36.29
CA ALA B 86 -0.83 -41.52 -37.05
C ALA B 86 -0.08 -42.86 -37.12
N GLY B 87 -0.49 -43.84 -36.32
CA GLY B 87 0.15 -45.15 -36.32
C GLY B 87 1.58 -45.08 -35.82
N LEU B 88 1.80 -44.29 -34.77
CA LEU B 88 3.13 -44.12 -34.21
C LEU B 88 3.28 -44.96 -32.95
N SER B 89 4.19 -45.92 -32.97
CA SER B 89 4.49 -46.69 -31.77
C SER B 89 5.32 -45.82 -30.82
N PRO B 90 5.36 -46.18 -29.53
CA PRO B 90 6.21 -45.47 -28.58
C PRO B 90 7.65 -45.30 -29.04
N GLU B 91 8.22 -46.34 -29.62
CA GLU B 91 9.62 -46.29 -30.07
C GLU B 91 9.83 -45.32 -31.23
N ALA B 92 8.78 -45.03 -31.99
CA ALA B 92 8.85 -44.03 -33.06
C ALA B 92 9.00 -42.60 -32.54
N TYR B 93 8.26 -42.25 -31.48
CA TYR B 93 8.13 -40.85 -31.08
C TYR B 93 8.66 -40.51 -29.67
N GLN B 94 8.83 -41.51 -28.80
CA GLN B 94 9.28 -41.26 -27.43
C GLN B 94 10.80 -41.22 -27.36
N ASN B 95 11.32 -40.49 -26.39
CA ASN B 95 12.76 -40.37 -26.19
C ASN B 95 13.47 -40.04 -27.49
N ASN B 96 12.89 -39.11 -28.24
CA ASN B 96 13.36 -38.75 -29.58
C ASN B 96 13.56 -37.24 -29.74
N PRO B 97 14.83 -36.78 -29.82
CA PRO B 97 15.18 -35.38 -30.09
C PRO B 97 14.50 -34.73 -31.30
N ARG B 98 14.12 -35.53 -32.31
CA ARG B 98 13.49 -35.01 -33.52
C ARG B 98 11.97 -34.94 -33.42
N VAL B 99 11.42 -35.20 -32.22
CA VAL B 99 9.98 -35.20 -31.99
C VAL B 99 9.64 -34.21 -30.90
N GLY B 100 8.75 -33.26 -31.22
CA GLY B 100 8.42 -32.16 -30.31
C GLY B 100 6.94 -31.95 -30.09
N LEU B 101 6.62 -30.93 -29.31
CA LEU B 101 5.26 -30.67 -28.87
C LEU B 101 5.08 -29.17 -28.67
N ILE B 102 4.19 -28.57 -29.44
CA ILE B 102 3.82 -27.17 -29.31
C ILE B 102 2.31 -27.08 -29.15
N ALA B 103 1.85 -26.72 -27.96
CA ALA B 103 0.43 -26.72 -27.65
C ALA B 103 0.11 -25.79 -26.49
N GLY B 104 -0.99 -25.05 -26.61
CA GLY B 104 -1.34 -24.06 -25.60
C GLY B 104 -2.81 -23.99 -25.25
N SER B 105 -3.14 -22.99 -24.44
CA SER B 105 -4.51 -22.59 -24.19
C SER B 105 -4.55 -21.07 -24.21
N GLY B 106 -5.76 -20.53 -24.35
CA GLY B 106 -5.97 -19.09 -24.30
C GLY B 106 -5.84 -18.54 -22.88
N GLY B 107 -6.49 -19.21 -21.93
CA GLY B 107 -6.63 -18.71 -20.56
C GLY B 107 -5.83 -19.43 -19.49
N GLY B 108 -5.12 -20.50 -19.86
CA GLY B 108 -4.48 -21.38 -18.88
C GLY B 108 -5.56 -22.10 -18.08
N SER B 109 -5.62 -21.84 -16.77
CA SER B 109 -6.73 -22.30 -15.94
C SER B 109 -7.15 -21.27 -14.90
N PRO B 110 -8.05 -20.35 -15.29
CA PRO B 110 -8.68 -19.43 -14.34
C PRO B 110 -9.27 -20.16 -13.13
N ARG B 111 -9.84 -21.35 -13.35
CA ARG B 111 -10.41 -22.12 -12.26
C ARG B 111 -9.38 -22.44 -11.17
N PHE B 112 -8.21 -22.92 -11.55
CA PHE B 112 -7.20 -23.28 -10.56
C PHE B 112 -6.43 -22.08 -10.00
N GLN B 113 -6.32 -21.01 -10.77
CA GLN B 113 -5.80 -19.74 -10.24
C GLN B 113 -6.68 -19.27 -9.08
N VAL B 114 -8.00 -19.29 -9.29
CA VAL B 114 -8.96 -18.86 -8.28
C VAL B 114 -9.00 -19.83 -7.08
N PHE B 115 -8.93 -21.13 -7.36
CA PHE B 115 -8.95 -22.13 -6.29
C PHE B 115 -7.76 -21.94 -5.34
N GLY B 116 -6.56 -21.75 -5.91
CA GLY B 116 -5.36 -21.51 -5.12
C GLY B 116 -5.50 -20.31 -4.19
N ALA B 117 -6.06 -19.23 -4.73
CA ALA B 117 -6.28 -18.02 -3.95
C ALA B 117 -7.36 -18.23 -2.90
N ASP B 118 -8.44 -18.92 -3.27
CA ASP B 118 -9.51 -19.25 -2.30
C ASP B 118 -9.01 -20.10 -1.16
N ALA B 119 -8.32 -21.20 -1.50
CA ALA B 119 -7.75 -22.12 -0.51
C ALA B 119 -6.86 -21.38 0.46
N MET B 120 -5.97 -20.56 -0.08
CA MET B 120 -4.98 -19.83 0.72
C MET B 120 -5.60 -18.90 1.77
N ARG B 121 -6.77 -18.34 1.45
CA ARG B 121 -7.49 -17.44 2.37
C ARG B 121 -8.38 -18.16 3.38
N GLY B 122 -8.45 -19.48 3.29
CA GLY B 122 -9.25 -20.27 4.20
C GLY B 122 -8.48 -20.61 5.47
N PRO B 123 -9.06 -21.47 6.33
CA PRO B 123 -8.46 -21.84 7.61
C PRO B 123 -7.25 -22.78 7.46
N ARG B 124 -7.09 -23.37 6.29
CA ARG B 124 -6.03 -24.35 6.05
C ARG B 124 -4.81 -23.78 5.33
N GLY B 125 -4.97 -22.62 4.69
CA GLY B 125 -3.86 -21.94 4.00
C GLY B 125 -3.18 -22.83 2.98
N LEU B 126 -1.86 -22.98 3.12
CA LEU B 126 -1.02 -23.69 2.14
C LEU B 126 -1.35 -25.16 1.98
N LYS B 127 -1.75 -25.81 3.06
CA LYS B 127 -2.13 -27.23 3.04
C LYS B 127 -3.40 -27.50 2.23
N ALA B 128 -4.25 -26.48 2.08
CA ALA B 128 -5.42 -26.58 1.23
C ALA B 128 -5.07 -26.35 -0.25
N VAL B 129 -4.09 -25.48 -0.49
CA VAL B 129 -3.68 -25.19 -1.86
C VAL B 129 -3.14 -26.47 -2.49
N GLY B 130 -2.27 -27.16 -1.76
CA GLY B 130 -1.62 -28.38 -2.24
C GLY B 130 -0.50 -28.07 -3.22
N PRO B 131 0.29 -29.10 -3.57
CA PRO B 131 1.47 -28.94 -4.44
C PRO B 131 1.24 -29.08 -5.96
N TYR B 132 -0.02 -29.08 -6.42
CA TYR B 132 -0.30 -29.32 -7.84
C TYR B 132 -0.86 -28.13 -8.60
N VAL B 133 -1.09 -27.00 -7.93
CA VAL B 133 -1.75 -25.87 -8.55
C VAL B 133 -0.89 -25.15 -9.60
N VAL B 134 0.44 -25.12 -9.40
CA VAL B 134 1.33 -24.42 -10.35
C VAL B 134 1.19 -24.98 -11.75
N THR B 135 1.29 -26.29 -11.89
CA THR B 135 1.21 -26.95 -13.19
C THR B 135 -0.19 -26.88 -13.83
N LYS B 136 -1.20 -26.72 -12.99
CA LYS B 136 -2.57 -26.54 -13.46
C LYS B 136 -2.81 -25.11 -13.91
N ALA B 137 -2.37 -24.14 -13.10
CA ALA B 137 -2.68 -22.72 -13.33
C ALA B 137 -1.79 -22.04 -14.37
N MET B 138 -0.54 -22.49 -14.50
CA MET B 138 0.43 -21.83 -15.36
C MET B 138 0.02 -21.90 -16.83
N ALA B 139 0.42 -20.88 -17.58
CA ALA B 139 0.00 -20.68 -18.97
C ALA B 139 0.60 -21.71 -19.93
N SER B 140 1.64 -22.43 -19.49
CA SER B 140 2.28 -23.46 -20.28
C SER B 140 1.84 -24.86 -19.86
N GLY B 141 0.79 -24.95 -19.04
CA GLY B 141 0.30 -26.23 -18.52
C GLY B 141 0.03 -27.26 -19.59
N VAL B 142 -0.61 -26.85 -20.69
CA VAL B 142 -0.94 -27.80 -21.76
C VAL B 142 0.30 -28.48 -22.35
N SER B 143 1.37 -27.73 -22.59
CA SER B 143 2.59 -28.34 -23.14
C SER B 143 3.34 -29.15 -22.07
N ALA B 144 3.47 -28.56 -20.88
CA ALA B 144 4.18 -29.18 -19.78
C ALA B 144 3.57 -30.52 -19.39
N CYS B 145 2.24 -30.54 -19.29
CA CYS B 145 1.51 -31.74 -18.87
C CYS B 145 1.47 -32.88 -19.90
N LEU B 146 1.71 -32.57 -21.17
CA LEU B 146 1.74 -33.62 -22.22
C LEU B 146 3.17 -34.06 -22.54
N ALA B 147 4.09 -33.10 -22.59
CA ALA B 147 5.46 -33.37 -22.98
C ALA B 147 6.10 -34.47 -22.12
N THR B 148 5.84 -34.38 -20.81
CA THR B 148 6.42 -35.28 -19.82
C THR B 148 5.94 -36.74 -19.95
N PRO B 149 4.64 -37.02 -19.77
CA PRO B 149 4.20 -38.41 -19.88
C PRO B 149 4.40 -39.05 -21.26
N PHE B 150 4.36 -38.25 -22.32
CA PHE B 150 4.60 -38.78 -23.66
C PHE B 150 6.10 -38.87 -23.99
N LYS B 151 6.95 -38.58 -23.01
CA LYS B 151 8.40 -38.74 -23.16
C LYS B 151 8.93 -37.92 -24.32
N ILE B 152 8.43 -36.69 -24.47
CA ILE B 152 8.84 -35.85 -25.60
C ILE B 152 10.24 -35.28 -25.32
N HIS B 153 11.11 -35.41 -26.31
CA HIS B 153 12.49 -34.92 -26.19
C HIS B 153 12.80 -33.66 -27.01
N GLY B 154 12.03 -33.40 -28.06
CA GLY B 154 12.29 -32.23 -28.92
C GLY B 154 11.83 -30.90 -28.33
N VAL B 155 11.26 -30.03 -29.16
CA VAL B 155 10.72 -28.77 -28.63
C VAL B 155 9.54 -29.07 -27.71
N ASN B 156 9.35 -28.20 -26.74
CA ASN B 156 8.29 -28.33 -25.75
C ASN B 156 8.00 -26.94 -25.25
N TYR B 157 6.94 -26.33 -25.77
CA TYR B 157 6.43 -25.06 -25.25
C TYR B 157 5.04 -24.76 -25.78
N SER B 158 4.42 -23.73 -25.24
CA SER B 158 3.08 -23.33 -25.64
C SER B 158 3.17 -22.00 -26.35
N ILE B 159 2.45 -21.86 -27.46
CA ILE B 159 2.16 -20.53 -27.98
C ILE B 159 0.86 -20.11 -27.31
N SER B 160 0.70 -18.81 -27.10
CA SER B 160 -0.54 -18.25 -26.60
C SER B 160 -0.87 -16.95 -27.34
N SER B 161 -2.09 -16.88 -27.83
CA SER B 161 -2.56 -15.75 -28.62
C SER B 161 -4.09 -15.70 -28.64
N ALA B 162 -4.69 -15.82 -27.46
CA ALA B 162 -6.16 -15.85 -27.31
C ALA B 162 -6.82 -16.85 -28.29
N CYS B 163 -7.73 -16.38 -29.15
CA CYS B 163 -8.48 -17.28 -30.04
C CYS B 163 -7.66 -17.88 -31.19
N ALA B 164 -6.43 -17.39 -31.38
CA ALA B 164 -5.55 -17.89 -32.43
C ALA B 164 -4.57 -18.91 -31.91
N THR B 165 -4.60 -19.13 -30.60
CA THR B 165 -3.58 -19.91 -29.89
C THR B 165 -3.13 -21.16 -30.65
N SER B 166 -4.03 -22.12 -30.84
CA SER B 166 -3.69 -23.44 -31.39
C SER B 166 -3.36 -23.40 -32.88
N ALA B 167 -3.84 -22.36 -33.57
CA ALA B 167 -3.48 -22.12 -34.95
C ALA B 167 -2.00 -21.74 -35.08
N HIS B 168 -1.53 -20.84 -34.20
CA HIS B 168 -0.12 -20.45 -34.19
C HIS B 168 0.76 -21.63 -33.78
N CYS B 169 0.21 -22.51 -32.94
CA CYS B 169 0.91 -23.72 -32.54
C CYS B 169 1.19 -24.58 -33.76
N ILE B 170 0.19 -24.75 -34.62
CA ILE B 170 0.35 -25.55 -35.82
C ILE B 170 1.35 -24.89 -36.77
N GLY B 171 1.21 -23.58 -36.94
CA GLY B 171 2.12 -22.81 -37.79
C GLY B 171 3.56 -22.89 -37.32
N ASN B 172 3.76 -22.78 -36.01
CA ASN B 172 5.09 -22.89 -35.43
C ASN B 172 5.68 -24.28 -35.58
N ALA B 173 4.84 -25.31 -35.46
CA ALA B 173 5.26 -26.68 -35.75
C ALA B 173 5.77 -26.83 -37.18
N VAL B 174 5.05 -26.24 -38.13
CA VAL B 174 5.46 -26.25 -39.53
C VAL B 174 6.86 -25.63 -39.69
N GLU B 175 7.06 -24.46 -39.08
CA GLU B 175 8.36 -23.78 -39.08
C GLU B 175 9.50 -24.65 -38.54
N GLN B 176 9.22 -25.45 -37.52
CA GLN B 176 10.22 -26.36 -36.96
C GLN B 176 10.64 -27.42 -37.96
N ILE B 177 9.66 -27.92 -38.73
CA ILE B 177 9.92 -28.82 -39.85
C ILE B 177 10.68 -28.10 -40.97
N GLN B 178 10.19 -26.91 -41.36
CA GLN B 178 10.83 -26.15 -42.43
C GLN B 178 12.30 -25.83 -42.13
N LEU B 179 12.62 -25.58 -40.86
CA LEU B 179 13.97 -25.26 -40.43
C LEU B 179 14.84 -26.50 -40.27
N GLY B 180 14.27 -27.68 -40.51
CA GLY B 180 14.96 -28.94 -40.34
C GLY B 180 15.26 -29.36 -38.91
N LYS B 181 14.61 -28.74 -37.92
CA LYS B 181 14.90 -29.05 -36.51
C LYS B 181 14.15 -30.26 -35.94
N GLN B 182 13.02 -30.60 -36.56
CA GLN B 182 12.16 -31.68 -36.08
C GLN B 182 11.59 -32.45 -37.28
N ASP B 183 11.39 -33.75 -37.10
CA ASP B 183 10.69 -34.58 -38.08
C ASP B 183 9.20 -34.63 -37.78
N ILE B 184 8.86 -34.59 -36.50
CA ILE B 184 7.47 -34.61 -36.04
C ILE B 184 7.29 -33.58 -34.92
N VAL B 185 6.20 -32.81 -35.02
CA VAL B 185 5.76 -31.94 -33.93
C VAL B 185 4.26 -32.15 -33.71
N PHE B 186 3.91 -32.54 -32.49
CA PHE B 186 2.52 -32.60 -32.08
C PHE B 186 2.09 -31.18 -31.79
N ALA B 187 1.04 -30.73 -32.48
CA ALA B 187 0.58 -29.35 -32.37
C ALA B 187 -0.91 -29.33 -32.09
N GLY B 188 -1.32 -28.46 -31.17
CA GLY B 188 -2.72 -28.25 -30.90
C GLY B 188 -2.95 -27.42 -29.65
N GLY B 189 -3.95 -27.79 -28.87
CA GLY B 189 -4.26 -27.04 -27.66
C GLY B 189 -5.47 -27.58 -26.94
N GLY B 190 -5.80 -26.95 -25.82
CA GLY B 190 -6.98 -27.29 -25.06
C GLY B 190 -7.54 -26.07 -24.36
N GLU B 191 -8.78 -26.16 -23.88
CA GLU B 191 -9.36 -25.07 -23.13
C GLU B 191 -10.39 -25.59 -22.15
N GLU B 192 -10.27 -25.14 -20.89
CA GLU B 192 -11.28 -25.47 -19.89
C GLU B 192 -12.54 -24.63 -20.11
N LEU B 193 -13.64 -25.14 -19.59
CA LEU B 193 -14.93 -24.45 -19.65
C LEU B 193 -15.42 -24.23 -18.23
N CYS B 194 -15.54 -22.97 -17.83
CA CYS B 194 -15.85 -22.63 -16.45
C CYS B 194 -16.34 -21.19 -16.34
N TRP B 195 -17.16 -20.91 -15.32
CA TRP B 195 -17.67 -19.56 -15.12
C TRP B 195 -16.55 -18.56 -14.80
N GLU B 196 -15.48 -19.04 -14.15
CA GLU B 196 -14.35 -18.20 -13.79
C GLU B 196 -13.83 -17.40 -14.98
N MET B 197 -13.70 -18.07 -16.12
CA MET B 197 -13.26 -17.42 -17.36
C MET B 197 -14.40 -16.76 -18.13
N ALA B 198 -15.52 -17.46 -18.22
CA ALA B 198 -16.65 -17.02 -19.05
C ALA B 198 -17.21 -15.69 -18.61
N CYS B 199 -17.23 -15.44 -17.30
CA CYS B 199 -17.82 -14.21 -16.78
C CYS B 199 -17.00 -12.98 -17.23
N GLU B 200 -15.72 -13.18 -17.50
CA GLU B 200 -14.84 -12.11 -17.99
C GLU B 200 -15.23 -11.64 -19.39
N PHE B 201 -15.59 -12.60 -20.25
CA PHE B 201 -16.10 -12.31 -21.58
C PHE B 201 -17.51 -11.74 -21.52
N ASP B 202 -18.32 -12.26 -20.59
CA ASP B 202 -19.66 -11.72 -20.39
C ASP B 202 -19.59 -10.28 -19.88
N ALA B 203 -18.63 -9.99 -19.01
CA ALA B 203 -18.46 -8.66 -18.44
C ALA B 203 -18.08 -7.58 -19.47
N MET B 204 -17.58 -7.99 -20.64
CA MET B 204 -17.29 -7.04 -21.74
C MET B 204 -18.34 -7.11 -22.86
N GLY B 205 -19.37 -7.91 -22.67
CA GLY B 205 -20.46 -8.03 -23.64
C GLY B 205 -20.17 -8.88 -24.86
N ALA B 206 -19.17 -9.76 -24.78
CA ALA B 206 -18.77 -10.57 -25.93
C ALA B 206 -19.61 -11.85 -26.13
N LEU B 207 -20.31 -12.30 -25.07
CA LEU B 207 -21.10 -13.54 -25.13
C LEU B 207 -22.58 -13.33 -25.46
N SER B 208 -23.18 -14.33 -26.11
CA SER B 208 -24.61 -14.34 -26.44
C SER B 208 -25.51 -14.44 -25.18
N THR B 209 -26.54 -13.58 -25.12
CA THR B 209 -27.47 -13.53 -23.98
C THR B 209 -28.99 -13.58 -24.29
N LYS B 210 -29.38 -13.38 -25.56
CA LYS B 210 -30.82 -13.33 -25.93
C LYS B 210 -31.46 -14.70 -26.19
N TYR B 211 -30.66 -15.78 -26.17
CA TYR B 211 -31.12 -17.08 -26.66
C TYR B 211 -30.99 -18.23 -25.64
N ASN B 212 -30.98 -17.89 -24.36
CA ASN B 212 -30.82 -18.88 -23.30
C ASN B 212 -31.93 -19.93 -23.23
N ASP B 213 -33.14 -19.57 -23.68
CA ASP B 213 -34.27 -20.51 -23.76
C ASP B 213 -34.15 -21.51 -24.91
N THR B 214 -33.37 -21.15 -25.93
CA THR B 214 -33.13 -22.00 -27.10
C THR B 214 -31.62 -22.07 -27.34
N PRO B 215 -30.88 -22.82 -26.48
CA PRO B 215 -29.41 -22.90 -26.53
C PRO B 215 -28.79 -23.20 -27.90
N GLU B 216 -29.45 -24.05 -28.69
CA GLU B 216 -28.94 -24.45 -29.99
C GLU B 216 -29.05 -23.37 -31.07
N LYS B 217 -29.86 -22.34 -30.82
CA LYS B 217 -30.03 -21.22 -31.75
C LYS B 217 -29.19 -20.00 -31.34
N ALA B 218 -28.44 -20.12 -30.25
CA ALA B 218 -27.68 -19.01 -29.68
C ALA B 218 -26.51 -18.59 -30.59
N SER B 219 -25.77 -19.58 -31.09
CA SER B 219 -24.63 -19.34 -31.97
C SER B 219 -25.13 -19.34 -33.41
N ARG B 220 -24.96 -18.22 -34.09
CA ARG B 220 -25.66 -18.00 -35.34
C ARG B 220 -24.89 -17.04 -36.25
N THR B 221 -23.65 -17.41 -36.53
CA THR B 221 -22.77 -16.62 -37.37
C THR B 221 -23.48 -16.18 -38.67
N TYR B 222 -23.39 -14.87 -38.96
CA TYR B 222 -23.94 -14.24 -40.18
C TYR B 222 -25.45 -13.97 -40.14
N ASP B 223 -26.13 -14.40 -39.09
CA ASP B 223 -27.53 -14.10 -38.92
C ASP B 223 -27.70 -12.65 -38.47
N ALA B 224 -28.73 -11.99 -39.00
CA ALA B 224 -29.00 -10.58 -38.67
C ALA B 224 -29.23 -10.29 -37.18
N HIS B 225 -29.61 -11.31 -36.40
CA HIS B 225 -29.90 -11.12 -34.97
C HIS B 225 -28.93 -11.83 -34.02
N ARG B 226 -27.69 -12.00 -34.48
CA ARG B 226 -26.63 -12.54 -33.64
C ARG B 226 -26.27 -11.54 -32.54
N ASP B 227 -25.94 -12.04 -31.35
CA ASP B 227 -25.68 -11.15 -30.21
C ASP B 227 -24.45 -11.53 -29.38
N GLY B 228 -23.46 -12.16 -30.01
CA GLY B 228 -22.23 -12.55 -29.30
C GLY B 228 -21.93 -14.03 -29.46
N PHE B 229 -20.73 -14.45 -29.04
CA PHE B 229 -20.33 -15.85 -29.21
C PHE B 229 -20.76 -16.71 -28.01
N VAL B 230 -20.76 -18.02 -28.23
CA VAL B 230 -21.13 -18.99 -27.19
C VAL B 230 -19.84 -19.69 -26.79
N ILE B 231 -19.44 -19.49 -25.54
CA ILE B 231 -18.19 -20.04 -25.07
C ILE B 231 -18.25 -21.58 -25.05
N ALA B 232 -17.12 -22.20 -25.37
CA ALA B 232 -17.00 -23.64 -25.42
C ALA B 232 -15.66 -24.06 -24.85
N GLY B 233 -15.51 -25.36 -24.65
CA GLY B 233 -14.23 -25.94 -24.24
C GLY B 233 -13.94 -27.21 -25.03
N GLY B 234 -12.78 -27.77 -24.78
CA GLY B 234 -12.37 -28.99 -25.44
C GLY B 234 -10.90 -28.91 -25.82
N GLY B 235 -10.50 -29.81 -26.71
CA GLY B 235 -9.10 -29.92 -27.09
C GLY B 235 -8.94 -30.48 -28.48
N GLY B 236 -7.76 -30.29 -29.04
CA GLY B 236 -7.40 -30.90 -30.31
C GLY B 236 -5.90 -31.08 -30.43
N MET B 237 -5.50 -31.99 -31.31
CA MET B 237 -4.10 -32.20 -31.61
C MET B 237 -3.98 -32.79 -33.00
N VAL B 238 -2.97 -32.33 -33.73
CA VAL B 238 -2.63 -32.88 -35.03
C VAL B 238 -1.17 -33.28 -35.00
N VAL B 239 -0.81 -34.25 -35.84
CA VAL B 239 0.58 -34.65 -36.00
C VAL B 239 1.14 -33.96 -37.22
N VAL B 240 2.01 -32.97 -37.00
CA VAL B 240 2.69 -32.28 -38.07
C VAL B 240 3.98 -33.04 -38.31
N GLU B 241 4.23 -33.41 -39.56
CA GLU B 241 5.34 -34.30 -39.87
C GLU B 241 6.03 -33.89 -41.17
N GLU B 242 7.35 -34.05 -41.20
CA GLU B 242 8.12 -33.77 -42.40
C GLU B 242 7.71 -34.78 -43.48
N LEU B 243 7.53 -34.30 -44.72
CA LEU B 243 6.99 -35.13 -45.80
C LEU B 243 7.77 -36.42 -46.06
N GLU B 244 9.09 -36.32 -46.24
CA GLU B 244 9.88 -37.52 -46.57
C GLU B 244 9.79 -38.55 -45.44
N HIS B 245 9.77 -38.07 -44.20
CA HIS B 245 9.60 -38.92 -43.03
C HIS B 245 8.28 -39.71 -43.07
N ALA B 246 7.19 -39.00 -43.40
CA ALA B 246 5.87 -39.62 -43.48
C ALA B 246 5.79 -40.68 -44.56
N LEU B 247 6.20 -40.32 -45.77
CA LEU B 247 6.26 -41.26 -46.90
C LEU B 247 7.11 -42.49 -46.58
N ALA B 248 8.29 -42.25 -46.01
CA ALA B 248 9.21 -43.33 -45.66
C ALA B 248 8.56 -44.41 -44.77
N ARG B 249 7.76 -43.99 -43.79
CA ARG B 249 7.10 -44.95 -42.91
C ARG B 249 5.69 -45.35 -43.38
N GLY B 250 5.28 -44.86 -44.55
CA GLY B 250 3.97 -45.22 -45.12
C GLY B 250 2.79 -44.59 -44.39
N ALA B 251 3.02 -43.42 -43.79
CA ALA B 251 1.98 -42.69 -43.07
C ALA B 251 0.80 -42.37 -43.96
N HIS B 252 -0.39 -42.33 -43.37
CA HIS B 252 -1.57 -41.80 -44.07
C HIS B 252 -1.51 -40.29 -43.95
N ILE B 253 -1.47 -39.59 -45.09
CA ILE B 253 -1.42 -38.12 -45.09
C ILE B 253 -2.81 -37.54 -45.38
N TYR B 254 -3.25 -36.63 -44.53
CA TYR B 254 -4.51 -35.94 -44.72
C TYR B 254 -4.32 -34.81 -45.74
N ALA B 255 -3.29 -34.01 -45.50
CA ALA B 255 -3.01 -32.83 -46.30
C ALA B 255 -1.61 -32.32 -46.01
N GLU B 256 -1.12 -31.49 -46.92
CA GLU B 256 0.08 -30.69 -46.67
C GLU B 256 -0.35 -29.31 -46.19
N ILE B 257 0.40 -28.75 -45.23
CA ILE B 257 0.26 -27.34 -44.89
C ILE B 257 1.04 -26.51 -45.90
N VAL B 258 0.32 -25.96 -46.87
CA VAL B 258 0.95 -25.20 -47.96
C VAL B 258 1.00 -23.70 -47.66
N GLY B 259 0.33 -23.27 -46.60
CA GLY B 259 0.27 -21.85 -46.27
C GLY B 259 0.03 -21.58 -44.81
N TYR B 260 0.74 -20.60 -44.28
CA TYR B 260 0.63 -20.17 -42.89
C TYR B 260 0.85 -18.67 -42.81
N GLY B 261 -0.19 -17.95 -42.42
CA GLY B 261 -0.10 -16.51 -42.21
C GLY B 261 -0.14 -16.21 -40.73
N ALA B 262 0.73 -15.31 -40.30
CA ALA B 262 0.69 -14.81 -38.92
C ALA B 262 0.96 -13.30 -38.94
N THR B 263 -0.02 -12.51 -38.55
CA THR B 263 0.10 -11.04 -38.58
C THR B 263 -0.47 -10.40 -37.32
N SER B 264 -0.35 -9.07 -37.25
CA SER B 264 -0.84 -8.27 -36.14
C SER B 264 -1.64 -7.05 -36.65
N ASP B 265 -2.71 -6.67 -35.96
CA ASP B 265 -3.47 -5.46 -36.32
C ASP B 265 -2.75 -4.15 -35.98
N GLY B 266 -2.21 -4.08 -34.76
CA GLY B 266 -1.61 -2.84 -34.25
C GLY B 266 -2.61 -1.70 -34.20
N ALA B 267 -3.84 -1.99 -33.78
CA ALA B 267 -4.95 -1.03 -33.85
C ALA B 267 -5.69 -0.91 -32.51
N ASP B 268 -6.63 -1.83 -32.30
CA ASP B 268 -7.51 -1.88 -31.13
C ASP B 268 -7.36 -3.22 -30.40
N MET B 269 -7.74 -3.25 -29.13
CA MET B 269 -7.53 -4.44 -28.28
C MET B 269 -8.53 -5.57 -28.47
N VAL B 270 -9.79 -5.21 -28.67
CA VAL B 270 -10.87 -6.20 -28.68
C VAL B 270 -11.81 -6.07 -29.89
N ALA B 271 -11.51 -5.14 -30.79
CA ALA B 271 -12.24 -5.00 -32.05
C ALA B 271 -11.28 -5.19 -33.22
N PRO B 272 -11.66 -6.04 -34.19
CA PRO B 272 -10.76 -6.35 -35.31
C PRO B 272 -10.62 -5.20 -36.30
N SER B 273 -9.46 -5.07 -36.93
CA SER B 273 -9.21 -3.98 -37.89
C SER B 273 -9.58 -4.35 -39.34
N GLY B 274 -9.61 -5.65 -39.65
CA GLY B 274 -9.86 -6.12 -41.01
C GLY B 274 -8.58 -6.15 -41.82
N GLU B 275 -7.91 -5.00 -41.88
CA GLU B 275 -6.53 -4.90 -42.34
C GLU B 275 -5.74 -5.84 -41.45
N GLY B 276 -4.79 -6.57 -41.97
CA GLY B 276 -4.08 -7.49 -41.06
C GLY B 276 -4.62 -8.89 -41.19
N ALA B 277 -5.94 -9.05 -41.09
CA ALA B 277 -6.60 -10.30 -41.52
C ALA B 277 -6.45 -10.48 -43.01
N VAL B 278 -6.63 -9.38 -43.77
CA VAL B 278 -6.33 -9.37 -45.21
C VAL B 278 -4.89 -9.80 -45.44
N ARG B 279 -3.96 -9.17 -44.71
CA ARG B 279 -2.54 -9.47 -44.82
C ARG B 279 -2.22 -10.90 -44.41
N CYS B 280 -2.91 -11.38 -43.37
CA CYS B 280 -2.72 -12.74 -42.87
C CYS B 280 -3.09 -13.78 -43.93
N MET B 281 -4.26 -13.59 -44.54
CA MET B 281 -4.74 -14.50 -45.59
C MET B 281 -3.88 -14.42 -46.85
N LYS B 282 -3.51 -13.22 -47.26
CA LYS B 282 -2.60 -13.06 -48.40
C LYS B 282 -1.28 -13.78 -48.12
N MET B 283 -0.76 -13.59 -46.91
CA MET B 283 0.47 -14.27 -46.51
C MET B 283 0.35 -15.79 -46.60
N ALA B 284 -0.80 -16.32 -46.21
CA ALA B 284 -1.05 -17.74 -46.26
C ALA B 284 -1.19 -18.25 -47.70
N MET B 285 -1.57 -17.37 -48.63
CA MET B 285 -1.76 -17.74 -50.04
C MET B 285 -0.49 -17.59 -50.89
N HIS B 286 0.59 -17.06 -50.31
CA HIS B 286 1.82 -16.83 -51.07
C HIS B 286 2.35 -18.15 -51.64
N GLY B 287 2.53 -18.20 -52.95
CA GLY B 287 3.01 -19.42 -53.61
C GLY B 287 2.00 -20.55 -53.75
N VAL B 288 0.77 -20.34 -53.27
CA VAL B 288 -0.29 -21.32 -53.44
C VAL B 288 -1.03 -20.95 -54.70
N ASP B 289 -0.89 -21.79 -55.73
CA ASP B 289 -1.46 -21.51 -57.05
C ASP B 289 -2.69 -22.38 -57.36
N THR B 290 -3.23 -23.08 -56.37
CA THR B 290 -4.56 -23.69 -56.50
C THR B 290 -5.58 -22.80 -55.81
N PRO B 291 -6.84 -22.83 -56.28
CA PRO B 291 -7.85 -21.98 -55.66
C PRO B 291 -8.31 -22.55 -54.32
N ILE B 292 -8.73 -21.67 -53.41
CA ILE B 292 -9.33 -22.10 -52.16
C ILE B 292 -10.73 -22.59 -52.46
N ASP B 293 -10.98 -23.86 -52.15
CA ASP B 293 -12.27 -24.50 -52.40
C ASP B 293 -13.24 -24.29 -51.24
N TYR B 294 -12.70 -24.17 -50.02
CA TYR B 294 -13.53 -23.94 -48.84
C TYR B 294 -12.77 -23.15 -47.78
N LEU B 295 -13.46 -22.18 -47.18
CA LEU B 295 -12.90 -21.38 -46.09
C LEU B 295 -13.72 -21.55 -44.81
N ASN B 296 -13.10 -22.15 -43.81
CA ASN B 296 -13.65 -22.22 -42.45
C ASN B 296 -13.34 -20.91 -41.74
N SER B 297 -14.35 -20.07 -41.60
CA SER B 297 -14.18 -18.74 -41.06
C SER B 297 -14.01 -18.79 -39.55
N HIS B 298 -13.36 -17.76 -39.02
CA HIS B 298 -13.28 -17.58 -37.58
C HIS B 298 -14.70 -17.38 -37.04
N GLY B 299 -15.45 -16.49 -37.69
CA GLY B 299 -16.91 -16.38 -37.55
C GLY B 299 -17.53 -16.79 -36.23
N THR B 300 -17.36 -15.93 -35.22
CA THR B 300 -17.68 -16.26 -33.83
C THR B 300 -19.13 -15.99 -33.45
N SER B 301 -19.85 -15.29 -34.33
CA SER B 301 -21.24 -14.88 -34.15
C SER B 301 -21.40 -13.62 -33.28
N THR B 302 -20.40 -12.72 -33.42
CA THR B 302 -20.43 -11.37 -32.86
C THR B 302 -20.88 -10.39 -33.97
N PRO B 303 -21.63 -9.33 -33.61
CA PRO B 303 -22.03 -8.29 -34.62
C PRO B 303 -20.88 -7.72 -35.47
N VAL B 304 -19.90 -7.08 -34.84
CA VAL B 304 -18.80 -6.43 -35.57
C VAL B 304 -17.88 -7.45 -36.23
N GLY B 305 -17.48 -8.48 -35.48
CA GLY B 305 -16.48 -9.44 -35.94
C GLY B 305 -16.80 -10.21 -37.21
N ASP B 306 -18.04 -10.69 -37.30
CA ASP B 306 -18.47 -11.49 -38.46
C ASP B 306 -18.30 -10.76 -39.79
N VAL B 307 -18.75 -9.52 -39.86
CA VAL B 307 -18.70 -8.74 -41.10
C VAL B 307 -17.31 -8.15 -41.39
N LYS B 308 -16.54 -7.89 -40.35
CA LYS B 308 -15.14 -7.46 -40.54
C LYS B 308 -14.36 -8.53 -41.28
N GLU B 309 -14.56 -9.79 -40.88
CA GLU B 309 -13.90 -10.91 -41.54
C GLU B 309 -14.47 -11.11 -42.94
N LEU B 310 -15.77 -10.94 -43.10
CA LEU B 310 -16.36 -11.06 -44.45
C LEU B 310 -15.78 -10.03 -45.41
N ALA B 311 -15.52 -8.82 -44.92
CA ALA B 311 -14.93 -7.76 -45.73
C ALA B 311 -13.49 -8.14 -46.12
N ALA B 312 -12.74 -8.69 -45.17
CA ALA B 312 -11.38 -9.12 -45.44
C ALA B 312 -11.34 -10.23 -46.48
N ILE B 313 -12.29 -11.15 -46.41
CA ILE B 313 -12.38 -12.25 -47.37
C ILE B 313 -12.58 -11.67 -48.77
N ARG B 314 -13.49 -10.70 -48.88
CA ARG B 314 -13.81 -10.04 -50.16
C ARG B 314 -12.60 -9.36 -50.77
N GLU B 315 -11.88 -8.61 -49.95
CA GLU B 315 -10.72 -7.87 -50.40
C GLU B 315 -9.62 -8.82 -50.88
N VAL B 316 -9.41 -9.92 -50.15
CA VAL B 316 -8.45 -10.95 -50.55
C VAL B 316 -8.86 -11.70 -51.83
N PHE B 317 -10.15 -12.05 -51.93
CA PHE B 317 -10.61 -12.94 -53.01
C PHE B 317 -11.40 -12.26 -54.13
N GLY B 318 -11.91 -11.06 -53.87
CA GLY B 318 -12.70 -10.32 -54.87
C GLY B 318 -13.87 -11.13 -55.39
N ASP B 319 -13.91 -11.34 -56.70
CA ASP B 319 -15.00 -12.04 -57.36
C ASP B 319 -14.72 -13.54 -57.54
N LYS B 320 -13.63 -14.03 -56.95
CA LYS B 320 -13.38 -15.49 -56.91
C LYS B 320 -13.43 -16.03 -55.47
N SER B 321 -14.38 -15.53 -54.68
CA SER B 321 -14.49 -15.93 -53.26
C SER B 321 -14.99 -17.36 -53.11
N PRO B 322 -14.44 -18.09 -52.14
CA PRO B 322 -14.73 -19.50 -52.05
C PRO B 322 -16.00 -19.79 -51.26
N ALA B 323 -16.40 -21.06 -51.23
CA ALA B 323 -17.47 -21.52 -50.35
C ALA B 323 -17.06 -21.25 -48.89
N ILE B 324 -17.94 -20.60 -48.13
CA ILE B 324 -17.66 -20.25 -46.72
C ILE B 324 -18.66 -20.93 -45.80
N SER B 325 -18.19 -21.45 -44.66
CA SER B 325 -19.08 -21.72 -43.53
C SER B 325 -18.38 -21.50 -42.17
N ALA B 326 -19.18 -21.09 -41.19
CA ALA B 326 -18.72 -20.87 -39.83
C ALA B 326 -19.21 -22.02 -38.94
N THR B 327 -18.30 -22.95 -38.64
CA THR B 327 -18.67 -24.12 -37.84
C THR B 327 -18.93 -23.80 -36.37
N LYS B 328 -18.51 -22.64 -35.90
CA LYS B 328 -18.85 -22.17 -34.56
C LYS B 328 -20.36 -22.00 -34.32
N ALA B 329 -21.13 -21.87 -35.39
CA ALA B 329 -22.60 -21.87 -35.26
C ALA B 329 -23.11 -23.21 -34.69
N MET B 330 -22.36 -24.28 -34.96
CA MET B 330 -22.61 -25.59 -34.35
C MET B 330 -21.88 -25.79 -33.02
N THR B 331 -20.59 -25.44 -32.97
CA THR B 331 -19.70 -25.89 -31.89
C THR B 331 -19.57 -24.91 -30.73
N GLY B 332 -19.87 -23.64 -30.96
CA GLY B 332 -19.45 -22.60 -30.02
C GLY B 332 -17.98 -22.30 -30.23
N HIS B 333 -17.47 -21.39 -29.41
CA HIS B 333 -16.12 -20.84 -29.53
C HIS B 333 -15.23 -21.40 -28.44
N SER B 334 -14.33 -22.32 -28.79
CA SER B 334 -13.44 -22.96 -27.81
C SER B 334 -12.12 -22.22 -27.58
N LEU B 335 -12.06 -20.98 -28.04
CA LEU B 335 -10.95 -20.05 -27.73
C LEU B 335 -9.61 -20.63 -28.17
N GLY B 336 -8.69 -20.89 -27.23
CA GLY B 336 -7.39 -21.44 -27.56
C GLY B 336 -7.42 -22.73 -28.38
N ALA B 337 -8.46 -23.55 -28.18
CA ALA B 337 -8.60 -24.84 -28.86
C ALA B 337 -9.24 -24.74 -30.24
N ALA B 338 -9.81 -23.58 -30.56
CA ALA B 338 -10.56 -23.36 -31.79
C ALA B 338 -9.72 -23.60 -33.05
N GLY B 339 -8.50 -23.09 -33.08
CA GLY B 339 -7.62 -23.24 -34.24
C GLY B 339 -7.35 -24.68 -34.66
N VAL B 340 -7.01 -25.52 -33.69
CA VAL B 340 -6.74 -26.92 -34.01
C VAL B 340 -8.03 -27.70 -34.30
N GLN B 341 -9.09 -27.40 -33.56
CA GLN B 341 -10.38 -28.05 -33.79
C GLN B 341 -10.92 -27.72 -35.18
N GLU B 342 -10.79 -26.46 -35.58
CA GLU B 342 -11.30 -26.03 -36.87
C GLU B 342 -10.42 -26.48 -38.04
N ALA B 343 -9.11 -26.53 -37.82
CA ALA B 343 -8.22 -27.22 -38.77
C ALA B 343 -8.66 -28.66 -38.95
N ILE B 344 -8.96 -29.34 -37.85
CA ILE B 344 -9.45 -30.72 -37.90
C ILE B 344 -10.79 -30.84 -38.65
N TYR B 345 -11.73 -29.95 -38.36
CA TYR B 345 -12.99 -29.95 -39.09
C TYR B 345 -12.75 -29.80 -40.58
N SER B 346 -11.84 -28.88 -40.93
CA SER B 346 -11.52 -28.60 -42.34
C SER B 346 -10.80 -29.79 -42.98
N LEU B 347 -9.93 -30.44 -42.22
CA LEU B 347 -9.25 -31.66 -42.65
C LEU B 347 -10.25 -32.79 -42.91
N LEU B 348 -11.30 -32.86 -42.10
CA LEU B 348 -12.35 -33.89 -42.28
C LEU B 348 -13.18 -33.65 -43.53
N MET B 349 -13.51 -32.38 -43.76
CA MET B 349 -14.18 -31.97 -45.00
C MET B 349 -13.34 -32.31 -46.23
N LEU B 350 -12.04 -32.09 -46.12
CA LEU B 350 -11.10 -32.39 -47.20
C LEU B 350 -11.05 -33.89 -47.47
N GLU B 351 -10.84 -34.65 -46.39
CA GLU B 351 -10.78 -36.11 -46.46
C GLU B 351 -12.06 -36.76 -47.00
N HIS B 352 -13.23 -36.31 -46.55
CA HIS B 352 -14.50 -37.00 -46.86
C HIS B 352 -15.35 -36.31 -47.93
N GLY B 353 -14.84 -35.23 -48.50
CA GLY B 353 -15.47 -34.58 -49.64
C GLY B 353 -16.83 -33.97 -49.36
N PHE B 354 -16.89 -33.07 -48.38
CA PHE B 354 -18.12 -32.33 -48.11
C PHE B 354 -17.81 -30.99 -47.46
N ILE B 355 -18.80 -30.11 -47.48
CA ILE B 355 -18.72 -28.81 -46.85
C ILE B 355 -19.77 -28.81 -45.74
N ALA B 356 -19.33 -28.54 -44.51
CA ALA B 356 -20.22 -28.49 -43.36
C ALA B 356 -21.07 -27.22 -43.41
N PRO B 357 -22.32 -27.30 -42.94
CA PRO B 357 -23.22 -26.15 -43.03
C PRO B 357 -22.95 -25.05 -42.00
N SER B 358 -23.05 -23.81 -42.45
CA SER B 358 -23.11 -22.64 -41.57
C SER B 358 -24.57 -22.55 -41.11
N ILE B 359 -24.85 -23.03 -39.89
CA ILE B 359 -26.24 -23.15 -39.42
C ILE B 359 -26.78 -21.89 -38.71
N ASN B 360 -28.09 -21.88 -38.51
CA ASN B 360 -28.82 -20.85 -37.77
C ASN B 360 -28.90 -19.48 -38.43
N ILE B 361 -28.75 -19.43 -39.75
CA ILE B 361 -28.96 -18.17 -40.49
C ILE B 361 -30.42 -18.11 -40.91
N GLU B 362 -31.23 -17.44 -40.08
CA GLU B 362 -32.66 -17.22 -40.36
C GLU B 362 -32.84 -16.01 -41.25
N GLU B 363 -32.02 -15.00 -41.05
CA GLU B 363 -32.00 -13.80 -41.87
C GLU B 363 -30.53 -13.42 -42.12
N LEU B 364 -30.09 -13.59 -43.36
CA LEU B 364 -28.70 -13.37 -43.73
C LEU B 364 -28.39 -11.88 -43.60
N ASP B 365 -27.28 -11.56 -42.95
CA ASP B 365 -26.85 -10.18 -42.79
C ASP B 365 -26.59 -9.58 -44.17
N GLU B 366 -27.12 -8.38 -44.40
CA GLU B 366 -27.02 -7.74 -45.72
C GLU B 366 -25.59 -7.42 -46.16
N GLN B 367 -24.68 -7.28 -45.20
CA GLN B 367 -23.25 -7.15 -45.53
C GLN B 367 -22.66 -8.46 -46.06
N ALA B 368 -23.38 -9.56 -45.90
CA ALA B 368 -22.96 -10.87 -46.44
C ALA B 368 -23.57 -11.19 -47.80
N ALA B 369 -24.24 -10.21 -48.40
CA ALA B 369 -24.90 -10.44 -49.68
C ALA B 369 -23.87 -10.73 -50.77
N GLY B 370 -24.21 -11.63 -51.68
CA GLY B 370 -23.31 -12.01 -52.76
C GLY B 370 -22.47 -13.24 -52.48
N LEU B 371 -21.97 -13.39 -51.25
CA LEU B 371 -20.97 -14.40 -50.92
C LEU B 371 -21.54 -15.82 -50.97
N ASN B 372 -20.66 -16.82 -51.09
CA ASN B 372 -21.08 -18.22 -51.15
C ASN B 372 -21.02 -18.90 -49.77
N ILE B 373 -21.88 -18.42 -48.88
CA ILE B 373 -22.00 -19.00 -47.55
C ILE B 373 -22.92 -20.21 -47.62
N VAL B 374 -22.37 -21.40 -47.34
CA VAL B 374 -23.14 -22.63 -47.50
C VAL B 374 -23.87 -22.97 -46.19
N THR B 375 -25.18 -23.11 -46.30
CA THR B 375 -26.08 -23.31 -45.17
C THR B 375 -26.63 -24.74 -45.15
N GLU B 376 -26.12 -25.58 -46.05
CA GLU B 376 -26.61 -26.94 -46.21
C GLU B 376 -25.44 -27.87 -46.47
N THR B 377 -25.42 -29.04 -45.84
CA THR B 377 -24.36 -29.99 -46.11
C THR B 377 -24.31 -30.27 -47.62
N THR B 378 -23.13 -30.12 -48.20
CA THR B 378 -22.93 -30.21 -49.62
C THR B 378 -21.77 -31.15 -49.89
N ASP B 379 -22.01 -32.19 -50.68
CA ASP B 379 -20.94 -33.08 -51.12
C ASP B 379 -20.18 -32.37 -52.23
N ARG B 380 -18.85 -32.38 -52.10
CA ARG B 380 -17.98 -31.71 -53.04
C ARG B 380 -16.56 -32.27 -52.91
N GLU B 381 -15.90 -32.45 -54.04
CA GLU B 381 -14.49 -32.77 -54.05
C GLU B 381 -13.77 -31.48 -53.74
N LEU B 382 -13.08 -31.46 -52.60
CA LEU B 382 -12.27 -30.31 -52.22
C LEU B 382 -10.80 -30.71 -52.34
N THR B 383 -9.97 -29.75 -52.72
CA THR B 383 -8.55 -29.96 -52.86
C THR B 383 -7.78 -29.06 -51.91
N THR B 384 -8.18 -27.79 -51.82
CA THR B 384 -7.47 -26.81 -51.00
C THR B 384 -8.45 -26.09 -50.08
N VAL B 385 -8.09 -26.00 -48.79
CA VAL B 385 -8.95 -25.36 -47.80
C VAL B 385 -8.18 -24.38 -46.91
N MET B 386 -8.90 -23.37 -46.41
CA MET B 386 -8.37 -22.30 -45.59
C MET B 386 -9.17 -22.20 -44.30
N SER B 387 -8.49 -21.88 -43.21
CA SER B 387 -9.11 -21.72 -41.89
C SER B 387 -8.51 -20.50 -41.18
N ASN B 388 -9.37 -19.58 -40.74
CA ASN B 388 -8.96 -18.34 -40.09
C ASN B 388 -9.12 -18.36 -38.56
N SER B 389 -8.12 -17.82 -37.87
CA SER B 389 -8.15 -17.69 -36.41
C SER B 389 -7.67 -16.29 -36.03
N PHE B 390 -8.57 -15.50 -35.45
CA PHE B 390 -8.26 -14.15 -34.98
C PHE B 390 -8.58 -14.06 -33.50
N GLY B 391 -7.70 -13.46 -32.71
CA GLY B 391 -7.95 -13.31 -31.27
C GLY B 391 -7.87 -11.87 -30.80
N PHE B 392 -8.24 -11.64 -29.53
CA PHE B 392 -8.04 -10.32 -28.92
C PHE B 392 -6.55 -9.97 -28.91
N GLY B 393 -6.27 -8.67 -28.89
CA GLY B 393 -4.90 -8.19 -28.99
C GLY B 393 -4.44 -7.99 -30.42
N GLY B 394 -5.32 -8.30 -31.38
CA GLY B 394 -5.06 -8.05 -32.79
C GLY B 394 -4.17 -9.09 -33.42
N THR B 395 -4.27 -10.33 -32.95
CA THR B 395 -3.38 -11.39 -33.37
C THR B 395 -4.08 -12.32 -34.35
N ASN B 396 -3.47 -12.52 -35.52
CA ASN B 396 -4.09 -13.22 -36.64
C ASN B 396 -3.31 -14.44 -37.11
N ALA B 397 -4.04 -15.51 -37.42
CA ALA B 397 -3.44 -16.72 -37.99
C ALA B 397 -4.36 -17.32 -39.05
N THR B 398 -3.76 -17.80 -40.14
CA THR B 398 -4.49 -18.54 -41.19
C THR B 398 -3.69 -19.76 -41.61
N LEU B 399 -4.35 -20.90 -41.74
CA LEU B 399 -3.74 -22.10 -42.27
C LEU B 399 -4.39 -22.50 -43.58
N VAL B 400 -3.56 -22.89 -44.55
CA VAL B 400 -4.04 -23.34 -45.85
C VAL B 400 -3.54 -24.76 -46.03
N MET B 401 -4.47 -25.67 -46.28
CA MET B 401 -4.19 -27.09 -46.33
C MET B 401 -4.62 -27.64 -47.68
N ARG B 402 -3.79 -28.51 -48.26
CA ARG B 402 -4.08 -29.06 -49.58
C ARG B 402 -3.84 -30.57 -49.66
N LYS B 403 -4.80 -31.26 -50.27
CA LYS B 403 -4.66 -32.68 -50.60
C LYS B 403 -3.42 -32.97 -51.42
N LEU B 404 -2.80 -34.11 -51.16
CA LEU B 404 -1.66 -34.57 -51.95
C LEU B 404 -2.10 -35.67 -52.91
N LYS C 2 -18.54 3.11 35.63
CA LYS C 2 -18.35 2.33 34.35
C LYS C 2 -16.89 1.88 34.25
N ARG C 3 -16.68 0.69 33.71
CA ARG C 3 -15.35 0.10 33.60
C ARG C 3 -14.84 0.22 32.17
N ALA C 4 -13.52 0.34 32.03
CA ALA C 4 -12.89 0.58 30.74
C ALA C 4 -11.91 -0.54 30.40
N VAL C 5 -11.98 -1.04 29.17
CA VAL C 5 -11.11 -2.12 28.70
C VAL C 5 -10.44 -1.73 27.39
N ILE C 6 -9.28 -2.33 27.10
CA ILE C 6 -8.59 -2.13 25.82
C ILE C 6 -8.92 -3.25 24.84
N THR C 7 -9.47 -2.87 23.69
CA THR C 7 -10.04 -3.83 22.75
C THR C 7 -9.33 -3.80 21.40
N GLY C 8 -8.23 -3.05 21.31
CA GLY C 8 -7.50 -2.96 20.06
C GLY C 8 -6.26 -2.14 20.28
N LEU C 9 -5.23 -2.43 19.49
CA LEU C 9 -3.98 -1.72 19.61
C LEU C 9 -3.26 -1.63 18.28
N GLY C 10 -2.42 -0.61 18.14
CA GLY C 10 -1.67 -0.39 16.92
C GLY C 10 -0.43 0.40 17.21
N ILE C 11 0.64 0.11 16.48
CA ILE C 11 1.94 0.63 16.84
C ILE C 11 2.91 0.73 15.68
N VAL C 12 3.70 1.81 15.70
CA VAL C 12 4.81 2.03 14.80
C VAL C 12 5.94 2.57 15.67
N SER C 13 6.97 1.76 15.89
CA SER C 13 8.09 2.15 16.75
C SER C 13 9.44 1.74 16.19
N SER C 14 10.50 2.01 16.95
CA SER C 14 11.86 1.67 16.57
C SER C 14 12.11 0.15 16.51
N ILE C 15 11.29 -0.61 17.23
CA ILE C 15 11.43 -2.07 17.30
C ILE C 15 10.29 -2.81 16.59
N GLY C 16 9.49 -2.10 15.79
CA GLY C 16 8.49 -2.76 14.96
C GLY C 16 7.43 -1.84 14.39
N ASN C 17 6.87 -2.25 13.24
CA ASN C 17 5.87 -1.47 12.50
C ASN C 17 4.45 -1.99 12.68
N ASN C 18 4.31 -3.07 13.43
CA ASN C 18 3.03 -3.65 13.81
C ASN C 18 3.26 -4.45 15.10
N GLN C 19 2.19 -4.99 15.69
CA GLN C 19 2.34 -5.67 16.99
C GLN C 19 3.14 -6.97 16.89
N GLN C 20 3.10 -7.60 15.72
CA GLN C 20 3.84 -8.84 15.48
C GLN C 20 5.36 -8.63 15.51
N GLU C 21 5.83 -7.56 14.86
CA GLU C 21 7.26 -7.19 14.89
C GLU C 21 7.70 -6.70 16.27
N VAL C 22 6.79 -6.03 16.98
CA VAL C 22 7.07 -5.56 18.33
C VAL C 22 7.20 -6.76 19.27
N LEU C 23 6.24 -7.68 19.18
CA LEU C 23 6.27 -8.91 19.97
C LEU C 23 7.63 -9.61 19.83
N ALA C 24 8.01 -9.90 18.59
CA ALA C 24 9.28 -10.57 18.30
C ALA C 24 10.49 -9.79 18.83
N SER C 25 10.49 -8.48 18.64
CA SER C 25 11.58 -7.65 19.14
C SER C 25 11.69 -7.72 20.67
N LEU C 26 10.55 -7.64 21.35
CA LEU C 26 10.53 -7.67 22.81
C LEU C 26 11.06 -9.01 23.33
N ARG C 27 10.59 -10.12 22.75
CA ARG C 27 11.01 -11.45 23.17
C ARG C 27 12.50 -11.70 22.95
N GLU C 28 13.05 -11.12 21.88
CA GLU C 28 14.43 -11.32 21.48
C GLU C 28 15.37 -10.30 22.11
N GLY C 29 14.83 -9.29 22.77
CA GLY C 29 15.66 -8.23 23.36
C GLY C 29 16.40 -7.39 22.33
N ARG C 30 15.79 -7.21 21.17
CA ARG C 30 16.43 -6.52 20.05
C ARG C 30 16.33 -5.00 20.17
N SER C 31 17.47 -4.34 20.03
CA SER C 31 17.55 -2.88 19.98
C SER C 31 16.99 -2.34 18.66
N GLY C 32 16.31 -1.20 18.72
CA GLY C 32 15.90 -0.47 17.53
C GLY C 32 16.71 0.81 17.32
N ILE C 33 17.88 0.88 17.95
CA ILE C 33 18.71 2.08 17.90
C ILE C 33 19.78 1.96 16.82
N THR C 34 19.83 2.96 15.94
CA THR C 34 20.76 3.04 14.83
C THR C 34 21.54 4.34 14.86
N PHE C 35 22.65 4.39 14.13
CA PHE C 35 23.38 5.63 13.94
C PHE C 35 22.57 6.60 13.07
N SER C 36 22.63 7.89 13.40
CA SER C 36 22.00 8.93 12.58
C SER C 36 23.02 9.91 12.00
N GLN C 37 23.15 9.91 10.68
CA GLN C 37 23.97 10.92 9.99
C GLN C 37 23.30 12.30 10.08
N GLU C 38 21.96 12.35 10.02
CA GLU C 38 21.23 13.61 10.21
C GLU C 38 21.63 14.29 11.52
N LEU C 39 21.54 13.56 12.63
CA LEU C 39 21.89 14.15 13.92
C LEU C 39 23.36 14.57 13.97
N LYS C 40 24.23 13.76 13.37
CA LYS C 40 25.64 14.15 13.25
C LYS C 40 25.82 15.39 12.37
N ASP C 41 25.13 15.43 11.23
CA ASP C 41 25.21 16.58 10.32
C ASP C 41 24.75 17.87 10.97
N SER C 42 23.73 17.78 11.80
CA SER C 42 23.19 18.95 12.51
C SER C 42 24.18 19.56 13.49
N GLY C 43 25.24 18.83 13.85
CA GLY C 43 26.26 19.35 14.76
C GLY C 43 26.03 18.95 16.22
N MET C 44 25.19 17.94 16.42
CA MET C 44 24.94 17.43 17.78
C MET C 44 26.08 16.54 18.26
N ARG C 45 26.11 16.30 19.56
CA ARG C 45 27.05 15.34 20.16
C ARG C 45 26.44 13.92 20.19
N SER C 46 25.12 13.85 20.27
CA SER C 46 24.38 12.59 20.22
C SER C 46 24.00 12.25 18.77
N HIS C 47 24.53 11.13 18.26
CA HIS C 47 24.31 10.72 16.87
C HIS C 47 23.56 9.39 16.76
N VAL C 48 22.77 9.07 17.78
CA VAL C 48 22.02 7.81 17.78
C VAL C 48 20.56 8.10 18.02
N TRP C 49 19.70 7.26 17.44
CA TRP C 49 18.28 7.50 17.52
C TRP C 49 17.45 6.24 17.30
N GLY C 50 16.24 6.26 17.85
CA GLY C 50 15.28 5.19 17.69
C GLY C 50 14.37 5.52 16.52
N ASN C 51 14.87 5.24 15.32
CA ASN C 51 14.15 5.62 14.11
C ASN C 51 13.05 4.64 13.74
N VAL C 52 12.00 5.15 13.11
CA VAL C 52 10.97 4.33 12.49
C VAL C 52 11.53 3.83 11.16
N LYS C 53 11.52 2.51 10.98
CA LYS C 53 12.12 1.87 9.79
C LYS C 53 11.00 1.42 8.85
N LEU C 54 10.31 2.41 8.28
CA LEU C 54 9.15 2.16 7.43
C LEU C 54 9.06 3.22 6.34
N ASP C 55 8.77 2.80 5.11
CA ASP C 55 8.53 3.74 4.02
C ASP C 55 7.05 4.08 4.00
N THR C 56 6.75 5.33 4.32
CA THR C 56 5.37 5.79 4.47
C THR C 56 4.79 6.39 3.19
N THR C 57 5.60 6.47 2.12
CA THR C 57 5.12 6.96 0.81
C THR C 57 3.87 6.21 0.37
N GLY C 58 2.80 6.96 0.10
CA GLY C 58 1.59 6.37 -0.44
C GLY C 58 0.75 5.53 0.50
N LEU C 59 1.12 5.49 1.79
CA LEU C 59 0.32 4.75 2.78
C LEU C 59 -0.96 5.50 3.19
N ILE C 60 -0.98 6.82 3.03
CA ILE C 60 -2.12 7.65 3.40
C ILE C 60 -2.53 8.47 2.17
N ASP C 61 -3.83 8.62 1.98
CA ASP C 61 -4.37 9.39 0.84
C ASP C 61 -3.76 10.79 0.79
N ARG C 62 -3.46 11.25 -0.42
CA ARG C 62 -2.81 12.53 -0.66
C ARG C 62 -3.48 13.69 0.04
N LYS C 63 -4.81 13.76 -0.03
CA LYS C 63 -5.59 14.85 0.55
C LYS C 63 -5.70 14.77 2.09
N VAL C 64 -5.39 13.61 2.64
CA VAL C 64 -5.34 13.45 4.09
C VAL C 64 -3.94 13.79 4.60
N VAL C 65 -2.92 13.20 3.98
CA VAL C 65 -1.54 13.32 4.46
C VAL C 65 -0.94 14.72 4.23
N ARG C 66 -1.51 15.49 3.31
CA ARG C 66 -1.06 16.87 3.08
C ARG C 66 -1.17 17.78 4.32
N PHE C 67 -2.05 17.41 5.25
CA PHE C 67 -2.23 18.17 6.49
C PHE C 67 -1.29 17.73 7.61
N MET C 68 -0.61 16.60 7.43
CA MET C 68 0.06 15.91 8.53
C MET C 68 1.57 16.14 8.61
N SER C 69 2.06 16.21 9.85
CA SER C 69 3.47 16.05 10.15
C SER C 69 3.72 14.57 10.43
N ASP C 70 4.98 14.21 10.70
CA ASP C 70 5.34 12.80 10.94
C ASP C 70 4.66 12.21 12.17
N ALA C 71 4.49 13.00 13.23
CA ALA C 71 3.80 12.53 14.43
C ALA C 71 2.39 12.05 14.10
N SER C 72 1.67 12.83 13.29
CA SER C 72 0.31 12.46 12.89
C SER C 72 0.28 11.24 11.98
N ILE C 73 1.29 11.14 11.11
CA ILE C 73 1.43 9.98 10.19
C ILE C 73 1.57 8.69 11.00
N TYR C 74 2.48 8.68 11.96
CA TYR C 74 2.66 7.50 12.80
C TYR C 74 1.40 7.18 13.62
N ALA C 75 0.77 8.20 14.20
CA ALA C 75 -0.48 7.97 14.95
C ALA C 75 -1.60 7.47 14.05
N PHE C 76 -1.65 7.96 12.82
CA PHE C 76 -2.64 7.52 11.84
C PHE C 76 -2.50 6.03 11.50
N LEU C 77 -1.29 5.63 11.14
CA LEU C 77 -1.01 4.23 10.80
C LEU C 77 -1.29 3.32 12.00
N SER C 78 -0.91 3.78 13.19
CA SER C 78 -1.23 3.08 14.45
C SER C 78 -2.74 2.93 14.67
N MET C 79 -3.51 3.99 14.38
CA MET C 79 -4.95 3.94 14.56
C MET C 79 -5.64 2.99 13.58
N GLU C 80 -5.14 2.93 12.33
CA GLU C 80 -5.61 1.96 11.34
C GLU C 80 -5.43 0.54 11.86
N GLN C 81 -4.22 0.23 12.34
CA GLN C 81 -3.92 -1.07 12.94
C GLN C 81 -4.88 -1.38 14.08
N ALA C 82 -5.12 -0.38 14.92
CA ALA C 82 -5.94 -0.55 16.12
C ALA C 82 -7.42 -0.77 15.78
N ILE C 83 -7.89 -0.08 14.75
CA ILE C 83 -9.26 -0.26 14.25
C ILE C 83 -9.47 -1.67 13.70
N ALA C 84 -8.51 -2.17 12.92
CA ALA C 84 -8.59 -3.52 12.38
C ALA C 84 -8.45 -4.57 13.50
N ASP C 85 -7.55 -4.32 14.45
CA ASP C 85 -7.37 -5.19 15.62
C ASP C 85 -8.65 -5.29 16.45
N ALA C 86 -9.35 -4.17 16.59
CA ALA C 86 -10.59 -4.12 17.36
C ALA C 86 -11.81 -4.71 16.64
N GLY C 87 -11.69 -5.01 15.35
CA GLY C 87 -12.80 -5.55 14.57
C GLY C 87 -13.89 -4.50 14.37
N LEU C 88 -13.47 -3.25 14.21
CA LEU C 88 -14.37 -2.11 14.09
C LEU C 88 -14.57 -1.75 12.62
N SER C 89 -15.77 -1.98 12.11
CA SER C 89 -16.12 -1.56 10.76
C SER C 89 -16.32 -0.04 10.77
N PRO C 90 -16.22 0.61 9.60
CA PRO C 90 -16.55 2.04 9.49
C PRO C 90 -17.88 2.38 10.16
N GLU C 91 -18.88 1.53 9.96
CA GLU C 91 -20.25 1.76 10.45
C GLU C 91 -20.31 1.84 11.97
N ALA C 92 -19.35 1.19 12.65
CA ALA C 92 -19.37 1.08 14.11
C ALA C 92 -18.81 2.32 14.83
N TYR C 93 -17.81 2.96 14.25
CA TYR C 93 -17.08 4.04 14.93
C TYR C 93 -17.21 5.42 14.28
N GLN C 94 -17.56 5.44 12.99
CA GLN C 94 -17.66 6.69 12.25
C GLN C 94 -19.00 7.38 12.45
N ASN C 95 -18.97 8.71 12.36
CA ASN C 95 -20.18 9.54 12.49
C ASN C 95 -21.00 9.16 13.72
N ASN C 96 -20.29 8.93 14.83
CA ASN C 96 -20.88 8.41 16.05
C ASN C 96 -20.50 9.30 17.24
N PRO C 97 -21.47 10.02 17.82
CA PRO C 97 -21.19 10.92 18.96
C PRO C 97 -20.57 10.24 20.18
N ARG C 98 -20.80 8.94 20.32
CA ARG C 98 -20.27 8.17 21.43
C ARG C 98 -18.85 7.69 21.18
N VAL C 99 -18.26 8.12 20.06
CA VAL C 99 -16.91 7.69 19.70
C VAL C 99 -15.99 8.91 19.55
N GLY C 100 -14.90 8.89 20.31
CA GLY C 100 -13.98 10.02 20.41
C GLY C 100 -12.53 9.65 20.18
N LEU C 101 -11.68 10.67 20.30
CA LEU C 101 -10.25 10.57 20.00
C LEU C 101 -9.49 11.52 20.92
N ILE C 102 -8.59 10.96 21.73
CA ILE C 102 -7.70 11.75 22.58
C ILE C 102 -6.28 11.27 22.31
N ALA C 103 -5.52 12.08 21.58
CA ALA C 103 -4.18 11.75 21.16
C ALA C 103 -3.35 13.01 20.99
N GLY C 104 -2.09 12.97 21.43
CA GLY C 104 -1.21 14.12 21.33
C GLY C 104 0.24 13.77 21.06
N SER C 105 1.09 14.78 21.22
CA SER C 105 2.54 14.60 21.13
C SER C 105 3.24 15.51 22.14
N GLY C 106 4.52 15.23 22.38
CA GLY C 106 5.33 16.06 23.26
C GLY C 106 5.76 17.39 22.65
N GLY C 107 6.09 17.37 21.37
CA GLY C 107 6.66 18.55 20.69
C GLY C 107 5.79 19.24 19.65
N GLY C 108 4.69 18.61 19.27
CA GLY C 108 3.96 19.04 18.07
C GLY C 108 4.76 18.66 16.84
N SER C 109 5.16 19.67 16.06
CA SER C 109 6.11 19.48 14.96
C SER C 109 7.11 20.64 14.90
N PRO C 110 8.20 20.51 15.69
CA PRO C 110 9.35 21.40 15.60
C PRO C 110 9.86 21.58 14.16
N ARG C 111 9.86 20.50 13.38
CA ARG C 111 10.29 20.55 12.00
C ARG C 111 9.50 21.59 11.21
N PHE C 112 8.18 21.54 11.32
CA PHE C 112 7.33 22.41 10.51
C PHE C 112 7.14 23.81 11.10
N GLN C 113 7.29 23.95 12.41
CA GLN C 113 7.40 25.27 13.02
C GLN C 113 8.59 25.99 12.37
N VAL C 114 9.75 25.33 12.41
CA VAL C 114 10.96 25.85 11.79
C VAL C 114 10.81 26.08 10.29
N PHE C 115 10.23 25.11 9.59
CA PHE C 115 10.00 25.23 8.15
C PHE C 115 9.21 26.50 7.81
N GLY C 116 8.09 26.69 8.50
CA GLY C 116 7.26 27.88 8.29
C GLY C 116 8.09 29.14 8.35
N ALA C 117 8.92 29.23 9.40
CA ALA C 117 9.81 30.37 9.60
C ALA C 117 10.82 30.54 8.46
N ASP C 118 11.54 29.47 8.12
CA ASP C 118 12.49 29.50 7.00
C ASP C 118 11.86 29.92 5.68
N ALA C 119 10.71 29.32 5.37
CA ALA C 119 9.97 29.62 4.15
C ALA C 119 9.60 31.10 4.08
N MET C 120 9.15 31.65 5.20
CA MET C 120 8.72 33.04 5.25
C MET C 120 9.88 34.01 4.99
N ARG C 121 11.08 33.68 5.46
CA ARG C 121 12.28 34.50 5.23
C ARG C 121 12.91 34.36 3.84
N GLY C 122 12.38 33.45 3.04
CA GLY C 122 12.87 33.24 1.67
C GLY C 122 12.11 34.06 0.63
N PRO C 123 12.50 33.89 -0.64
CA PRO C 123 12.04 34.75 -1.74
C PRO C 123 10.56 34.57 -2.14
N ARG C 124 9.94 33.48 -1.70
CA ARG C 124 8.53 33.21 -1.97
C ARG C 124 7.61 33.53 -0.79
N GLY C 125 8.19 33.75 0.39
CA GLY C 125 7.43 34.08 1.60
C GLY C 125 6.22 33.20 1.86
N LEU C 126 5.04 33.83 1.89
CA LEU C 126 3.76 33.15 2.17
C LEU C 126 3.52 31.93 1.27
N LYS C 127 3.86 32.05 -0.02
CA LYS C 127 3.65 30.94 -0.98
C LYS C 127 4.52 29.72 -0.70
N ALA C 128 5.72 29.93 -0.14
CA ALA C 128 6.57 28.81 0.27
C ALA C 128 6.03 28.13 1.53
N VAL C 129 5.55 28.94 2.47
CA VAL C 129 4.95 28.43 3.71
C VAL C 129 3.81 27.49 3.34
N GLY C 130 2.91 27.99 2.50
CA GLY C 130 1.74 27.23 2.05
C GLY C 130 0.62 27.19 3.08
N PRO C 131 -0.54 26.64 2.69
CA PRO C 131 -1.71 26.54 3.56
C PRO C 131 -1.79 25.36 4.54
N TYR C 132 -0.71 24.56 4.66
CA TYR C 132 -0.77 23.32 5.44
C TYR C 132 0.06 23.31 6.73
N VAL C 133 0.79 24.39 7.01
CA VAL C 133 1.71 24.41 8.14
C VAL C 133 1.03 24.48 9.51
N VAL C 134 -0.11 25.15 9.63
CA VAL C 134 -0.78 25.27 10.94
C VAL C 134 -1.19 23.90 11.46
N THR C 135 -1.80 23.08 10.61
CA THR C 135 -2.24 21.75 11.01
C THR C 135 -1.06 20.81 11.29
N LYS C 136 0.10 21.11 10.72
CA LYS C 136 1.31 20.34 11.00
C LYS C 136 2.01 20.80 12.28
N ALA C 137 2.10 22.11 12.46
CA ALA C 137 2.86 22.71 13.57
C ALA C 137 2.08 22.84 14.88
N MET C 138 0.75 22.92 14.80
CA MET C 138 -0.05 23.19 15.99
C MET C 138 0.02 22.01 16.93
N ALA C 139 -0.05 22.31 18.23
CA ALA C 139 0.13 21.31 19.28
C ALA C 139 -0.90 20.19 19.20
N SER C 140 -2.07 20.48 18.65
CA SER C 140 -3.17 19.52 18.54
C SER C 140 -3.21 18.84 17.17
N GLY C 141 -2.09 18.87 16.44
CA GLY C 141 -2.02 18.26 15.11
C GLY C 141 -2.38 16.79 15.05
N VAL C 142 -1.90 16.01 16.02
CA VAL C 142 -2.19 14.58 16.06
C VAL C 142 -3.69 14.30 16.19
N SER C 143 -4.40 15.02 17.05
CA SER C 143 -5.82 14.74 17.24
C SER C 143 -6.65 15.23 16.05
N ALA C 144 -6.34 16.41 15.54
CA ALA C 144 -7.08 17.03 14.44
C ALA C 144 -6.92 16.25 13.12
N CYS C 145 -5.71 15.77 12.85
CA CYS C 145 -5.42 15.05 11.62
C CYS C 145 -6.00 13.64 11.58
N LEU C 146 -6.39 13.10 12.73
CA LEU C 146 -7.00 11.76 12.79
C LEU C 146 -8.52 11.85 12.93
N ALA C 147 -8.99 12.73 13.80
CA ALA C 147 -10.43 12.94 14.03
C ALA C 147 -11.21 13.19 12.73
N THR C 148 -10.63 13.99 11.83
CA THR C 148 -11.31 14.37 10.59
C THR C 148 -11.50 13.18 9.61
N PRO C 149 -10.40 12.55 9.15
CA PRO C 149 -10.54 11.43 8.20
C PRO C 149 -11.25 10.20 8.77
N PHE C 150 -11.01 9.86 10.04
CA PHE C 150 -11.72 8.77 10.70
C PHE C 150 -13.15 9.13 11.12
N LYS C 151 -13.59 10.34 10.75
CA LYS C 151 -14.99 10.78 10.92
C LYS C 151 -15.43 10.66 12.37
N ILE C 152 -14.57 11.11 13.28
CA ILE C 152 -14.87 11.06 14.71
C ILE C 152 -15.84 12.18 15.07
N HIS C 153 -16.89 11.84 15.81
CA HIS C 153 -17.91 12.80 16.23
C HIS C 153 -17.93 13.13 17.72
N GLY C 154 -17.24 12.32 18.53
CA GLY C 154 -17.21 12.53 19.98
C GLY C 154 -16.12 13.50 20.40
N VAL C 155 -15.49 13.24 21.54
CA VAL C 155 -14.39 14.11 21.99
C VAL C 155 -13.23 14.08 21.02
N ASN C 156 -12.55 15.22 20.92
CA ASN C 156 -11.47 15.42 19.96
C ASN C 156 -10.59 16.52 20.52
N TYR C 157 -9.44 16.10 21.08
CA TYR C 157 -8.41 17.02 21.53
C TYR C 157 -7.13 16.26 21.88
N SER C 158 -6.06 17.00 22.09
CA SER C 158 -4.77 16.43 22.48
C SER C 158 -4.41 16.79 23.91
N ILE C 159 -3.90 15.82 24.66
CA ILE C 159 -3.23 16.12 25.92
C ILE C 159 -1.76 16.30 25.57
N SER C 160 -1.07 17.20 26.26
CA SER C 160 0.40 17.32 26.17
C SER C 160 1.02 17.46 27.55
N SER C 161 1.93 16.53 27.87
CA SER C 161 2.66 16.53 29.13
C SER C 161 4.02 15.87 28.95
N ALA C 162 4.78 16.35 27.96
CA ALA C 162 6.12 15.85 27.69
C ALA C 162 6.17 14.31 27.66
N CYS C 163 7.03 13.67 28.45
CA CYS C 163 7.15 12.20 28.40
C CYS C 163 5.87 11.44 28.77
N ALA C 164 4.91 12.13 29.40
CA ALA C 164 3.70 11.48 29.90
C ALA C 164 2.46 11.68 29.02
N THR C 165 2.60 12.37 27.89
CA THR C 165 1.43 12.83 27.11
C THR C 165 0.45 11.71 26.76
N SER C 166 0.90 10.67 26.08
CA SER C 166 -0.01 9.61 25.61
C SER C 166 -0.55 8.71 26.73
N ALA C 167 0.14 8.68 27.87
CA ALA C 167 -0.35 7.94 29.04
C ALA C 167 -1.52 8.69 29.67
N HIS C 168 -1.38 10.01 29.74
CA HIS C 168 -2.47 10.88 30.15
C HIS C 168 -3.62 10.82 29.14
N CYS C 169 -3.30 10.67 27.85
CA CYS C 169 -4.35 10.54 26.83
C CYS C 169 -5.22 9.32 27.12
N ILE C 170 -4.58 8.19 27.42
CA ILE C 170 -5.29 6.95 27.75
C ILE C 170 -6.13 7.12 29.02
N GLY C 171 -5.55 7.73 30.05
CA GLY C 171 -6.24 7.94 31.31
C GLY C 171 -7.46 8.83 31.16
N ASN C 172 -7.30 9.89 30.37
CA ASN C 172 -8.44 10.75 30.01
C ASN C 172 -9.51 10.01 29.24
N ALA C 173 -9.08 9.10 28.36
CA ALA C 173 -10.00 8.26 27.62
C ALA C 173 -10.83 7.44 28.61
N VAL C 174 -10.13 6.86 29.60
CA VAL C 174 -10.78 6.08 30.66
C VAL C 174 -11.81 6.93 31.41
N GLU C 175 -11.43 8.15 31.78
CA GLU C 175 -12.33 9.08 32.47
C GLU C 175 -13.60 9.37 31.66
N GLN C 176 -13.47 9.55 30.34
CA GLN C 176 -14.64 9.74 29.48
C GLN C 176 -15.62 8.55 29.56
N ILE C 177 -15.07 7.34 29.54
CA ILE C 177 -15.87 6.11 29.74
C ILE C 177 -16.56 6.12 31.11
N GLN C 178 -15.77 6.37 32.16
CA GLN C 178 -16.30 6.42 33.54
C GLN C 178 -17.43 7.42 33.75
N LEU C 179 -17.33 8.57 33.08
CA LEU C 179 -18.35 9.60 33.17
C LEU C 179 -19.61 9.25 32.36
N GLY C 180 -19.53 8.18 31.57
CA GLY C 180 -20.62 7.72 30.74
C GLY C 180 -20.79 8.53 29.47
N LYS C 181 -19.80 9.35 29.13
CA LYS C 181 -19.91 10.29 28.01
C LYS C 181 -19.57 9.67 26.67
N GLN C 182 -18.72 8.64 26.69
CA GLN C 182 -18.29 7.95 25.46
C GLN C 182 -18.30 6.44 25.66
N ASP C 183 -18.54 5.70 24.58
CA ASP C 183 -18.48 4.23 24.58
C ASP C 183 -17.13 3.76 24.11
N ILE C 184 -16.57 4.48 23.15
CA ILE C 184 -15.24 4.20 22.64
C ILE C 184 -14.45 5.50 22.55
N VAL C 185 -13.22 5.46 23.05
CA VAL C 185 -12.25 6.52 22.80
C VAL C 185 -10.95 5.91 22.30
N PHE C 186 -10.51 6.34 21.12
CA PHE C 186 -9.18 6.03 20.63
C PHE C 186 -8.20 6.95 21.35
N ALA C 187 -7.20 6.34 22.00
CA ALA C 187 -6.24 7.10 22.78
C ALA C 187 -4.82 6.73 22.43
N GLY C 188 -3.97 7.73 22.25
CA GLY C 188 -2.57 7.46 21.97
C GLY C 188 -1.76 8.71 21.64
N GLY C 189 -0.89 8.59 20.66
CA GLY C 189 -0.04 9.71 20.29
C GLY C 189 1.00 9.36 19.25
N GLY C 190 1.73 10.38 18.82
CA GLY C 190 2.83 10.20 17.89
C GLY C 190 3.89 11.23 18.17
N GLU C 191 5.10 10.99 17.68
CA GLU C 191 6.20 11.95 17.82
C GLU C 191 7.10 11.87 16.60
N GLU C 192 7.43 13.03 16.04
CA GLU C 192 8.38 13.07 14.93
C GLU C 192 9.78 12.97 15.48
N LEU C 193 10.68 12.51 14.62
CA LEU C 193 12.07 12.33 14.98
C LEU C 193 12.90 13.19 14.04
N CYS C 194 13.56 14.20 14.61
CA CYS C 194 14.27 15.19 13.81
C CYS C 194 15.31 15.92 14.63
N TRP C 195 16.33 16.43 13.94
CA TRP C 195 17.38 17.21 14.60
C TRP C 195 16.81 18.49 15.24
N GLU C 196 15.78 19.08 14.63
CA GLU C 196 15.23 20.35 15.12
C GLU C 196 14.81 20.27 16.58
N MET C 197 14.26 19.11 16.97
CA MET C 197 13.89 18.86 18.36
C MET C 197 15.00 18.18 19.15
N ALA C 198 15.70 17.25 18.52
CA ALA C 198 16.75 16.49 19.21
C ALA C 198 17.82 17.41 19.79
N CYS C 199 18.23 18.42 19.02
CA CYS C 199 19.32 19.31 19.42
C CYS C 199 19.04 20.07 20.72
N GLU C 200 17.77 20.38 20.97
CA GLU C 200 17.37 21.09 22.19
C GLU C 200 17.59 20.25 23.45
N PHE C 201 17.30 18.95 23.35
CA PHE C 201 17.59 18.01 24.44
C PHE C 201 19.10 17.82 24.63
N ASP C 202 19.83 17.78 23.51
CA ASP C 202 21.29 17.64 23.54
C ASP C 202 21.92 18.89 24.14
N ALA C 203 21.30 20.03 23.84
CA ALA C 203 21.75 21.31 24.38
C ALA C 203 21.65 21.41 25.91
N MET C 204 20.74 20.65 26.53
CA MET C 204 20.64 20.62 27.99
C MET C 204 21.31 19.40 28.62
N GLY C 205 21.96 18.58 27.80
CA GLY C 205 22.75 17.44 28.28
C GLY C 205 21.98 16.16 28.58
N ALA C 206 20.80 16.01 27.98
CA ALA C 206 19.88 14.91 28.32
C ALA C 206 20.10 13.65 27.52
N LEU C 207 20.80 13.78 26.39
CA LEU C 207 20.94 12.69 25.44
C LEU C 207 22.28 11.98 25.58
N SER C 208 22.28 10.69 25.24
CA SER C 208 23.48 9.86 25.27
C SER C 208 24.46 10.28 24.17
N THR C 209 25.69 10.59 24.56
CA THR C 209 26.73 11.02 23.61
C THR C 209 27.98 10.14 23.57
N LYS C 210 28.16 9.25 24.55
CA LYS C 210 29.39 8.46 24.64
C LYS C 210 29.42 7.17 23.81
N TYR C 211 28.29 6.77 23.22
CA TYR C 211 28.18 5.46 22.58
C TYR C 211 27.82 5.51 21.10
N ASN C 212 28.27 6.57 20.42
CA ASN C 212 27.94 6.76 19.00
C ASN C 212 28.51 5.67 18.10
N ASP C 213 29.66 5.14 18.48
CA ASP C 213 30.29 4.03 17.73
C ASP C 213 29.56 2.70 17.92
N THR C 214 28.82 2.56 19.02
CA THR C 214 28.02 1.36 19.29
C THR C 214 26.58 1.74 19.67
N PRO C 215 25.74 2.07 18.66
CA PRO C 215 24.39 2.61 18.90
C PRO C 215 23.46 1.70 19.72
N GLU C 216 23.56 0.40 19.53
CA GLU C 216 22.70 -0.56 20.22
C GLU C 216 22.97 -0.67 21.73
N LYS C 217 24.12 -0.14 22.16
CA LYS C 217 24.49 -0.12 23.57
C LYS C 217 24.30 1.28 24.20
N ALA C 218 23.71 2.20 23.45
CA ALA C 218 23.55 3.58 23.91
C ALA C 218 22.51 3.72 25.02
N SER C 219 21.33 3.12 24.79
CA SER C 219 20.27 3.15 25.80
C SER C 219 20.49 1.98 26.77
N ARG C 220 20.73 2.30 28.04
CA ARG C 220 21.17 1.30 29.01
C ARG C 220 20.65 1.61 30.41
N THR C 221 19.32 1.63 30.51
CA THR C 221 18.65 2.00 31.76
C THR C 221 19.17 1.13 32.92
N TYR C 222 19.50 1.79 34.03
CA TYR C 222 20.03 1.16 35.24
C TYR C 222 21.46 0.60 35.14
N ASP C 223 22.14 0.81 34.01
CA ASP C 223 23.57 0.50 33.92
C ASP C 223 24.38 1.65 34.51
N ALA C 224 25.46 1.33 35.21
CA ALA C 224 26.27 2.31 35.94
C ALA C 224 26.99 3.31 35.04
N HIS C 225 27.05 3.03 33.74
CA HIS C 225 27.72 3.92 32.78
C HIS C 225 26.77 4.51 31.75
N ARG C 226 25.49 4.61 32.12
CA ARG C 226 24.48 5.29 31.30
C ARG C 226 24.85 6.76 31.28
N ASP C 227 24.57 7.43 30.15
CA ASP C 227 24.92 8.85 29.99
C ASP C 227 23.83 9.69 29.31
N GLY C 228 22.57 9.35 29.55
CA GLY C 228 21.44 10.08 28.96
C GLY C 228 20.61 9.21 28.04
N PHE C 229 19.42 9.70 27.67
CA PHE C 229 18.51 8.89 26.87
C PHE C 229 18.80 8.99 25.37
N VAL C 230 18.29 8.00 24.64
CA VAL C 230 18.38 7.96 23.19
C VAL C 230 17.02 8.35 22.60
N ILE C 231 17.00 9.44 21.85
CA ILE C 231 15.77 9.98 21.28
C ILE C 231 15.18 9.03 20.23
N ALA C 232 13.86 8.92 20.24
CA ALA C 232 13.15 8.06 19.30
C ALA C 232 11.87 8.72 18.80
N GLY C 233 11.24 8.09 17.82
CA GLY C 233 9.98 8.56 17.26
C GLY C 233 9.04 7.42 17.01
N GLY C 234 7.83 7.74 16.58
CA GLY C 234 6.83 6.75 16.24
C GLY C 234 5.46 7.13 16.73
N GLY C 235 4.57 6.15 16.80
CA GLY C 235 3.24 6.34 17.32
C GLY C 235 2.62 5.08 17.90
N GLY C 236 1.51 5.27 18.59
CA GLY C 236 0.72 4.17 19.08
C GLY C 236 -0.69 4.64 19.33
N MET C 237 -1.64 3.70 19.28
CA MET C 237 -3.02 3.99 19.56
C MET C 237 -3.62 2.74 20.17
N VAL C 238 -4.49 2.91 21.15
CA VAL C 238 -5.25 1.80 21.71
C VAL C 238 -6.72 2.14 21.66
N VAL C 239 -7.57 1.12 21.61
CA VAL C 239 -9.01 1.32 21.62
C VAL C 239 -9.51 1.15 23.04
N VAL C 240 -9.77 2.27 23.71
CA VAL C 240 -10.32 2.25 25.05
C VAL C 240 -11.84 2.19 24.88
N GLU C 241 -12.47 1.27 25.59
CA GLU C 241 -13.88 0.95 25.36
C GLU C 241 -14.57 0.55 26.65
N GLU C 242 -15.84 0.92 26.77
CA GLU C 242 -16.64 0.56 27.94
C GLU C 242 -16.88 -0.94 27.96
N LEU C 243 -16.85 -1.52 29.15
CA LEU C 243 -16.88 -2.98 29.30
C LEU C 243 -18.12 -3.63 28.66
N GLU C 244 -19.30 -3.18 29.02
CA GLU C 244 -20.53 -3.79 28.51
C GLU C 244 -20.62 -3.65 26.99
N HIS C 245 -20.30 -2.46 26.49
CA HIS C 245 -20.26 -2.22 25.05
C HIS C 245 -19.31 -3.20 24.34
N ALA C 246 -18.18 -3.50 24.97
CA ALA C 246 -17.16 -4.36 24.38
C ALA C 246 -17.59 -5.84 24.35
N LEU C 247 -18.17 -6.29 25.45
CA LEU C 247 -18.70 -7.64 25.56
C LEU C 247 -19.87 -7.84 24.59
N ALA C 248 -20.81 -6.89 24.59
CA ALA C 248 -22.01 -6.97 23.76
C ALA C 248 -21.71 -7.24 22.29
N ARG C 249 -20.58 -6.72 21.79
CA ARG C 249 -20.20 -6.89 20.38
C ARG C 249 -19.11 -7.96 20.13
N GLY C 250 -18.82 -8.79 21.13
CA GLY C 250 -17.86 -9.90 20.95
C GLY C 250 -16.43 -9.47 20.71
N ALA C 251 -16.06 -8.32 21.27
CA ALA C 251 -14.70 -7.80 21.11
C ALA C 251 -13.70 -8.68 21.84
N HIS C 252 -12.48 -8.73 21.32
CA HIS C 252 -11.36 -9.33 22.03
C HIS C 252 -10.79 -8.30 23.01
N ILE C 253 -10.94 -8.58 24.31
CA ILE C 253 -10.42 -7.70 25.36
C ILE C 253 -9.01 -8.12 25.79
N TYR C 254 -8.05 -7.22 25.63
CA TYR C 254 -6.70 -7.43 26.13
C TYR C 254 -6.70 -7.35 27.66
N ALA C 255 -7.19 -6.24 28.18
CA ALA C 255 -7.21 -6.02 29.62
C ALA C 255 -8.17 -4.92 30.01
N GLU C 256 -8.47 -4.86 31.31
CA GLU C 256 -9.16 -3.73 31.90
C GLU C 256 -8.14 -2.71 32.42
N ILE C 257 -8.44 -1.42 32.25
CA ILE C 257 -7.68 -0.37 32.94
C ILE C 257 -8.26 -0.20 34.33
N VAL C 258 -7.57 -0.77 35.32
CA VAL C 258 -8.07 -0.81 36.68
C VAL C 258 -7.48 0.31 37.54
N GLY C 259 -6.45 0.97 37.02
CA GLY C 259 -5.82 2.06 37.76
C GLY C 259 -5.22 3.13 36.87
N TYR C 260 -5.36 4.37 37.31
CA TYR C 260 -4.80 5.51 36.62
C TYR C 260 -4.42 6.59 37.64
N GLY C 261 -3.13 6.88 37.71
CA GLY C 261 -2.63 7.95 38.55
C GLY C 261 -2.20 9.12 37.70
N ALA C 262 -2.44 10.33 38.20
CA ALA C 262 -1.97 11.55 37.55
C ALA C 262 -1.63 12.55 38.63
N THR C 263 -0.34 12.82 38.81
CA THR C 263 0.13 13.70 39.86
C THR C 263 1.17 14.69 39.34
N SER C 264 1.52 15.63 40.21
CA SER C 264 2.47 16.66 39.92
C SER C 264 3.54 16.70 41.02
N ASP C 265 4.79 16.92 40.64
CA ASP C 265 5.88 17.07 41.62
C ASP C 265 5.74 18.39 42.37
N GLY C 266 5.57 19.47 41.63
CA GLY C 266 5.50 20.81 42.22
C GLY C 266 6.80 21.18 42.91
N ALA C 267 7.93 20.78 42.31
CA ALA C 267 9.25 20.92 42.92
C ALA C 267 10.24 21.60 41.95
N ASP C 268 10.81 20.81 41.04
CA ASP C 268 11.83 21.26 40.09
C ASP C 268 11.51 20.87 38.64
N MET C 269 11.98 21.67 37.69
CA MET C 269 11.62 21.51 36.27
C MET C 269 12.13 20.26 35.60
N VAL C 270 13.44 20.06 35.67
CA VAL C 270 14.08 19.03 34.86
C VAL C 270 14.69 17.91 35.71
N ALA C 271 14.52 18.00 37.04
CA ALA C 271 14.89 16.92 37.97
C ALA C 271 13.63 16.36 38.65
N PRO C 272 13.42 15.03 38.58
CA PRO C 272 12.24 14.44 39.23
C PRO C 272 12.43 14.34 40.75
N SER C 273 11.34 14.53 41.51
CA SER C 273 11.42 14.59 42.97
C SER C 273 11.48 13.19 43.60
N GLY C 274 10.75 12.24 43.02
CA GLY C 274 10.60 10.91 43.60
C GLY C 274 9.27 10.79 44.32
N GLU C 275 8.95 11.78 45.16
CA GLU C 275 7.69 11.79 45.91
C GLU C 275 6.46 11.78 45.00
N GLY C 276 6.50 12.58 43.93
CA GLY C 276 5.38 12.64 42.98
C GLY C 276 5.14 11.32 42.28
N ALA C 277 6.22 10.62 41.95
CA ALA C 277 6.16 9.27 41.37
C ALA C 277 5.57 8.26 42.35
N VAL C 278 5.98 8.34 43.62
CA VAL C 278 5.41 7.51 44.69
C VAL C 278 3.89 7.70 44.74
N ARG C 279 3.44 8.93 44.88
CA ARG C 279 2.01 9.26 44.92
C ARG C 279 1.26 8.76 43.69
N CYS C 280 1.83 8.97 42.52
CA CYS C 280 1.22 8.58 41.26
C CYS C 280 0.99 7.08 41.19
N MET C 281 2.02 6.32 41.52
CA MET C 281 1.91 4.86 41.58
C MET C 281 0.91 4.40 42.65
N LYS C 282 0.95 4.99 43.83
CA LYS C 282 -0.02 4.66 44.88
C LYS C 282 -1.46 4.96 44.45
N MET C 283 -1.65 6.08 43.75
CA MET C 283 -2.98 6.47 43.26
C MET C 283 -3.51 5.46 42.25
N ALA C 284 -2.64 4.98 41.35
CA ALA C 284 -3.01 3.99 40.34
C ALA C 284 -3.31 2.60 40.95
N MET C 285 -2.62 2.25 42.03
CA MET C 285 -2.82 0.96 42.71
C MET C 285 -4.01 0.94 43.68
N HIS C 286 -4.54 2.11 44.02
CA HIS C 286 -5.62 2.23 45.01
C HIS C 286 -6.82 1.37 44.63
N GLY C 287 -7.23 0.49 45.54
CA GLY C 287 -8.38 -0.38 45.30
C GLY C 287 -8.13 -1.58 44.39
N VAL C 288 -6.91 -1.71 43.87
CA VAL C 288 -6.55 -2.86 43.04
C VAL C 288 -6.21 -4.06 43.94
N ASP C 289 -7.10 -5.04 44.00
CA ASP C 289 -6.99 -6.15 44.98
C ASP C 289 -6.06 -7.29 44.57
N THR C 290 -5.26 -7.10 43.52
CA THR C 290 -4.23 -8.05 43.12
C THR C 290 -2.85 -7.38 43.13
N PRO C 291 -1.78 -8.18 43.28
CA PRO C 291 -0.43 -7.60 43.25
C PRO C 291 -0.01 -7.17 41.84
N ILE C 292 0.93 -6.23 41.76
CA ILE C 292 1.51 -5.87 40.47
C ILE C 292 2.56 -6.92 40.14
N ASP C 293 2.37 -7.61 39.00
CA ASP C 293 3.25 -8.71 38.59
C ASP C 293 4.45 -8.19 37.80
N TYR C 294 4.22 -7.18 36.98
CA TYR C 294 5.27 -6.60 36.14
C TYR C 294 5.12 -5.09 36.06
N LEU C 295 6.24 -4.38 36.14
CA LEU C 295 6.28 -2.93 36.03
C LEU C 295 7.15 -2.52 34.86
N ASN C 296 6.53 -1.89 33.87
CA ASN C 296 7.26 -1.25 32.78
C ASN C 296 7.69 0.12 33.26
N SER C 297 8.98 0.26 33.58
CA SER C 297 9.47 1.49 34.19
C SER C 297 9.54 2.63 33.18
N HIS C 298 9.52 3.87 33.69
CA HIS C 298 9.74 5.05 32.85
C HIS C 298 11.17 5.04 32.33
N GLY C 299 12.12 4.84 33.24
CA GLY C 299 13.51 4.47 32.94
C GLY C 299 14.11 4.86 31.60
N THR C 300 14.55 6.11 31.49
CA THR C 300 15.01 6.70 30.22
C THR C 300 16.49 6.48 29.92
N SER C 301 17.25 6.04 30.93
CA SER C 301 18.70 5.85 30.87
C SER C 301 19.49 7.15 31.06
N THR C 302 18.96 7.99 31.96
CA THR C 302 19.64 9.16 32.50
C THR C 302 20.19 8.84 33.89
N PRO C 303 21.32 9.45 34.28
CA PRO C 303 21.95 9.23 35.61
C PRO C 303 21.03 9.45 36.82
N VAL C 304 20.44 10.63 36.92
CA VAL C 304 19.63 10.97 38.08
C VAL C 304 18.24 10.35 37.99
N GLY C 305 17.60 10.50 36.83
CA GLY C 305 16.23 10.02 36.63
C GLY C 305 16.01 8.57 37.05
N ASP C 306 16.88 7.69 36.59
CA ASP C 306 16.74 6.25 36.83
C ASP C 306 16.69 5.91 38.31
N VAL C 307 17.63 6.44 39.09
CA VAL C 307 17.69 6.14 40.52
C VAL C 307 16.56 6.79 41.32
N LYS C 308 16.13 7.98 40.93
CA LYS C 308 14.96 8.58 41.55
C LYS C 308 13.74 7.68 41.40
N GLU C 309 13.49 7.17 40.19
CA GLU C 309 12.38 6.25 39.97
C GLU C 309 12.54 4.95 40.77
N LEU C 310 13.74 4.37 40.78
CA LEU C 310 13.99 3.13 41.52
C LEU C 310 13.69 3.33 43.01
N ALA C 311 14.14 4.45 43.56
CA ALA C 311 13.84 4.78 44.96
C ALA C 311 12.34 4.94 45.19
N ALA C 312 11.63 5.57 44.24
CA ALA C 312 10.17 5.67 44.31
C ALA C 312 9.52 4.29 44.25
N ILE C 313 10.03 3.42 43.38
CA ILE C 313 9.56 2.03 43.29
C ILE C 313 9.75 1.31 44.64
N ARG C 314 10.94 1.41 45.23
CA ARG C 314 11.21 0.74 46.49
C ARG C 314 10.34 1.25 47.63
N GLU C 315 10.02 2.55 47.61
CA GLU C 315 9.12 3.14 48.59
C GLU C 315 7.70 2.59 48.45
N VAL C 316 7.24 2.41 47.22
CA VAL C 316 5.88 1.91 46.97
C VAL C 316 5.72 0.42 47.33
N PHE C 317 6.67 -0.41 46.91
CA PHE C 317 6.55 -1.86 47.05
C PHE C 317 7.36 -2.46 48.21
N GLY C 318 8.23 -1.67 48.81
CA GLY C 318 9.05 -2.14 49.91
C GLY C 318 9.93 -3.28 49.43
N ASP C 319 9.77 -4.44 50.06
CA ASP C 319 10.54 -5.64 49.73
C ASP C 319 9.79 -6.59 48.80
N LYS C 320 8.65 -6.14 48.26
CA LYS C 320 7.82 -6.96 47.38
C LYS C 320 7.79 -6.38 45.95
N SER C 321 8.99 -6.11 45.41
CA SER C 321 9.15 -5.62 44.04
C SER C 321 8.34 -6.46 43.02
N PRO C 322 7.69 -5.79 42.05
CA PRO C 322 7.24 -6.53 40.90
C PRO C 322 8.44 -6.85 40.03
N ALA C 323 8.25 -7.61 38.95
CA ALA C 323 9.32 -7.79 37.98
C ALA C 323 9.41 -6.48 37.21
N ILE C 324 10.62 -5.99 36.99
CA ILE C 324 10.81 -4.69 36.35
C ILE C 324 11.74 -4.81 35.15
N SER C 325 11.34 -4.17 34.05
CA SER C 325 12.25 -3.91 32.94
C SER C 325 11.92 -2.56 32.34
N ALA C 326 12.97 -1.89 31.86
CA ALA C 326 12.85 -0.66 31.12
C ALA C 326 12.98 -0.99 29.64
N THR C 327 11.88 -0.95 28.90
CA THR C 327 11.92 -1.25 27.46
C THR C 327 12.65 -0.17 26.64
N LYS C 328 12.93 0.99 27.22
CA LYS C 328 13.65 2.07 26.54
C LYS C 328 15.09 1.72 26.22
N ALA C 329 15.67 0.77 26.95
CA ALA C 329 17.02 0.30 26.66
C ALA C 329 17.07 -0.35 25.27
N MET C 330 15.93 -0.91 24.86
CA MET C 330 15.72 -1.41 23.51
C MET C 330 15.26 -0.31 22.55
N THR C 331 14.22 0.42 22.93
CA THR C 331 13.46 1.25 21.99
C THR C 331 13.90 2.70 21.88
N GLY C 332 14.70 3.16 22.82
CA GLY C 332 14.91 4.60 23.00
C GLY C 332 13.67 5.28 23.56
N HIS C 333 13.75 6.61 23.66
CA HIS C 333 12.70 7.43 24.27
C HIS C 333 11.90 8.18 23.19
N SER C 334 10.66 7.74 22.95
CA SER C 334 9.79 8.35 21.93
C SER C 334 8.94 9.50 22.46
N LEU C 335 9.24 9.93 23.69
CA LEU C 335 8.69 11.14 24.26
C LEU C 335 7.16 11.04 24.40
N GLY C 336 6.42 11.72 23.52
CA GLY C 336 4.98 11.76 23.61
C GLY C 336 4.26 10.48 23.21
N ALA C 337 4.95 9.64 22.44
CA ALA C 337 4.41 8.33 22.08
C ALA C 337 4.82 7.25 23.07
N ALA C 338 5.70 7.58 24.01
CA ALA C 338 6.25 6.60 24.96
C ALA C 338 5.17 5.99 25.84
N GLY C 339 4.24 6.82 26.32
CA GLY C 339 3.16 6.36 27.17
C GLY C 339 2.32 5.27 26.53
N VAL C 340 1.85 5.53 25.31
CA VAL C 340 1.00 4.56 24.61
C VAL C 340 1.80 3.37 24.12
N GLN C 341 3.03 3.61 23.66
CA GLN C 341 3.87 2.53 23.16
C GLN C 341 4.25 1.54 24.25
N GLU C 342 4.59 2.06 25.43
CA GLU C 342 4.97 1.21 26.57
C GLU C 342 3.76 0.52 27.21
N ALA C 343 2.61 1.19 27.20
CA ALA C 343 1.35 0.53 27.52
C ALA C 343 1.12 -0.68 26.61
N ILE C 344 1.40 -0.54 25.32
CA ILE C 344 1.26 -1.65 24.36
C ILE C 344 2.27 -2.78 24.63
N TYR C 345 3.51 -2.43 24.96
CA TYR C 345 4.50 -3.45 25.30
C TYR C 345 4.07 -4.23 26.53
N SER C 346 3.54 -3.52 27.52
CA SER C 346 2.99 -4.13 28.74
C SER C 346 1.80 -5.04 28.43
N LEU C 347 0.90 -4.57 27.57
CA LEU C 347 -0.23 -5.37 27.08
C LEU C 347 0.18 -6.64 26.34
N LEU C 348 1.19 -6.54 25.48
CA LEU C 348 1.67 -7.71 24.74
C LEU C 348 2.36 -8.74 25.65
N MET C 349 3.03 -8.25 26.71
CA MET C 349 3.58 -9.13 27.75
C MET C 349 2.49 -9.82 28.56
N LEU C 350 1.42 -9.08 28.83
CA LEU C 350 0.24 -9.61 29.54
C LEU C 350 -0.47 -10.67 28.67
N GLU C 351 -0.75 -10.30 27.43
CA GLU C 351 -1.45 -11.15 26.48
C GLU C 351 -0.69 -12.45 26.17
N HIS C 352 0.63 -12.34 25.97
CA HIS C 352 1.45 -13.47 25.52
C HIS C 352 2.31 -14.12 26.60
N GLY C 353 2.16 -13.68 27.85
CA GLY C 353 2.76 -14.34 28.99
C GLY C 353 4.27 -14.35 29.04
N PHE C 354 4.88 -13.17 29.01
CA PHE C 354 6.33 -13.08 29.15
C PHE C 354 6.76 -11.73 29.74
N ILE C 355 7.99 -11.69 30.24
CA ILE C 355 8.61 -10.45 30.68
C ILE C 355 9.73 -10.09 29.72
N ALA C 356 9.62 -8.92 29.10
CA ALA C 356 10.67 -8.41 28.22
C ALA C 356 11.92 -8.04 29.03
N PRO C 357 13.11 -8.26 28.45
CA PRO C 357 14.37 -8.07 29.18
C PRO C 357 14.77 -6.61 29.29
N SER C 358 15.37 -6.25 30.42
CA SER C 358 15.98 -4.93 30.57
C SER C 358 17.43 -5.05 30.11
N ILE C 359 17.71 -4.60 28.89
CA ILE C 359 19.00 -4.87 28.23
C ILE C 359 20.09 -3.83 28.48
N ASN C 360 21.31 -4.18 28.09
CA ASN C 360 22.51 -3.33 28.20
C ASN C 360 22.93 -3.01 29.63
N ILE C 361 22.51 -3.85 30.58
CA ILE C 361 22.97 -3.70 31.95
C ILE C 361 24.22 -4.56 32.13
N GLU C 362 25.37 -3.97 31.86
CA GLU C 362 26.67 -4.63 32.03
C GLU C 362 27.01 -4.71 33.52
N GLU C 363 26.81 -3.58 34.18
CA GLU C 363 27.02 -3.39 35.61
C GLU C 363 25.78 -2.65 36.06
N LEU C 364 25.09 -3.21 37.05
CA LEU C 364 23.81 -2.72 37.49
C LEU C 364 24.00 -1.73 38.64
N ASP C 365 23.26 -0.61 38.63
CA ASP C 365 23.43 0.45 39.64
C ASP C 365 23.17 -0.07 41.06
N GLU C 366 23.94 0.43 42.02
CA GLU C 366 23.75 0.10 43.45
C GLU C 366 22.29 0.14 43.86
N GLN C 367 21.59 1.18 43.43
CA GLN C 367 20.27 1.49 43.95
C GLN C 367 19.16 0.63 43.37
N ALA C 368 19.51 -0.32 42.50
CA ALA C 368 18.58 -1.34 42.03
C ALA C 368 18.58 -2.57 42.95
N ALA C 369 19.55 -2.61 43.87
CA ALA C 369 19.61 -3.67 44.88
C ALA C 369 18.32 -3.69 45.68
N GLY C 370 17.79 -4.88 45.91
CA GLY C 370 16.53 -5.05 46.62
C GLY C 370 15.31 -5.19 45.72
N LEU C 371 15.49 -4.90 44.43
CA LEU C 371 14.39 -4.95 43.47
C LEU C 371 14.59 -6.11 42.49
N ASN C 372 13.55 -6.42 41.72
CA ASN C 372 13.63 -7.49 40.72
C ASN C 372 13.76 -6.95 39.30
N ILE C 373 14.98 -6.55 38.93
CA ILE C 373 15.28 -6.11 37.58
C ILE C 373 15.54 -7.34 36.71
N VAL C 374 14.62 -7.63 35.80
CA VAL C 374 14.72 -8.79 34.93
C VAL C 374 15.50 -8.40 33.67
N THR C 375 16.62 -9.11 33.43
CA THR C 375 17.53 -8.84 32.31
C THR C 375 17.51 -9.93 31.21
N GLU C 376 16.62 -10.90 31.34
CA GLU C 376 16.47 -11.93 30.30
C GLU C 376 15.00 -12.28 30.13
N THR C 377 14.59 -12.48 28.87
CA THR C 377 13.22 -12.80 28.52
C THR C 377 12.72 -14.00 29.33
N THR C 378 11.58 -13.82 30.01
CA THR C 378 11.06 -14.83 30.92
C THR C 378 9.59 -15.11 30.67
N ASP C 379 9.26 -16.35 30.28
CA ASP C 379 7.86 -16.78 30.17
C ASP C 379 7.24 -16.84 31.56
N ARG C 380 6.07 -16.22 31.72
CA ARG C 380 5.35 -16.21 33.00
C ARG C 380 3.90 -15.76 32.78
N GLU C 381 2.97 -16.44 33.45
CA GLU C 381 1.57 -16.00 33.49
C GLU C 381 1.47 -14.73 34.32
N LEU C 382 1.25 -13.61 33.65
CA LEU C 382 1.02 -12.33 34.29
C LEU C 382 -0.48 -12.10 34.36
N THR C 383 -0.91 -11.39 35.39
CA THR C 383 -2.33 -11.03 35.57
C THR C 383 -2.53 -9.52 35.65
N THR C 384 -1.64 -8.81 36.36
CA THR C 384 -1.73 -7.37 36.55
C THR C 384 -0.39 -6.70 36.21
N VAL C 385 -0.43 -5.69 35.33
CA VAL C 385 0.78 -4.95 34.94
C VAL C 385 0.66 -3.44 35.18
N MET C 386 1.81 -2.78 35.32
CA MET C 386 1.88 -1.35 35.60
C MET C 386 2.91 -0.69 34.67
N SER C 387 2.60 0.51 34.19
CA SER C 387 3.53 1.28 33.36
C SER C 387 3.62 2.73 33.86
N ASN C 388 4.85 3.21 34.08
CA ASN C 388 5.09 4.58 34.55
C ASN C 388 5.56 5.50 33.43
N SER C 389 5.05 6.73 33.46
CA SER C 389 5.52 7.80 32.58
C SER C 389 5.63 9.07 33.41
N PHE C 390 6.84 9.61 33.49
CA PHE C 390 7.13 10.79 34.30
C PHE C 390 7.79 11.83 33.41
N GLY C 391 7.11 12.96 33.18
CA GLY C 391 7.59 13.98 32.25
C GLY C 391 8.23 15.22 32.86
N PHE C 392 9.11 15.86 32.06
CA PHE C 392 9.64 17.20 32.34
C PHE C 392 8.53 18.16 32.80
N GLY C 393 8.81 18.92 33.86
CA GLY C 393 7.79 19.76 34.47
C GLY C 393 7.10 19.08 35.65
N GLY C 394 7.63 17.94 36.05
CA GLY C 394 7.12 17.22 37.22
C GLY C 394 5.77 16.58 37.01
N THR C 395 5.50 16.15 35.78
CA THR C 395 4.19 15.60 35.43
C THR C 395 4.26 14.08 35.35
N ASN C 396 3.39 13.43 36.12
CA ASN C 396 3.46 11.98 36.31
C ASN C 396 2.18 11.31 35.88
N ALA C 397 2.32 10.19 35.16
CA ALA C 397 1.20 9.31 34.87
C ALA C 397 1.58 7.85 35.14
N THR C 398 0.64 7.10 35.71
CA THR C 398 0.80 5.65 35.86
C THR C 398 -0.50 4.96 35.43
N LEU C 399 -0.36 3.85 34.71
CA LEU C 399 -1.50 3.04 34.29
C LEU C 399 -1.33 1.62 34.81
N VAL C 400 -2.39 1.07 35.40
CA VAL C 400 -2.43 -0.34 35.80
C VAL C 400 -3.47 -1.08 34.97
N MET C 401 -3.03 -2.15 34.32
CA MET C 401 -3.87 -2.95 33.45
C MET C 401 -3.94 -4.39 33.96
N ARG C 402 -5.12 -4.99 33.86
CA ARG C 402 -5.33 -6.32 34.43
C ARG C 402 -6.21 -7.19 33.54
N LYS C 403 -5.85 -8.46 33.43
CA LYS C 403 -6.71 -9.45 32.78
C LYS C 403 -8.12 -9.44 33.37
N LEU C 404 -9.09 -9.78 32.54
CA LEU C 404 -10.50 -9.62 32.86
C LEU C 404 -11.10 -10.97 33.26
N LYS D 2 -21.38 15.80 41.87
CA LYS D 2 -20.51 16.88 42.45
C LYS D 2 -20.41 18.07 41.52
N ARG D 3 -20.60 19.26 42.08
CA ARG D 3 -20.77 20.47 41.29
C ARG D 3 -19.51 21.34 41.32
N ALA D 4 -19.26 22.04 40.20
CA ALA D 4 -18.05 22.85 40.02
C ALA D 4 -18.40 24.32 39.82
N VAL D 5 -17.67 25.17 40.52
CA VAL D 5 -17.87 26.61 40.49
C VAL D 5 -16.57 27.33 40.21
N ILE D 6 -16.67 28.55 39.69
CA ILE D 6 -15.53 29.43 39.46
C ILE D 6 -15.38 30.41 40.62
N THR D 7 -14.26 30.32 41.35
CA THR D 7 -14.07 31.10 42.57
C THR D 7 -12.95 32.13 42.50
N GLY D 8 -12.40 32.31 41.30
CA GLY D 8 -11.32 33.27 41.12
C GLY D 8 -10.93 33.30 39.67
N LEU D 9 -10.48 34.46 39.22
CA LEU D 9 -10.01 34.61 37.86
C LEU D 9 -8.86 35.60 37.73
N GLY D 10 -8.17 35.50 36.60
CA GLY D 10 -7.04 36.35 36.30
C GLY D 10 -6.85 36.37 34.81
N ILE D 11 -6.42 37.51 34.28
CA ILE D 11 -6.36 37.69 32.84
C ILE D 11 -5.29 38.69 32.45
N VAL D 12 -4.61 38.35 31.36
CA VAL D 12 -3.65 39.25 30.72
C VAL D 12 -4.03 39.28 29.26
N SER D 13 -4.59 40.41 28.83
CA SER D 13 -5.33 40.49 27.58
C SER D 13 -4.97 41.74 26.76
N SER D 14 -5.30 41.72 25.47
CA SER D 14 -5.11 42.88 24.60
C SER D 14 -5.93 44.10 25.04
N ILE D 15 -7.04 43.84 25.73
CA ILE D 15 -7.90 44.90 26.26
C ILE D 15 -7.77 45.13 27.77
N GLY D 16 -6.70 44.64 28.38
CA GLY D 16 -6.44 44.87 29.81
C GLY D 16 -5.53 43.84 30.48
N ASN D 17 -4.77 44.30 31.46
CA ASN D 17 -3.79 43.45 32.17
C ASN D 17 -4.29 42.90 33.51
N ASN D 18 -5.56 43.15 33.81
CA ASN D 18 -6.25 42.56 34.96
C ASN D 18 -7.76 42.74 34.75
N GLN D 19 -8.57 42.19 35.65
CA GLN D 19 -10.02 42.19 35.41
C GLN D 19 -10.68 43.59 35.47
N GLN D 20 -10.14 44.48 36.30
CA GLN D 20 -10.60 45.87 36.34
C GLN D 20 -10.45 46.59 34.97
N GLU D 21 -9.29 46.40 34.34
CA GLU D 21 -9.01 46.99 33.02
C GLU D 21 -9.86 46.34 31.93
N VAL D 22 -9.97 45.01 31.98
CA VAL D 22 -10.81 44.29 31.03
C VAL D 22 -12.26 44.77 31.15
N LEU D 23 -12.77 44.84 32.38
CA LEU D 23 -14.14 45.30 32.64
C LEU D 23 -14.39 46.64 31.96
N ALA D 24 -13.50 47.60 32.21
CA ALA D 24 -13.64 48.94 31.65
C ALA D 24 -13.60 48.92 30.11
N SER D 25 -12.71 48.12 29.54
CA SER D 25 -12.64 47.98 28.08
C SER D 25 -13.92 47.38 27.48
N LEU D 26 -14.42 46.31 28.11
CA LEU D 26 -15.66 45.66 27.65
C LEU D 26 -16.83 46.63 27.66
N ARG D 27 -16.93 47.40 28.73
CA ARG D 27 -17.99 48.39 28.86
C ARG D 27 -17.87 49.52 27.84
N GLU D 28 -16.66 49.98 27.57
CA GLU D 28 -16.45 51.07 26.61
C GLU D 28 -16.38 50.65 25.14
N GLY D 29 -16.41 49.35 24.88
CA GLY D 29 -16.26 48.83 23.51
C GLY D 29 -14.89 49.11 22.92
N ARG D 30 -13.86 49.08 23.78
CA ARG D 30 -12.52 49.52 23.41
C ARG D 30 -11.69 48.43 22.70
N SER D 31 -11.21 48.76 21.50
CA SER D 31 -10.34 47.86 20.75
C SER D 31 -8.98 47.70 21.42
N GLY D 32 -8.48 46.46 21.43
CA GLY D 32 -7.11 46.17 21.84
C GLY D 32 -6.17 45.96 20.67
N ILE D 33 -6.65 46.27 19.46
CA ILE D 33 -5.90 46.01 18.22
C ILE D 33 -5.09 47.22 17.79
N THR D 34 -3.83 46.95 17.46
CA THR D 34 -2.89 47.98 17.00
C THR D 34 -2.12 47.50 15.78
N PHE D 35 -1.43 48.44 15.14
CA PHE D 35 -0.54 48.15 14.02
C PHE D 35 0.71 47.47 14.56
N SER D 36 1.20 46.48 13.81
CA SER D 36 2.40 45.75 14.18
C SER D 36 3.53 45.87 13.18
N GLN D 37 4.55 46.64 13.54
CA GLN D 37 5.76 46.74 12.73
C GLN D 37 6.50 45.39 12.56
N GLU D 38 6.51 44.57 13.62
CA GLU D 38 7.07 43.21 13.54
C GLU D 38 6.44 42.37 12.42
N LEU D 39 5.11 42.35 12.38
CA LEU D 39 4.40 41.54 11.39
C LEU D 39 4.64 42.06 9.97
N LYS D 40 4.53 43.37 9.77
CA LYS D 40 4.82 43.98 8.48
C LYS D 40 6.25 43.66 7.99
N ASP D 41 7.23 43.87 8.86
CA ASP D 41 8.63 43.57 8.56
C ASP D 41 8.88 42.12 8.13
N SER D 42 8.14 41.17 8.72
CA SER D 42 8.28 39.75 8.36
C SER D 42 7.83 39.46 6.93
N GLY D 43 7.10 40.39 6.32
CA GLY D 43 6.59 40.22 4.96
C GLY D 43 5.17 39.68 4.91
N MET D 44 4.47 39.72 6.03
CA MET D 44 3.07 39.29 6.06
C MET D 44 2.14 40.32 5.41
N ARG D 45 0.95 39.87 5.01
CA ARG D 45 -0.09 40.77 4.51
C ARG D 45 -0.96 41.34 5.63
N SER D 46 -1.06 40.62 6.75
CA SER D 46 -1.72 41.11 7.96
C SER D 46 -0.70 41.89 8.80
N HIS D 47 -0.99 43.16 9.05
CA HIS D 47 -0.05 44.01 9.80
C HIS D 47 -0.65 44.47 11.12
N VAL D 48 -1.65 43.74 11.59
CA VAL D 48 -2.39 44.15 12.78
C VAL D 48 -2.44 43.03 13.80
N TRP D 49 -2.39 43.40 15.08
CA TRP D 49 -2.37 42.39 16.14
C TRP D 49 -2.96 42.84 17.47
N GLY D 50 -3.47 41.87 18.21
CA GLY D 50 -4.02 42.08 19.54
C GLY D 50 -2.94 41.82 20.56
N ASN D 51 -2.11 42.84 20.78
CA ASN D 51 -0.93 42.70 21.64
C ASN D 51 -1.21 42.96 23.12
N VAL D 52 -0.45 42.29 23.97
CA VAL D 52 -0.46 42.55 25.40
C VAL D 52 0.37 43.80 25.63
N LYS D 53 -0.24 44.79 26.27
CA LYS D 53 0.40 46.07 26.55
C LYS D 53 0.81 46.09 28.02
N LEU D 54 1.81 45.28 28.33
CA LEU D 54 2.31 45.14 29.69
C LEU D 54 3.82 44.91 29.62
N ASP D 55 4.57 45.64 30.45
CA ASP D 55 5.99 45.35 30.60
C ASP D 55 6.11 44.23 31.62
N THR D 56 6.44 43.02 31.16
CA THR D 56 6.57 41.86 32.05
C THR D 56 7.98 41.70 32.64
N THR D 57 8.92 42.51 32.19
CA THR D 57 10.27 42.55 32.76
C THR D 57 10.15 42.68 34.27
N GLY D 58 10.79 41.78 35.01
CA GLY D 58 10.84 41.86 36.46
C GLY D 58 9.63 41.37 37.24
N LEU D 59 8.60 40.87 36.56
CA LEU D 59 7.36 40.44 37.24
C LEU D 59 7.46 39.02 37.80
N ILE D 60 8.41 38.25 37.29
CA ILE D 60 8.56 36.85 37.68
C ILE D 60 10.02 36.58 38.06
N ASP D 61 10.21 35.75 39.09
CA ASP D 61 11.55 35.39 39.55
C ASP D 61 12.40 34.74 38.48
N ARG D 62 13.68 35.09 38.48
CA ARG D 62 14.65 34.62 37.49
C ARG D 62 14.67 33.09 37.35
N LYS D 63 14.56 32.39 38.47
CA LYS D 63 14.71 30.94 38.48
C LYS D 63 13.48 30.23 37.92
N VAL D 64 12.33 30.92 37.84
CA VAL D 64 11.16 30.31 37.23
C VAL D 64 10.98 30.81 35.80
N VAL D 65 11.20 32.10 35.56
CA VAL D 65 10.98 32.70 34.22
C VAL D 65 11.98 32.23 33.16
N ARG D 66 13.16 31.79 33.58
CA ARG D 66 14.17 31.26 32.65
C ARG D 66 13.69 30.06 31.85
N PHE D 67 12.70 29.34 32.37
CA PHE D 67 12.14 28.18 31.68
C PHE D 67 10.98 28.53 30.73
N MET D 68 10.54 29.79 30.76
CA MET D 68 9.24 30.16 30.20
C MET D 68 9.32 30.87 28.86
N SER D 69 8.35 30.58 28.01
CA SER D 69 8.03 31.42 26.86
C SER D 69 6.88 32.37 27.25
N ASP D 70 6.49 33.26 26.33
CA ASP D 70 5.47 34.29 26.61
C ASP D 70 4.12 33.73 27.04
N ALA D 71 3.70 32.62 26.41
CA ALA D 71 2.47 31.94 26.75
C ALA D 71 2.45 31.58 28.23
N SER D 72 3.54 30.97 28.70
CA SER D 72 3.72 30.63 30.11
C SER D 72 3.78 31.86 31.00
N ILE D 73 4.41 32.94 30.53
CA ILE D 73 4.45 34.19 31.29
C ILE D 73 3.05 34.76 31.50
N TYR D 74 2.27 34.84 30.42
CA TYR D 74 0.92 35.42 30.50
C TYR D 74 0.00 34.56 31.36
N ALA D 75 0.13 33.25 31.25
CA ALA D 75 -0.63 32.31 32.08
C ALA D 75 -0.23 32.37 33.56
N PHE D 76 1.06 32.49 33.84
CA PHE D 76 1.57 32.59 35.21
C PHE D 76 1.00 33.81 35.91
N LEU D 77 1.16 34.96 35.26
CA LEU D 77 0.63 36.21 35.77
C LEU D 77 -0.88 36.12 35.99
N SER D 78 -1.60 35.53 35.02
CA SER D 78 -3.04 35.28 35.17
C SER D 78 -3.37 34.39 36.37
N MET D 79 -2.55 33.37 36.61
CA MET D 79 -2.73 32.51 37.78
C MET D 79 -2.50 33.23 39.11
N GLU D 80 -1.46 34.08 39.18
CA GLU D 80 -1.21 34.93 40.36
C GLU D 80 -2.44 35.77 40.71
N GLN D 81 -3.05 36.35 39.69
CA GLN D 81 -4.27 37.15 39.83
C GLN D 81 -5.42 36.29 40.33
N ALA D 82 -5.53 35.07 39.81
CA ALA D 82 -6.62 34.16 40.16
C ALA D 82 -6.53 33.68 41.62
N ILE D 83 -5.31 33.35 42.05
CA ILE D 83 -5.04 32.95 43.44
C ILE D 83 -5.40 34.06 44.40
N ALA D 84 -4.97 35.29 44.08
CA ALA D 84 -5.32 36.46 44.88
C ALA D 84 -6.82 36.72 44.85
N ASP D 85 -7.40 36.70 43.66
CA ASP D 85 -8.84 36.95 43.50
C ASP D 85 -9.67 35.95 44.30
N ALA D 86 -9.23 34.69 44.32
CA ALA D 86 -9.93 33.64 45.03
C ALA D 86 -9.70 33.64 46.54
N GLY D 87 -8.71 34.40 47.02
CA GLY D 87 -8.41 34.43 48.45
C GLY D 87 -7.75 33.15 48.95
N LEU D 88 -6.93 32.54 48.09
CA LEU D 88 -6.26 31.27 48.39
C LEU D 88 -4.85 31.49 48.93
N SER D 89 -4.58 31.00 50.13
CA SER D 89 -3.25 31.10 50.71
C SER D 89 -2.42 29.87 50.35
N PRO D 90 -1.08 30.02 50.30
CA PRO D 90 -0.20 28.89 49.96
C PRO D 90 -0.46 27.62 50.77
N GLU D 91 -0.79 27.78 52.06
CA GLU D 91 -1.07 26.60 52.89
C GLU D 91 -2.34 25.88 52.45
N ALA D 92 -3.25 26.59 51.79
CA ALA D 92 -4.45 25.96 51.25
C ALA D 92 -4.15 25.16 49.97
N TYR D 93 -3.44 25.74 49.01
CA TYR D 93 -3.32 25.14 47.67
C TYR D 93 -1.98 24.47 47.33
N GLN D 94 -0.92 24.79 48.07
CA GLN D 94 0.41 24.20 47.78
C GLN D 94 0.62 22.85 48.48
N ASN D 95 1.44 22.00 47.86
CA ASN D 95 1.71 20.67 48.38
C ASN D 95 0.41 19.93 48.74
N ASN D 96 -0.58 20.03 47.87
CA ASN D 96 -1.92 19.49 48.11
C ASN D 96 -2.36 18.58 46.96
N PRO D 97 -2.55 17.27 47.22
CA PRO D 97 -2.92 16.33 46.16
C PRO D 97 -4.30 16.60 45.54
N ARG D 98 -5.14 17.36 46.25
CA ARG D 98 -6.49 17.68 45.79
C ARG D 98 -6.56 18.95 44.93
N VAL D 99 -5.40 19.54 44.63
CA VAL D 99 -5.31 20.76 43.86
C VAL D 99 -4.47 20.50 42.62
N GLY D 100 -5.05 20.78 41.44
CA GLY D 100 -4.41 20.50 40.16
C GLY D 100 -4.32 21.69 39.21
N LEU D 101 -3.77 21.45 38.03
CA LEU D 101 -3.59 22.51 37.03
C LEU D 101 -3.72 21.93 35.62
N ILE D 102 -4.74 22.38 34.90
CA ILE D 102 -4.93 22.02 33.49
C ILE D 102 -4.94 23.31 32.65
N ALA D 103 -3.89 23.51 31.87
CA ALA D 103 -3.69 24.73 31.10
C ALA D 103 -2.75 24.47 29.94
N GLY D 104 -3.09 25.01 28.76
CA GLY D 104 -2.29 24.78 27.57
C GLY D 104 -2.20 25.94 26.60
N SER D 105 -1.57 25.68 25.46
CA SER D 105 -1.52 26.64 24.36
C SER D 105 -1.83 25.91 23.07
N GLY D 106 -2.25 26.68 22.06
CA GLY D 106 -2.51 26.13 20.73
C GLY D 106 -1.25 25.77 19.98
N GLY D 107 -0.15 26.48 20.21
CA GLY D 107 1.07 26.34 19.40
C GLY D 107 2.40 26.21 20.13
N GLY D 108 2.39 26.15 21.47
CA GLY D 108 3.64 26.10 22.24
C GLY D 108 4.43 27.40 22.11
N SER D 109 5.65 27.31 21.57
CA SER D 109 6.40 28.49 21.19
C SER D 109 7.19 28.29 19.89
N PRO D 110 6.58 28.66 18.75
CA PRO D 110 7.35 28.77 17.50
C PRO D 110 8.54 29.73 17.63
N ARG D 111 8.40 30.83 18.38
CA ARG D 111 9.52 31.76 18.53
C ARG D 111 10.77 31.06 19.03
N PHE D 112 10.64 30.30 20.10
CA PHE D 112 11.80 29.65 20.72
C PHE D 112 12.20 28.36 20.02
N GLN D 113 11.24 27.67 19.41
CA GLN D 113 11.56 26.54 18.56
C GLN D 113 12.40 27.01 17.36
N VAL D 114 11.99 28.12 16.76
CA VAL D 114 12.75 28.74 15.67
C VAL D 114 14.09 29.29 16.16
N PHE D 115 14.10 29.95 17.32
CA PHE D 115 15.35 30.46 17.88
C PHE D 115 16.36 29.32 18.05
N GLY D 116 15.87 28.19 18.56
CA GLY D 116 16.69 27.00 18.77
C GLY D 116 17.31 26.45 17.49
N ALA D 117 16.51 26.34 16.44
CA ALA D 117 16.99 25.84 15.15
C ALA D 117 18.00 26.82 14.53
N ASP D 118 17.67 28.12 14.55
CA ASP D 118 18.57 29.16 14.03
C ASP D 118 19.92 29.20 14.70
N ALA D 119 19.92 29.03 16.02
CA ALA D 119 21.15 29.04 16.80
C ALA D 119 21.98 27.80 16.48
N MET D 120 21.32 26.66 16.42
CA MET D 120 21.96 25.37 16.16
C MET D 120 22.65 25.32 14.79
N ARG D 121 22.08 26.02 13.80
CA ARG D 121 22.65 26.09 12.46
C ARG D 121 23.81 27.07 12.36
N GLY D 122 23.95 27.95 13.34
CA GLY D 122 25.08 28.87 13.39
C GLY D 122 26.38 28.18 13.79
N PRO D 123 27.49 28.94 13.79
CA PRO D 123 28.83 28.39 14.07
C PRO D 123 29.06 27.83 15.50
N ARG D 124 28.34 28.36 16.49
CA ARG D 124 28.49 27.88 17.88
C ARG D 124 27.61 26.67 18.23
N GLY D 125 26.60 26.40 17.40
CA GLY D 125 25.76 25.21 17.56
C GLY D 125 25.12 25.04 18.92
N LEU D 126 25.34 23.88 19.54
CA LEU D 126 24.76 23.53 20.85
C LEU D 126 24.92 24.62 21.90
N LYS D 127 26.09 25.25 21.92
CA LYS D 127 26.39 26.32 22.86
C LYS D 127 25.47 27.55 22.67
N ALA D 128 25.09 27.82 21.42
CA ALA D 128 24.23 28.95 21.08
C ALA D 128 22.78 28.67 21.46
N VAL D 129 22.38 27.40 21.44
CA VAL D 129 21.02 27.01 21.79
C VAL D 129 20.75 27.23 23.28
N GLY D 130 21.64 26.71 24.12
CA GLY D 130 21.51 26.82 25.57
C GLY D 130 20.60 25.73 26.12
N PRO D 131 20.50 25.62 27.45
CA PRO D 131 19.79 24.50 28.07
C PRO D 131 18.32 24.76 28.45
N TYR D 132 17.76 25.90 28.05
CA TYR D 132 16.39 26.27 28.45
C TYR D 132 15.36 26.19 27.33
N VAL D 133 15.82 25.90 26.10
CA VAL D 133 14.93 25.94 24.93
C VAL D 133 13.84 24.88 24.98
N VAL D 134 14.14 23.71 25.56
CA VAL D 134 13.18 22.60 25.60
C VAL D 134 11.90 22.96 26.32
N THR D 135 12.01 23.63 27.46
CA THR D 135 10.82 23.96 28.25
C THR D 135 10.08 25.16 27.69
N LYS D 136 10.81 26.06 27.03
CA LYS D 136 10.18 27.18 26.35
C LYS D 136 9.40 26.70 25.15
N ALA D 137 9.98 25.75 24.42
CA ALA D 137 9.43 25.31 23.14
C ALA D 137 8.40 24.20 23.23
N MET D 138 8.37 23.45 24.33
CA MET D 138 7.47 22.27 24.40
C MET D 138 6.00 22.68 24.53
N ALA D 139 5.13 21.84 23.98
CA ALA D 139 3.69 22.09 23.96
C ALA D 139 3.07 22.15 25.36
N SER D 140 3.70 21.47 26.32
CA SER D 140 3.21 21.43 27.69
C SER D 140 3.82 22.53 28.58
N GLY D 141 4.41 23.55 27.96
CA GLY D 141 5.08 24.63 28.69
C GLY D 141 4.20 25.38 29.68
N VAL D 142 2.99 25.74 29.25
CA VAL D 142 2.10 26.50 30.13
C VAL D 142 1.83 25.75 31.43
N SER D 143 1.56 24.44 31.36
CA SER D 143 1.32 23.65 32.58
C SER D 143 2.60 23.34 33.33
N ALA D 144 3.66 22.96 32.61
CA ALA D 144 4.95 22.64 33.23
C ALA D 144 5.51 23.81 34.01
N CYS D 145 5.50 24.99 33.39
CA CYS D 145 6.08 26.19 33.99
C CYS D 145 5.27 26.79 35.12
N LEU D 146 4.01 26.40 35.27
CA LEU D 146 3.18 26.91 36.37
C LEU D 146 3.09 25.90 37.51
N ALA D 147 3.00 24.62 37.18
CA ALA D 147 2.80 23.56 38.18
C ALA D 147 3.93 23.55 39.21
N THR D 148 5.16 23.72 38.72
CA THR D 148 6.36 23.67 39.55
C THR D 148 6.42 24.82 40.57
N PRO D 149 6.53 26.09 40.11
CA PRO D 149 6.63 27.19 41.08
C PRO D 149 5.46 27.33 42.04
N PHE D 150 4.23 27.08 41.57
CA PHE D 150 3.04 27.13 42.43
C PHE D 150 2.86 25.89 43.32
N LYS D 151 3.76 24.91 43.17
CA LYS D 151 3.82 23.73 44.03
C LYS D 151 2.55 22.87 43.97
N ILE D 152 2.10 22.62 42.74
CA ILE D 152 0.92 21.81 42.49
C ILE D 152 1.28 20.32 42.63
N HIS D 153 0.43 19.59 43.38
CA HIS D 153 0.61 18.15 43.56
C HIS D 153 -0.42 17.28 42.84
N GLY D 154 -1.57 17.86 42.48
CA GLY D 154 -2.62 17.10 41.79
C GLY D 154 -2.34 16.92 40.30
N VAL D 155 -3.40 16.91 39.49
CA VAL D 155 -3.25 16.75 38.04
C VAL D 155 -2.42 17.88 37.44
N ASN D 156 -1.59 17.53 36.47
CA ASN D 156 -0.71 18.48 35.82
C ASN D 156 -0.49 18.08 34.37
N TYR D 157 -1.16 18.78 33.47
CA TYR D 157 -0.93 18.62 32.04
C TYR D 157 -1.62 19.75 31.26
N SER D 158 -1.38 19.78 29.95
CA SER D 158 -2.02 20.72 29.05
C SER D 158 -3.01 19.98 28.15
N ILE D 159 -4.16 20.60 27.90
CA ILE D 159 -5.02 20.20 26.80
C ILE D 159 -4.61 21.13 25.68
N SER D 160 -4.58 20.62 24.45
CA SER D 160 -4.45 21.46 23.26
C SER D 160 -5.46 21.01 22.22
N SER D 161 -6.15 22.00 21.65
CA SER D 161 -7.16 21.77 20.63
C SER D 161 -7.35 23.04 19.80
N ALA D 162 -6.23 23.62 19.36
CA ALA D 162 -6.23 24.86 18.61
C ALA D 162 -7.06 25.98 19.28
N CYS D 163 -8.05 26.54 18.61
CA CYS D 163 -8.82 27.67 19.17
C CYS D 163 -9.74 27.27 20.33
N ALA D 164 -9.89 25.97 20.58
CA ALA D 164 -10.71 25.52 21.70
C ALA D 164 -9.92 25.11 22.94
N THR D 165 -8.59 25.32 22.96
CA THR D 165 -7.75 24.64 23.95
C THR D 165 -8.10 24.96 25.40
N SER D 166 -8.25 26.24 25.72
CA SER D 166 -8.46 26.62 27.12
C SER D 166 -9.89 26.36 27.60
N ALA D 167 -10.83 26.32 26.65
CA ALA D 167 -12.21 25.90 26.95
C ALA D 167 -12.25 24.42 27.38
N HIS D 168 -11.62 23.57 26.57
CA HIS D 168 -11.45 22.16 26.92
C HIS D 168 -10.65 21.98 28.21
N CYS D 169 -9.73 22.91 28.51
CA CYS D 169 -9.00 22.86 29.79
C CYS D 169 -9.96 23.03 30.96
N ILE D 170 -10.84 24.03 30.86
CA ILE D 170 -11.83 24.30 31.91
C ILE D 170 -12.78 23.12 32.07
N GLY D 171 -13.29 22.60 30.94
CA GLY D 171 -14.16 21.42 30.94
C GLY D 171 -13.54 20.21 31.60
N ASN D 172 -12.30 19.93 31.24
CA ASN D 172 -11.53 18.84 31.85
C ASN D 172 -11.37 19.05 33.36
N ALA D 173 -11.06 20.29 33.77
CA ALA D 173 -10.99 20.63 35.20
C ALA D 173 -12.32 20.29 35.89
N VAL D 174 -13.42 20.68 35.25
CA VAL D 174 -14.74 20.39 35.79
C VAL D 174 -14.97 18.88 35.96
N GLU D 175 -14.56 18.09 34.96
CA GLU D 175 -14.63 16.62 35.03
C GLU D 175 -13.78 16.04 36.18
N GLN D 176 -12.67 16.69 36.52
CA GLN D 176 -11.85 16.25 37.65
C GLN D 176 -12.60 16.44 38.98
N ILE D 177 -13.38 17.51 39.07
CA ILE D 177 -14.25 17.74 40.22
C ILE D 177 -15.33 16.67 40.26
N GLN D 178 -16.00 16.48 39.12
CA GLN D 178 -17.12 15.52 39.00
C GLN D 178 -16.70 14.09 39.35
N LEU D 179 -15.47 13.71 38.99
CA LEU D 179 -14.93 12.40 39.36
C LEU D 179 -14.52 12.34 40.84
N GLY D 180 -14.65 13.46 41.55
CA GLY D 180 -14.26 13.52 42.95
C GLY D 180 -12.77 13.46 43.17
N LYS D 181 -11.98 13.68 42.11
CA LYS D 181 -10.53 13.53 42.18
C LYS D 181 -9.80 14.78 42.67
N GLN D 182 -10.43 15.94 42.53
CA GLN D 182 -9.78 17.21 42.83
C GLN D 182 -10.77 18.16 43.49
N ASP D 183 -10.29 18.96 44.43
CA ASP D 183 -11.11 20.02 45.07
C ASP D 183 -10.99 21.32 44.30
N ILE D 184 -9.77 21.59 43.81
CA ILE D 184 -9.48 22.78 43.02
C ILE D 184 -8.64 22.37 41.82
N VAL D 185 -9.01 22.89 40.66
CA VAL D 185 -8.17 22.82 39.48
C VAL D 185 -8.11 24.21 38.88
N PHE D 186 -6.89 24.73 38.78
CA PHE D 186 -6.63 25.94 38.02
C PHE D 186 -6.67 25.57 36.56
N ALA D 187 -7.55 26.23 35.80
CA ALA D 187 -7.74 25.97 34.38
C ALA D 187 -7.58 27.25 33.58
N GLY D 188 -6.88 27.15 32.44
CA GLY D 188 -6.78 28.27 31.53
C GLY D 188 -5.77 28.02 30.44
N GLY D 189 -5.03 29.05 30.06
CA GLY D 189 -4.12 28.93 28.95
C GLY D 189 -3.34 30.19 28.65
N GLY D 190 -2.44 30.10 27.68
CA GLY D 190 -1.63 31.22 27.25
C GLY D 190 -1.27 31.07 25.79
N GLU D 191 -0.88 32.18 25.17
CA GLU D 191 -0.48 32.16 23.77
C GLU D 191 0.47 33.32 23.49
N GLU D 192 1.60 33.02 22.87
CA GLU D 192 2.55 34.08 22.51
C GLU D 192 2.09 34.77 21.24
N LEU D 193 2.57 35.99 21.05
CA LEU D 193 2.27 36.75 19.85
C LEU D 193 3.56 36.98 19.08
N CYS D 194 3.64 36.45 17.87
CA CYS D 194 4.88 36.52 17.08
C CYS D 194 4.67 36.20 15.60
N TRP D 195 5.52 36.78 14.75
CA TRP D 195 5.46 36.53 13.31
C TRP D 195 5.71 35.06 12.97
N GLU D 196 6.54 34.40 13.78
CA GLU D 196 6.90 33.00 13.54
C GLU D 196 5.67 32.12 13.42
N MET D 197 4.70 32.35 14.30
CA MET D 197 3.42 31.62 14.28
C MET D 197 2.42 32.29 13.36
N ALA D 198 2.33 33.62 13.44
CA ALA D 198 1.31 34.38 12.71
C ALA D 198 1.34 34.17 11.21
N CYS D 199 2.54 34.05 10.64
CA CYS D 199 2.71 33.87 9.20
C CYS D 199 2.07 32.57 8.70
N GLU D 200 1.99 31.57 9.58
CA GLU D 200 1.32 30.30 9.25
C GLU D 200 -0.16 30.51 8.96
N PHE D 201 -0.84 31.29 9.80
CA PHE D 201 -2.26 31.58 9.58
C PHE D 201 -2.43 32.50 8.36
N ASP D 202 -1.53 33.45 8.18
CA ASP D 202 -1.57 34.34 7.01
C ASP D 202 -1.45 33.50 5.72
N ALA D 203 -0.53 32.54 5.74
CA ALA D 203 -0.28 31.68 4.57
C ALA D 203 -1.45 30.77 4.20
N MET D 204 -2.34 30.50 5.15
CA MET D 204 -3.62 29.84 4.82
C MET D 204 -4.74 30.85 4.53
N GLY D 205 -4.41 32.13 4.51
CA GLY D 205 -5.36 33.19 4.19
C GLY D 205 -6.39 33.45 5.28
N ALA D 206 -6.07 33.07 6.51
CA ALA D 206 -7.01 33.15 7.63
C ALA D 206 -7.08 34.53 8.29
N LEU D 207 -6.04 35.34 8.09
CA LEU D 207 -5.93 36.65 8.76
C LEU D 207 -6.42 37.81 7.90
N SER D 208 -6.76 38.91 8.59
CA SER D 208 -7.27 40.12 7.96
C SER D 208 -6.16 40.94 7.31
N THR D 209 -6.34 41.29 6.03
CA THR D 209 -5.32 42.05 5.29
C THR D 209 -5.77 43.42 4.74
N LYS D 210 -7.08 43.67 4.69
CA LYS D 210 -7.61 44.87 4.00
C LYS D 210 -7.72 46.12 4.88
N TYR D 211 -7.38 46.01 6.16
CA TYR D 211 -7.64 47.08 7.14
C TYR D 211 -6.40 47.51 7.93
N ASN D 212 -5.22 47.28 7.36
CA ASN D 212 -3.97 47.59 8.06
C ASN D 212 -3.81 49.08 8.38
N ASP D 213 -4.45 49.93 7.58
CA ASP D 213 -4.42 51.38 7.79
C ASP D 213 -5.28 51.82 8.97
N THR D 214 -6.25 51.00 9.35
CA THR D 214 -7.20 51.31 10.43
C THR D 214 -7.35 50.06 11.30
N PRO D 215 -6.33 49.78 12.14
CA PRO D 215 -6.24 48.53 12.91
C PRO D 215 -7.48 48.20 13.75
N GLU D 216 -8.06 49.21 14.38
CA GLU D 216 -9.20 49.01 15.27
C GLU D 216 -10.47 48.54 14.55
N LYS D 217 -10.49 48.64 13.23
CA LYS D 217 -11.64 48.21 12.44
C LYS D 217 -11.44 46.90 11.69
N ALA D 218 -10.27 46.29 11.84
CA ALA D 218 -9.91 45.05 11.14
C ALA D 218 -10.68 43.83 11.63
N SER D 219 -10.89 43.75 12.95
CA SER D 219 -11.69 42.69 13.54
C SER D 219 -13.14 43.17 13.61
N ARG D 220 -14.01 42.56 12.82
CA ARG D 220 -15.36 43.07 12.59
C ARG D 220 -16.36 41.91 12.38
N THR D 221 -16.39 41.00 13.36
CA THR D 221 -17.25 39.81 13.30
C THR D 221 -18.66 40.20 12.95
N TYR D 222 -19.25 39.53 11.95
CA TYR D 222 -20.63 39.75 11.47
C TYR D 222 -20.81 40.92 10.48
N ASP D 223 -19.75 41.70 10.27
CA ASP D 223 -19.79 42.73 9.26
C ASP D 223 -19.67 42.12 7.86
N ALA D 224 -20.39 42.70 6.90
CA ALA D 224 -20.45 42.22 5.53
C ALA D 224 -19.08 42.20 4.84
N HIS D 225 -18.13 43.00 5.34
CA HIS D 225 -16.84 43.19 4.68
C HIS D 225 -15.66 42.71 5.53
N ARG D 226 -15.94 41.73 6.39
CA ARG D 226 -14.93 41.07 7.20
C ARG D 226 -14.01 40.23 6.30
N ASP D 227 -12.74 40.08 6.67
CA ASP D 227 -11.76 39.42 5.80
C ASP D 227 -10.74 38.55 6.53
N GLY D 228 -11.13 37.96 7.65
CA GLY D 228 -10.23 37.11 8.44
C GLY D 228 -10.02 37.64 9.84
N PHE D 229 -9.44 36.83 10.71
CA PHE D 229 -9.28 37.22 12.10
C PHE D 229 -8.00 38.04 12.32
N VAL D 230 -7.94 38.70 13.47
CA VAL D 230 -6.77 39.43 13.89
C VAL D 230 -6.11 38.61 15.01
N ILE D 231 -4.91 38.11 14.74
CA ILE D 231 -4.16 37.30 15.69
C ILE D 231 -3.88 38.13 16.96
N ALA D 232 -4.10 37.54 18.11
CA ALA D 232 -3.74 38.14 19.39
C ALA D 232 -2.96 37.15 20.27
N GLY D 233 -2.49 37.64 21.40
CA GLY D 233 -1.81 36.82 22.40
C GLY D 233 -2.33 37.21 23.77
N GLY D 234 -1.90 36.47 24.79
CA GLY D 234 -2.29 36.77 26.17
C GLY D 234 -2.56 35.51 26.94
N GLY D 235 -3.18 35.66 28.10
CA GLY D 235 -3.45 34.53 28.97
C GLY D 235 -4.69 34.72 29.82
N GLY D 236 -5.10 33.63 30.46
CA GLY D 236 -6.21 33.67 31.40
C GLY D 236 -6.17 32.45 32.28
N MET D 237 -6.75 32.57 33.47
CA MET D 237 -6.81 31.44 34.39
C MET D 237 -8.03 31.61 35.29
N VAL D 238 -8.73 30.52 35.50
CA VAL D 238 -9.84 30.49 36.45
C VAL D 238 -9.57 29.42 37.50
N VAL D 239 -10.17 29.63 38.66
CA VAL D 239 -10.10 28.68 39.76
C VAL D 239 -11.39 27.89 39.72
N VAL D 240 -11.30 26.63 39.32
CA VAL D 240 -12.45 25.75 39.27
C VAL D 240 -12.44 24.95 40.56
N GLU D 241 -13.57 24.97 41.27
CA GLU D 241 -13.59 24.45 42.62
C GLU D 241 -14.87 23.65 42.89
N GLU D 242 -14.74 22.57 43.67
CA GLU D 242 -15.91 21.82 44.08
C GLU D 242 -16.78 22.71 44.99
N LEU D 243 -18.09 22.66 44.79
CA LEU D 243 -19.03 23.56 45.48
C LEU D 243 -18.90 23.56 47.01
N GLU D 244 -18.99 22.39 47.64
CA GLU D 244 -18.94 22.34 49.10
C GLU D 244 -17.60 22.82 49.66
N HIS D 245 -16.51 22.48 48.97
CA HIS D 245 -15.18 23.01 49.32
C HIS D 245 -15.16 24.55 49.27
N ALA D 246 -15.78 25.12 48.24
CA ALA D 246 -15.82 26.58 48.09
C ALA D 246 -16.68 27.22 49.17
N LEU D 247 -17.86 26.66 49.39
CA LEU D 247 -18.77 27.10 50.44
C LEU D 247 -18.12 27.05 51.83
N ALA D 248 -17.41 25.95 52.12
CA ALA D 248 -16.80 25.76 53.44
C ALA D 248 -15.74 26.81 53.78
N ARG D 249 -15.08 27.38 52.77
CA ARG D 249 -14.07 28.42 53.01
C ARG D 249 -14.58 29.85 52.75
N GLY D 250 -15.89 30.00 52.55
CA GLY D 250 -16.46 31.34 52.29
C GLY D 250 -15.97 31.96 51.00
N ALA D 251 -15.85 31.15 49.94
CA ALA D 251 -15.37 31.64 48.65
C ALA D 251 -16.35 32.61 47.98
N HIS D 252 -15.81 33.60 47.26
CA HIS D 252 -16.61 34.39 46.35
C HIS D 252 -16.80 33.51 45.13
N ILE D 253 -18.04 33.13 44.88
CA ILE D 253 -18.40 32.28 43.76
C ILE D 253 -19.00 33.13 42.66
N TYR D 254 -18.33 33.14 41.51
CA TYR D 254 -18.78 33.86 40.33
C TYR D 254 -19.97 33.14 39.71
N ALA D 255 -19.81 31.84 39.49
CA ALA D 255 -20.84 31.05 38.82
C ALA D 255 -20.54 29.58 38.94
N GLU D 256 -21.57 28.77 38.72
CA GLU D 256 -21.43 27.32 38.59
C GLU D 256 -21.29 26.99 37.12
N ILE D 257 -20.41 26.03 36.80
CA ILE D 257 -20.32 25.51 35.44
C ILE D 257 -21.37 24.42 35.32
N VAL D 258 -22.52 24.78 34.76
CA VAL D 258 -23.68 23.88 34.66
C VAL D 258 -23.73 23.10 33.34
N GLY D 259 -22.84 23.44 32.41
CA GLY D 259 -22.78 22.75 31.13
C GLY D 259 -21.40 22.78 30.47
N TYR D 260 -21.01 21.65 29.91
CA TYR D 260 -19.75 21.50 29.18
C TYR D 260 -19.94 20.57 28.00
N GLY D 261 -19.85 21.12 26.78
CA GLY D 261 -19.92 20.32 25.56
C GLY D 261 -18.55 20.18 24.93
N ALA D 262 -18.29 19.01 24.36
CA ALA D 262 -17.08 18.75 23.61
C ALA D 262 -17.37 17.71 22.54
N THR D 263 -17.21 18.10 21.28
CA THR D 263 -17.55 17.26 20.14
C THR D 263 -16.54 17.45 19.02
N SER D 264 -16.68 16.62 17.99
CA SER D 264 -15.80 16.61 16.83
C SER D 264 -16.65 16.68 15.55
N ASP D 265 -16.16 17.39 14.54
CA ASP D 265 -16.89 17.48 13.26
C ASP D 265 -16.67 16.20 12.46
N GLY D 266 -15.42 15.76 12.40
CA GLY D 266 -15.05 14.61 11.59
C GLY D 266 -15.42 14.79 10.12
N ALA D 267 -15.28 16.01 9.59
CA ALA D 267 -15.66 16.29 8.20
C ALA D 267 -14.51 16.95 7.43
N ASP D 268 -14.35 18.27 7.64
CA ASP D 268 -13.35 19.14 6.98
C ASP D 268 -12.32 19.63 8.00
N MET D 269 -11.07 19.77 7.57
CA MET D 269 -9.97 20.13 8.47
C MET D 269 -9.99 21.59 8.89
N VAL D 270 -10.26 22.48 7.93
CA VAL D 270 -10.12 23.91 8.17
C VAL D 270 -11.44 24.71 8.03
N ALA D 271 -12.55 24.01 7.76
CA ALA D 271 -13.87 24.64 7.64
C ALA D 271 -14.90 23.94 8.55
N PRO D 272 -15.66 24.72 9.34
CA PRO D 272 -16.67 24.15 10.26
C PRO D 272 -17.85 23.51 9.52
N SER D 273 -18.32 22.37 10.02
CA SER D 273 -19.47 21.69 9.42
C SER D 273 -20.78 22.28 9.93
N GLY D 274 -20.77 22.89 11.11
CA GLY D 274 -21.98 23.38 11.76
C GLY D 274 -22.63 22.30 12.60
N GLU D 275 -22.78 21.11 12.03
CA GLU D 275 -23.38 19.96 12.72
C GLU D 275 -22.72 19.61 14.07
N GLY D 276 -21.38 19.67 14.11
CA GLY D 276 -20.67 19.44 15.38
C GLY D 276 -20.92 20.52 16.41
N ALA D 277 -21.09 21.75 15.96
CA ALA D 277 -21.38 22.88 16.85
C ALA D 277 -22.77 22.79 17.45
N VAL D 278 -23.73 22.34 16.65
CA VAL D 278 -25.09 22.09 17.12
C VAL D 278 -25.06 21.10 18.28
N ARG D 279 -24.47 19.92 18.04
CA ARG D 279 -24.34 18.88 19.09
C ARG D 279 -23.59 19.37 20.32
N CYS D 280 -22.55 20.18 20.10
CA CYS D 280 -21.76 20.71 21.21
C CYS D 280 -22.61 21.59 22.14
N MET D 281 -23.35 22.52 21.55
CA MET D 281 -24.22 23.41 22.32
C MET D 281 -25.36 22.65 22.98
N LYS D 282 -25.93 21.67 22.28
CA LYS D 282 -26.99 20.82 22.85
C LYS D 282 -26.48 20.03 24.06
N MET D 283 -25.29 19.44 23.93
CA MET D 283 -24.63 18.73 25.02
C MET D 283 -24.45 19.64 26.23
N ALA D 284 -23.91 20.84 25.98
CA ALA D 284 -23.70 21.84 27.04
C ALA D 284 -25.02 22.24 27.72
N MET D 285 -26.11 22.17 26.98
CA MET D 285 -27.42 22.58 27.46
C MET D 285 -28.19 21.48 28.18
N HIS D 286 -27.71 20.25 28.07
CA HIS D 286 -28.47 19.11 28.56
C HIS D 286 -28.73 19.21 30.07
N GLY D 287 -30.00 19.17 30.45
CA GLY D 287 -30.38 19.31 31.86
C GLY D 287 -30.17 20.70 32.44
N VAL D 288 -29.88 21.70 31.59
CA VAL D 288 -29.86 23.09 32.02
C VAL D 288 -31.29 23.60 31.85
N ASP D 289 -31.94 23.94 32.96
CA ASP D 289 -33.37 24.23 32.97
C ASP D 289 -33.69 25.71 32.82
N THR D 290 -32.67 26.56 32.77
CA THR D 290 -32.83 27.99 32.54
C THR D 290 -32.38 28.36 31.12
N PRO D 291 -32.93 29.45 30.56
CA PRO D 291 -32.56 29.89 29.23
C PRO D 291 -31.21 30.63 29.22
N ILE D 292 -30.58 30.72 28.04
CA ILE D 292 -29.31 31.43 27.90
C ILE D 292 -29.65 32.88 27.66
N ASP D 293 -29.12 33.74 28.53
CA ASP D 293 -29.38 35.17 28.48
C ASP D 293 -28.36 35.88 27.58
N TYR D 294 -27.19 35.26 27.43
CA TYR D 294 -26.14 35.83 26.61
C TYR D 294 -25.20 34.73 26.10
N LEU D 295 -24.79 34.87 24.85
CA LEU D 295 -23.94 33.91 24.18
C LEU D 295 -22.72 34.67 23.64
N ASN D 296 -21.56 34.39 24.20
CA ASN D 296 -20.30 34.89 23.69
C ASN D 296 -19.87 33.96 22.57
N SER D 297 -19.98 34.42 21.33
CA SER D 297 -19.75 33.58 20.17
C SER D 297 -18.26 33.35 19.95
N HIS D 298 -17.93 32.29 19.22
CA HIS D 298 -16.55 32.05 18.79
C HIS D 298 -16.12 33.21 17.86
N GLY D 299 -16.95 33.50 16.87
CA GLY D 299 -16.92 34.75 16.12
C GLY D 299 -15.58 35.43 15.85
N THR D 300 -14.76 34.78 15.02
CA THR D 300 -13.39 35.23 14.76
C THR D 300 -13.26 36.33 13.70
N SER D 301 -14.35 36.57 12.97
CA SER D 301 -14.44 37.61 11.92
C SER D 301 -13.88 37.10 10.56
N THR D 302 -14.19 35.83 10.29
CA THR D 302 -13.98 35.16 9.01
C THR D 302 -15.30 35.00 8.25
N PRO D 303 -15.27 35.13 6.90
CA PRO D 303 -16.43 34.94 6.01
C PRO D 303 -17.33 33.73 6.32
N VAL D 304 -16.75 32.53 6.30
CA VAL D 304 -17.53 31.31 6.45
C VAL D 304 -17.80 30.98 7.91
N GLY D 305 -16.78 31.11 8.75
CA GLY D 305 -16.87 30.75 10.16
C GLY D 305 -18.00 31.41 10.92
N ASP D 306 -18.06 32.74 10.86
CA ASP D 306 -19.04 33.53 11.61
C ASP D 306 -20.45 33.04 11.34
N VAL D 307 -20.74 32.87 10.06
CA VAL D 307 -22.06 32.57 9.55
C VAL D 307 -22.46 31.12 9.83
N LYS D 308 -21.49 30.21 9.74
CA LYS D 308 -21.72 28.81 10.08
C LYS D 308 -22.20 28.65 11.53
N GLU D 309 -21.54 29.37 12.44
CA GLU D 309 -21.90 29.31 13.86
C GLU D 309 -23.29 29.89 14.11
N LEU D 310 -23.62 31.00 13.45
CA LEU D 310 -24.95 31.59 13.54
C LEU D 310 -26.04 30.61 13.12
N ALA D 311 -25.83 29.89 12.03
CA ALA D 311 -26.80 28.88 11.58
C ALA D 311 -26.94 27.76 12.60
N ALA D 312 -25.85 27.41 13.28
CA ALA D 312 -25.89 26.39 14.32
C ALA D 312 -26.70 26.91 15.51
N ILE D 313 -26.48 28.17 15.87
CA ILE D 313 -27.20 28.79 16.98
C ILE D 313 -28.72 28.80 16.71
N ARG D 314 -29.12 29.21 15.50
CA ARG D 314 -30.52 29.14 15.09
C ARG D 314 -31.12 27.75 15.31
N GLU D 315 -30.44 26.73 14.81
CA GLU D 315 -30.92 25.35 14.90
C GLU D 315 -31.03 24.87 16.35
N VAL D 316 -30.05 25.23 17.18
CA VAL D 316 -30.09 24.85 18.60
C VAL D 316 -31.26 25.52 19.34
N PHE D 317 -31.40 26.83 19.17
CA PHE D 317 -32.37 27.63 19.95
C PHE D 317 -33.73 27.87 19.29
N GLY D 318 -33.83 27.61 17.99
CA GLY D 318 -35.08 27.85 17.25
C GLY D 318 -35.54 29.29 17.37
N ASP D 319 -36.75 29.48 17.90
CA ASP D 319 -37.32 30.82 18.09
C ASP D 319 -37.00 31.46 19.45
N LYS D 320 -36.09 30.85 20.22
CA LYS D 320 -35.71 31.38 21.53
C LYS D 320 -34.21 31.66 21.59
N SER D 321 -33.72 32.43 20.63
CA SER D 321 -32.29 32.70 20.54
C SER D 321 -31.87 33.76 21.55
N PRO D 322 -30.64 33.64 22.10
CA PRO D 322 -30.18 34.60 23.08
C PRO D 322 -29.52 35.83 22.46
N ALA D 323 -29.24 36.81 23.31
CA ALA D 323 -28.40 37.94 22.94
C ALA D 323 -27.00 37.44 22.65
N ILE D 324 -26.40 37.96 21.59
CA ILE D 324 -25.11 37.51 21.11
C ILE D 324 -24.18 38.71 20.92
N SER D 325 -22.93 38.54 21.29
CA SER D 325 -21.87 39.46 20.86
C SER D 325 -20.57 38.69 20.68
N ALA D 326 -19.74 39.15 19.75
CA ALA D 326 -18.42 38.58 19.49
C ALA D 326 -17.37 39.54 20.05
N THR D 327 -16.81 39.20 21.20
CA THR D 327 -15.83 40.06 21.85
C THR D 327 -14.52 40.11 21.07
N LYS D 328 -14.28 39.12 20.20
CA LYS D 328 -13.07 39.12 19.36
C LYS D 328 -12.96 40.35 18.48
N ALA D 329 -14.09 40.97 18.14
CA ALA D 329 -14.08 42.24 17.42
C ALA D 329 -13.30 43.33 18.18
N MET D 330 -13.30 43.28 19.52
CA MET D 330 -12.43 44.14 20.35
C MET D 330 -11.01 43.57 20.59
N THR D 331 -10.93 42.27 20.88
CA THR D 331 -9.74 41.68 21.46
C THR D 331 -8.81 41.03 20.43
N GLY D 332 -9.35 40.69 19.27
CA GLY D 332 -8.69 39.76 18.37
C GLY D 332 -8.80 38.33 18.87
N HIS D 333 -8.15 37.42 18.13
CA HIS D 333 -8.24 35.98 18.36
C HIS D 333 -6.94 35.53 19.01
N SER D 334 -7.00 35.23 20.30
CA SER D 334 -5.82 34.82 21.07
C SER D 334 -5.62 33.30 21.05
N LEU D 335 -6.32 32.63 20.14
CA LEU D 335 -6.07 31.23 19.81
C LEU D 335 -6.22 30.31 21.04
N GLY D 336 -5.12 29.89 21.64
CA GLY D 336 -5.17 28.94 22.77
C GLY D 336 -5.67 29.57 24.05
N ALA D 337 -5.43 30.87 24.20
CA ALA D 337 -5.95 31.63 25.34
C ALA D 337 -7.40 32.07 25.15
N ALA D 338 -7.98 31.83 23.97
CA ALA D 338 -9.30 32.40 23.65
C ALA D 338 -10.44 31.91 24.56
N GLY D 339 -10.52 30.60 24.74
CA GLY D 339 -11.58 29.99 25.52
C GLY D 339 -11.66 30.50 26.96
N VAL D 340 -10.52 30.57 27.64
CA VAL D 340 -10.50 31.01 29.03
C VAL D 340 -10.72 32.52 29.14
N GLN D 341 -10.11 33.29 28.26
CA GLN D 341 -10.30 34.75 28.26
C GLN D 341 -11.76 35.11 28.04
N GLU D 342 -12.41 34.44 27.08
CA GLU D 342 -13.81 34.69 26.76
C GLU D 342 -14.76 34.13 27.81
N ALA D 343 -14.38 33.05 28.47
CA ALA D 343 -15.08 32.60 29.67
C ALA D 343 -15.04 33.69 30.73
N ILE D 344 -13.88 34.32 30.91
CA ILE D 344 -13.72 35.41 31.87
C ILE D 344 -14.58 36.62 31.47
N TYR D 345 -14.57 36.99 30.18
CA TYR D 345 -15.41 38.11 29.72
C TYR D 345 -16.90 37.85 30.04
N SER D 346 -17.35 36.63 29.75
CA SER D 346 -18.71 36.20 30.06
C SER D 346 -19.01 36.23 31.56
N LEU D 347 -18.05 35.75 32.35
CA LEU D 347 -18.15 35.78 33.82
C LEU D 347 -18.26 37.22 34.35
N LEU D 348 -17.48 38.13 33.77
CA LEU D 348 -17.53 39.55 34.16
C LEU D 348 -18.86 40.20 33.79
N MET D 349 -19.39 39.82 32.64
CA MET D 349 -20.70 40.28 32.22
C MET D 349 -21.79 39.78 33.17
N LEU D 350 -21.67 38.53 33.58
CA LEU D 350 -22.59 37.91 34.53
C LEU D 350 -22.54 38.62 35.89
N GLU D 351 -21.35 38.83 36.42
CA GLU D 351 -21.14 39.50 37.73
C GLU D 351 -21.66 40.93 37.78
N HIS D 352 -21.32 41.69 36.76
CA HIS D 352 -21.53 43.13 36.77
C HIS D 352 -22.78 43.56 36.02
N GLY D 353 -23.49 42.59 35.46
CA GLY D 353 -24.80 42.81 34.86
C GLY D 353 -24.78 43.70 33.65
N PHE D 354 -24.09 43.27 32.60
CA PHE D 354 -24.06 44.02 31.35
C PHE D 354 -23.69 43.12 30.19
N ILE D 355 -23.99 43.59 28.98
CA ILE D 355 -23.58 42.90 27.76
C ILE D 355 -22.60 43.76 26.97
N ALA D 356 -21.42 43.21 26.72
CA ALA D 356 -20.39 43.85 25.93
C ALA D 356 -20.83 43.92 24.46
N PRO D 357 -20.52 45.04 23.77
CA PRO D 357 -20.97 45.19 22.40
C PRO D 357 -20.17 44.38 21.39
N SER D 358 -20.82 44.05 20.28
CA SER D 358 -20.17 43.43 19.13
C SER D 358 -19.86 44.61 18.20
N ILE D 359 -18.60 45.07 18.24
CA ILE D 359 -18.22 46.31 17.54
C ILE D 359 -17.87 46.10 16.06
N ASN D 360 -17.71 47.22 15.35
CA ASN D 360 -17.32 47.26 13.93
C ASN D 360 -18.31 46.65 12.93
N ILE D 361 -19.58 46.55 13.30
CA ILE D 361 -20.60 46.11 12.35
C ILE D 361 -21.18 47.33 11.63
N GLU D 362 -20.49 47.75 10.58
CA GLU D 362 -20.96 48.89 9.78
C GLU D 362 -22.11 48.42 8.87
N GLU D 363 -22.02 47.18 8.40
CA GLU D 363 -23.09 46.56 7.61
C GLU D 363 -23.27 45.09 8.03
N LEU D 364 -24.43 44.76 8.58
CA LEU D 364 -24.67 43.43 9.17
C LEU D 364 -24.87 42.38 8.08
N ASP D 365 -24.18 41.24 8.19
CA ASP D 365 -24.28 40.17 7.19
C ASP D 365 -25.70 39.63 7.09
N GLU D 366 -26.16 39.40 5.85
CA GLU D 366 -27.52 38.94 5.60
C GLU D 366 -27.86 37.68 6.43
N GLN D 367 -26.89 36.80 6.59
CA GLN D 367 -27.07 35.57 7.36
C GLN D 367 -27.02 35.78 8.88
N ALA D 368 -26.93 37.03 9.34
CA ALA D 368 -27.03 37.35 10.77
C ALA D 368 -28.37 37.98 11.12
N ALA D 369 -29.25 38.09 10.12
CA ALA D 369 -30.53 38.79 10.27
C ALA D 369 -31.47 38.07 11.22
N GLY D 370 -32.21 38.84 12.02
CA GLY D 370 -33.22 38.28 12.91
C GLY D 370 -32.64 37.72 14.19
N LEU D 371 -31.39 38.09 14.50
CA LEU D 371 -30.77 37.69 15.76
C LEU D 371 -30.40 38.96 16.50
N ASN D 372 -30.44 38.90 17.83
CA ASN D 372 -30.05 40.03 18.65
C ASN D 372 -28.53 40.07 18.80
N ILE D 373 -27.84 40.57 17.77
CA ILE D 373 -26.42 40.87 17.87
C ILE D 373 -26.28 42.20 18.57
N VAL D 374 -25.88 42.17 19.84
CA VAL D 374 -25.80 43.38 20.65
C VAL D 374 -24.63 44.26 20.20
N THR D 375 -24.92 45.50 19.81
CA THR D 375 -23.90 46.41 19.27
C THR D 375 -23.61 47.62 20.16
N GLU D 376 -24.37 47.77 21.24
CA GLU D 376 -24.05 48.78 22.25
C GLU D 376 -24.00 48.10 23.60
N THR D 377 -23.10 48.57 24.46
CA THR D 377 -23.06 48.13 25.84
C THR D 377 -24.46 48.31 26.44
N THR D 378 -25.00 47.25 27.04
CA THR D 378 -26.31 47.33 27.67
C THR D 378 -26.30 46.66 29.04
N ASP D 379 -26.69 47.42 30.05
CA ASP D 379 -26.85 46.91 31.39
C ASP D 379 -28.05 45.99 31.42
N ARG D 380 -27.87 44.83 32.02
CA ARG D 380 -28.90 43.82 32.10
C ARG D 380 -28.53 42.77 33.12
N GLU D 381 -29.48 42.37 33.95
CA GLU D 381 -29.28 41.26 34.87
C GLU D 381 -29.29 39.95 34.09
N LEU D 382 -28.19 39.23 34.15
CA LEU D 382 -28.06 37.94 33.49
C LEU D 382 -27.98 36.86 34.55
N THR D 383 -28.42 35.66 34.18
CA THR D 383 -28.40 34.51 35.09
C THR D 383 -27.57 33.36 34.51
N THR D 384 -27.76 33.07 33.22
CA THR D 384 -27.06 31.97 32.55
C THR D 384 -26.38 32.45 31.26
N VAL D 385 -25.08 32.17 31.13
CA VAL D 385 -24.33 32.56 29.92
C VAL D 385 -23.68 31.35 29.26
N MET D 386 -23.48 31.44 27.94
CA MET D 386 -22.86 30.39 27.14
C MET D 386 -21.68 30.97 26.36
N SER D 387 -20.59 30.19 26.25
CA SER D 387 -19.41 30.59 25.51
C SER D 387 -18.94 29.47 24.59
N ASN D 388 -18.87 29.75 23.29
CA ASN D 388 -18.47 28.78 22.28
C ASN D 388 -17.02 28.94 21.86
N SER D 389 -16.33 27.82 21.70
CA SER D 389 -14.96 27.79 21.20
C SER D 389 -14.81 26.63 20.23
N PHE D 390 -14.62 26.94 18.96
CA PHE D 390 -14.45 25.93 17.90
C PHE D 390 -13.10 26.12 17.27
N GLY D 391 -12.31 25.04 17.16
CA GLY D 391 -10.97 25.13 16.60
C GLY D 391 -10.77 24.35 15.31
N PHE D 392 -9.68 24.67 14.61
CA PHE D 392 -9.26 23.89 13.44
C PHE D 392 -9.13 22.42 13.84
N GLY D 393 -9.40 21.53 12.89
CA GLY D 393 -9.45 20.10 13.15
C GLY D 393 -10.84 19.61 13.54
N GLY D 394 -11.82 20.52 13.49
CA GLY D 394 -13.22 20.15 13.75
C GLY D 394 -13.47 19.88 15.21
N THR D 395 -12.78 20.62 16.07
CA THR D 395 -12.84 20.40 17.52
C THR D 395 -13.65 21.52 18.18
N ASN D 396 -14.68 21.13 18.92
CA ASN D 396 -15.64 22.08 19.50
C ASN D 396 -15.70 21.97 21.01
N ALA D 397 -15.82 23.13 21.67
CA ALA D 397 -16.11 23.22 23.09
C ALA D 397 -17.19 24.28 23.36
N THR D 398 -18.09 24.00 24.31
CA THR D 398 -19.06 24.99 24.77
C THR D 398 -19.13 24.96 26.30
N LEU D 399 -19.14 26.13 26.92
CA LEU D 399 -19.27 26.23 28.37
C LEU D 399 -20.52 27.03 28.71
N VAL D 400 -21.27 26.53 29.70
CA VAL D 400 -22.43 27.23 30.22
C VAL D 400 -22.21 27.50 31.70
N MET D 401 -22.41 28.76 32.08
CA MET D 401 -22.15 29.23 33.43
C MET D 401 -23.40 29.92 33.95
N ARG D 402 -23.77 29.60 35.19
CA ARG D 402 -24.97 30.15 35.82
C ARG D 402 -24.68 30.63 37.22
N LYS D 403 -25.33 31.74 37.59
CA LYS D 403 -25.32 32.23 38.97
C LYS D 403 -25.85 31.18 39.93
N LEU D 404 -25.30 31.12 41.13
CA LEU D 404 -25.76 30.14 42.12
C LEU D 404 -27.10 30.55 42.72
O1 TL5 E . 12.70 -22.68 -11.99
C1 TL5 E . 12.90 -23.86 -11.76
C2 TL5 E . 12.84 -24.39 -10.55
C9 TL5 E . 12.60 -23.56 -9.31
S1 TL5 E . 13.30 -24.91 -12.99
C4 TL5 E . 13.45 -26.27 -11.85
C3 TL5 E . 13.01 -25.71 -10.53
O2 TL5 E . 12.79 -26.46 -9.45
C10 TL5 E . 14.90 -26.74 -11.73
C5 TL5 E . 12.54 -27.40 -12.28
C6 TL5 E . 12.61 -28.06 -13.46
C11 TL5 E . 13.61 -27.78 -14.54
C7 TL5 E . 11.63 -29.15 -13.66
C8 TL5 E . 11.66 -29.93 -14.74
C12 TL5 E . 10.67 -31.05 -14.88
O1 TL5 F . -12.92 -14.39 -30.96
C1 TL5 F . -12.93 -13.24 -31.35
C2 TL5 F . -13.90 -12.38 -31.06
C9 TL5 F . -15.04 -12.72 -30.14
S1 TL5 F . -11.70 -12.63 -32.30
C4 TL5 F . -12.56 -11.11 -32.55
C3 TL5 F . -13.77 -11.20 -31.65
O2 TL5 F . -14.59 -10.17 -31.48
C10 TL5 F . -13.00 -10.94 -34.01
C5 TL5 F . -11.70 -9.95 -32.07
C6 TL5 F . -10.52 -9.57 -32.58
C11 TL5 F . -9.84 -10.22 -33.76
C7 TL5 F . -9.90 -8.40 -31.93
C8 TL5 F . -8.73 -7.88 -32.36
C12 TL5 F . -8.18 -6.68 -31.66
O1 TL5 G . -10.66 29.87 14.96
C1 TL5 G . -11.29 29.41 14.02
C2 TL5 G . -11.29 29.97 12.81
C9 TL5 G . -10.58 31.26 12.53
S1 TL5 G . -12.19 28.02 14.18
C4 TL5 G . -12.82 28.17 12.54
C3 TL5 G . -11.99 29.27 11.92
O2 TL5 G . -11.99 29.51 10.62
C10 TL5 G . -14.30 28.55 12.49
C5 TL5 G . -12.56 26.85 11.82
C6 TL5 G . -13.05 25.66 12.21
C11 TL5 G . -13.96 25.47 13.40
C7 TL5 G . -12.69 24.50 11.39
C8 TL5 G . -13.14 23.27 11.67
C12 TL5 G . -12.76 22.12 10.78
#